data_6UKK
# 
_entry.id   6UKK 
# 
_audit_conform.dict_name       mmcif_pdbx.dic 
_audit_conform.dict_version    5.380 
_audit_conform.dict_location   http://mmcif.pdb.org/dictionaries/ascii/mmcif_pdbx.dic 
# 
loop_
_database_2.database_id 
_database_2.database_code 
_database_2.pdbx_database_accession 
_database_2.pdbx_DOI 
PDB   6UKK         pdb_00006ukk 10.2210/pdb6ukk/pdb 
WWPDB D_1000244699 ?            ?                   
# 
_pdbx_database_status.status_code                     REL 
_pdbx_database_status.status_code_sf                  REL 
_pdbx_database_status.status_code_mr                  ? 
_pdbx_database_status.entry_id                        6UKK 
_pdbx_database_status.recvd_initial_deposition_date   2019-10-05 
_pdbx_database_status.SG_entry                        N 
_pdbx_database_status.deposit_site                    RCSB 
_pdbx_database_status.process_site                    RCSB 
_pdbx_database_status.status_code_cs                  ? 
_pdbx_database_status.methods_development_category    ? 
_pdbx_database_status.pdb_format_compatible           Y 
_pdbx_database_status.status_code_nmr_data            ? 
# 
loop_
_audit_author.name 
_audit_author.pdbx_ordinal 
_audit_author.identifier_ORCID 
'Bozhanova, N.G.' 1 0000-0002-2164-5698 
'Meiler, J.'      2 0000-0001-8945-193X 
# 
_citation.abstract                  ? 
_citation.abstract_id_CAS           ? 
_citation.book_id_ISBN              ? 
_citation.book_publisher            ? 
_citation.book_publisher_city       ? 
_citation.book_title                ? 
_citation.coordinate_linkage        ? 
_citation.country                   UK 
_citation.database_id_Medline       ? 
_citation.details                   ? 
_citation.id                        primary 
_citation.journal_abbrev            'Sci Rep' 
_citation.journal_id_ASTM           ? 
_citation.journal_id_CSD            ? 
_citation.journal_id_ISSN           2045-2322 
_citation.journal_full              ? 
_citation.journal_issue             ? 
_citation.journal_volume            10 
_citation.language                  ? 
_citation.page_first                11049 
_citation.page_last                 11049 
_citation.title                     'DiB-splits: nature-guided design of a novel fluorescent labeling split system.' 
_citation.year                      2020 
_citation.database_id_CSD           ? 
_citation.pdbx_database_id_DOI      10.1038/s41598-020-67095-2 
_citation.pdbx_database_id_PubMed   32632329 
_citation.unpublished_flag          ? 
# 
loop_
_citation_author.citation_id 
_citation_author.name 
_citation_author.ordinal 
_citation_author.identifier_ORCID 
primary 'Bozhanova, N.G.' 1 ? 
primary 'Gavrikov, A.S.'  2 ? 
primary 'Mishin, A.S.'    3 ? 
primary 'Meiler, J.'      4 ? 
# 
_cell.angle_alpha                  90.000 
_cell.angle_alpha_esd              ? 
_cell.angle_beta                   113.210 
_cell.angle_beta_esd               ? 
_cell.angle_gamma                  90.000 
_cell.angle_gamma_esd              ? 
_cell.entry_id                     6UKK 
_cell.details                      ? 
_cell.formula_units_Z              ? 
_cell.length_a                     89.618 
_cell.length_a_esd                 ? 
_cell.length_b                     38.993 
_cell.length_b_esd                 ? 
_cell.length_c                     51.837 
_cell.length_c_esd                 ? 
_cell.volume                       ? 
_cell.volume_esd                   ? 
_cell.Z_PDB                        4 
_cell.reciprocal_angle_alpha       ? 
_cell.reciprocal_angle_beta        ? 
_cell.reciprocal_angle_gamma       ? 
_cell.reciprocal_angle_alpha_esd   ? 
_cell.reciprocal_angle_beta_esd    ? 
_cell.reciprocal_angle_gamma_esd   ? 
_cell.reciprocal_length_a          ? 
_cell.reciprocal_length_b          ? 
_cell.reciprocal_length_c          ? 
_cell.reciprocal_length_a_esd      ? 
_cell.reciprocal_length_b_esd      ? 
_cell.reciprocal_length_c_esd      ? 
_cell.pdbx_unique_axis             ? 
# 
_symmetry.entry_id                         6UKK 
_symmetry.cell_setting                     ? 
_symmetry.Int_Tables_number                5 
_symmetry.space_group_name_Hall            ? 
_symmetry.space_group_name_H-M             'C 1 2 1' 
_symmetry.pdbx_full_space_group_name_H-M   ? 
# 
loop_
_entity.id 
_entity.type 
_entity.src_method 
_entity.pdbx_description 
_entity.formula_weight 
_entity.pdbx_number_of_molecules 
_entity.pdbx_ec 
_entity.pdbx_mutation 
_entity.pdbx_fragment 
_entity.details 
1 polymer     man 'Outer membrane lipoprotein Blc' 20227.615 1  ? ? 'V74F, L141Q' ? 
2 non-polymer syn 'SODIUM ION'                     22.990    1  ? ? ?             ? 
3 water       nat water                            18.015    81 ? ? ?             ? 
# 
_entity_poly.entity_id                      1 
_entity_poly.type                           'polypeptide(L)' 
_entity_poly.nstd_linkage                   no 
_entity_poly.nstd_monomer                   no 
_entity_poly.pdbx_seq_one_letter_code       
;MGGSHHHHHHLESTSLYKKSSSTPPRGVTVVNNFDAKRYLGTWYEIARFDHRFERGLEKVTATYSLRDDGGLNFINKGYN
PDRGMWQQSEGKAYFTGAPTRAALKVSFFGPFYGGYNVIALDREYRHALVCGPDRDYLWIQSRTPTISDEVKQEMLAVAT
REGFDVSKFIWVQQPGS
;
_entity_poly.pdbx_seq_one_letter_code_can   
;MGGSHHHHHHLESTSLYKKSSSTPPRGVTVVNNFDAKRYLGTWYEIARFDHRFERGLEKVTATYSLRDDGGLNFINKGYN
PDRGMWQQSEGKAYFTGAPTRAALKVSFFGPFYGGYNVIALDREYRHALVCGPDRDYLWIQSRTPTISDEVKQEMLAVAT
REGFDVSKFIWVQQPGS
;
_entity_poly.pdbx_strand_id                 A 
_entity_poly.pdbx_target_identifier         ? 
# 
loop_
_entity_poly_seq.entity_id 
_entity_poly_seq.num 
_entity_poly_seq.mon_id 
_entity_poly_seq.hetero 
1 1   MET n 
1 2   GLY n 
1 3   GLY n 
1 4   SER n 
1 5   HIS n 
1 6   HIS n 
1 7   HIS n 
1 8   HIS n 
1 9   HIS n 
1 10  HIS n 
1 11  LEU n 
1 12  GLU n 
1 13  SER n 
1 14  THR n 
1 15  SER n 
1 16  LEU n 
1 17  TYR n 
1 18  LYS n 
1 19  LYS n 
1 20  SER n 
1 21  SER n 
1 22  SER n 
1 23  THR n 
1 24  PRO n 
1 25  PRO n 
1 26  ARG n 
1 27  GLY n 
1 28  VAL n 
1 29  THR n 
1 30  VAL n 
1 31  VAL n 
1 32  ASN n 
1 33  ASN n 
1 34  PHE n 
1 35  ASP n 
1 36  ALA n 
1 37  LYS n 
1 38  ARG n 
1 39  TYR n 
1 40  LEU n 
1 41  GLY n 
1 42  THR n 
1 43  TRP n 
1 44  TYR n 
1 45  GLU n 
1 46  ILE n 
1 47  ALA n 
1 48  ARG n 
1 49  PHE n 
1 50  ASP n 
1 51  HIS n 
1 52  ARG n 
1 53  PHE n 
1 54  GLU n 
1 55  ARG n 
1 56  GLY n 
1 57  LEU n 
1 58  GLU n 
1 59  LYS n 
1 60  VAL n 
1 61  THR n 
1 62  ALA n 
1 63  THR n 
1 64  TYR n 
1 65  SER n 
1 66  LEU n 
1 67  ARG n 
1 68  ASP n 
1 69  ASP n 
1 70  GLY n 
1 71  GLY n 
1 72  LEU n 
1 73  ASN n 
1 74  PHE n 
1 75  ILE n 
1 76  ASN n 
1 77  LYS n 
1 78  GLY n 
1 79  TYR n 
1 80  ASN n 
1 81  PRO n 
1 82  ASP n 
1 83  ARG n 
1 84  GLY n 
1 85  MET n 
1 86  TRP n 
1 87  GLN n 
1 88  GLN n 
1 89  SER n 
1 90  GLU n 
1 91  GLY n 
1 92  LYS n 
1 93  ALA n 
1 94  TYR n 
1 95  PHE n 
1 96  THR n 
1 97  GLY n 
1 98  ALA n 
1 99  PRO n 
1 100 THR n 
1 101 ARG n 
1 102 ALA n 
1 103 ALA n 
1 104 LEU n 
1 105 LYS n 
1 106 VAL n 
1 107 SER n 
1 108 PHE n 
1 109 PHE n 
1 110 GLY n 
1 111 PRO n 
1 112 PHE n 
1 113 TYR n 
1 114 GLY n 
1 115 GLY n 
1 116 TYR n 
1 117 ASN n 
1 118 VAL n 
1 119 ILE n 
1 120 ALA n 
1 121 LEU n 
1 122 ASP n 
1 123 ARG n 
1 124 GLU n 
1 125 TYR n 
1 126 ARG n 
1 127 HIS n 
1 128 ALA n 
1 129 LEU n 
1 130 VAL n 
1 131 CYS n 
1 132 GLY n 
1 133 PRO n 
1 134 ASP n 
1 135 ARG n 
1 136 ASP n 
1 137 TYR n 
1 138 LEU n 
1 139 TRP n 
1 140 ILE n 
1 141 GLN n 
1 142 SER n 
1 143 ARG n 
1 144 THR n 
1 145 PRO n 
1 146 THR n 
1 147 ILE n 
1 148 SER n 
1 149 ASP n 
1 150 GLU n 
1 151 VAL n 
1 152 LYS n 
1 153 GLN n 
1 154 GLU n 
1 155 MET n 
1 156 LEU n 
1 157 ALA n 
1 158 VAL n 
1 159 ALA n 
1 160 THR n 
1 161 ARG n 
1 162 GLU n 
1 163 GLY n 
1 164 PHE n 
1 165 ASP n 
1 166 VAL n 
1 167 SER n 
1 168 LYS n 
1 169 PHE n 
1 170 ILE n 
1 171 TRP n 
1 172 VAL n 
1 173 GLN n 
1 174 GLN n 
1 175 PRO n 
1 176 GLY n 
1 177 SER n 
# 
_entity_src_gen.entity_id                          1 
_entity_src_gen.pdbx_src_id                        1 
_entity_src_gen.pdbx_alt_source_flag               sample 
_entity_src_gen.pdbx_seq_type                      'Biological sequence' 
_entity_src_gen.pdbx_beg_seq_num                   1 
_entity_src_gen.pdbx_end_seq_num                   177 
_entity_src_gen.gene_src_common_name               ? 
_entity_src_gen.gene_src_genus                     ? 
_entity_src_gen.pdbx_gene_src_gene                 'blc, Z5756, ECs5130' 
_entity_src_gen.gene_src_species                   ? 
_entity_src_gen.gene_src_strain                    ? 
_entity_src_gen.gene_src_tissue                    ? 
_entity_src_gen.gene_src_tissue_fraction           ? 
_entity_src_gen.gene_src_details                   ? 
_entity_src_gen.pdbx_gene_src_fragment             ? 
_entity_src_gen.pdbx_gene_src_scientific_name      'Escherichia coli' 
_entity_src_gen.pdbx_gene_src_ncbi_taxonomy_id     562 
_entity_src_gen.pdbx_gene_src_variant              ? 
_entity_src_gen.pdbx_gene_src_cell_line            ? 
_entity_src_gen.pdbx_gene_src_atcc                 ? 
_entity_src_gen.pdbx_gene_src_organ                ? 
_entity_src_gen.pdbx_gene_src_organelle            ? 
_entity_src_gen.pdbx_gene_src_cell                 ? 
_entity_src_gen.pdbx_gene_src_cellular_location    ? 
_entity_src_gen.host_org_common_name               ? 
_entity_src_gen.pdbx_host_org_scientific_name      'Escherichia coli BL21(DE3)' 
_entity_src_gen.pdbx_host_org_ncbi_taxonomy_id     469008 
_entity_src_gen.host_org_genus                     ? 
_entity_src_gen.pdbx_host_org_gene                 ? 
_entity_src_gen.pdbx_host_org_organ                ? 
_entity_src_gen.host_org_species                   ? 
_entity_src_gen.pdbx_host_org_tissue               ? 
_entity_src_gen.pdbx_host_org_tissue_fraction      ? 
_entity_src_gen.pdbx_host_org_strain               'XJb(DE3) Autolysis' 
_entity_src_gen.pdbx_host_org_variant              ? 
_entity_src_gen.pdbx_host_org_cell_line            ? 
_entity_src_gen.pdbx_host_org_atcc                 ? 
_entity_src_gen.pdbx_host_org_culture_collection   ? 
_entity_src_gen.pdbx_host_org_cell                 ? 
_entity_src_gen.pdbx_host_org_organelle            ? 
_entity_src_gen.pdbx_host_org_cellular_location    ? 
_entity_src_gen.pdbx_host_org_vector_type          plasmid 
_entity_src_gen.pdbx_host_org_vector               ? 
_entity_src_gen.host_org_details                   ? 
_entity_src_gen.expression_system_id               ? 
_entity_src_gen.plasmid_name                       pBad 
_entity_src_gen.plasmid_details                    ? 
_entity_src_gen.pdbx_description                   ? 
# 
_struct_ref.id                         1 
_struct_ref.db_name                    UNP 
_struct_ref.db_code                    BLC_ECO57 
_struct_ref.pdbx_db_accession          P0A902 
_struct_ref.pdbx_db_isoform            ? 
_struct_ref.entity_id                  1 
_struct_ref.pdbx_seq_one_letter_code   
;TPPRGVTVVNNFDAKRYLGTWYEIARFDHRFERGLEKVTATYSLRDDGGLNVINKGYNPDRGMWQQSEGKAYFTGAPTRA
ALKVSFFGPFYGGYNVIALDREYRHALVCGPDRDYLWILSRTPTISDEVKQEMLAVATREGFDVSKFIWVQQPGS
;
_struct_ref.pdbx_align_begin           23 
# 
_struct_ref_seq.align_id                      1 
_struct_ref_seq.ref_id                        1 
_struct_ref_seq.pdbx_PDB_id_code              6UKK 
_struct_ref_seq.pdbx_strand_id                A 
_struct_ref_seq.seq_align_beg                 23 
_struct_ref_seq.pdbx_seq_align_beg_ins_code   ? 
_struct_ref_seq.seq_align_end                 177 
_struct_ref_seq.pdbx_seq_align_end_ins_code   ? 
_struct_ref_seq.pdbx_db_accession             P0A902 
_struct_ref_seq.db_align_beg                  23 
_struct_ref_seq.pdbx_db_align_beg_ins_code    ? 
_struct_ref_seq.db_align_end                  177 
_struct_ref_seq.pdbx_db_align_end_ins_code    ? 
_struct_ref_seq.pdbx_auth_seq_align_beg       23 
_struct_ref_seq.pdbx_auth_seq_align_end       177 
# 
loop_
_struct_ref_seq_dif.align_id 
_struct_ref_seq_dif.pdbx_pdb_id_code 
_struct_ref_seq_dif.mon_id 
_struct_ref_seq_dif.pdbx_pdb_strand_id 
_struct_ref_seq_dif.seq_num 
_struct_ref_seq_dif.pdbx_pdb_ins_code 
_struct_ref_seq_dif.pdbx_seq_db_name 
_struct_ref_seq_dif.pdbx_seq_db_accession_code 
_struct_ref_seq_dif.db_mon_id 
_struct_ref_seq_dif.pdbx_seq_db_seq_num 
_struct_ref_seq_dif.details 
_struct_ref_seq_dif.pdbx_auth_seq_num 
_struct_ref_seq_dif.pdbx_ordinal 
1 6UKK MET A 1   ? UNP P0A902 ?   ?   'expression tag'      1   1  
1 6UKK GLY A 2   ? UNP P0A902 ?   ?   'expression tag'      2   2  
1 6UKK GLY A 3   ? UNP P0A902 ?   ?   'expression tag'      3   3  
1 6UKK SER A 4   ? UNP P0A902 ?   ?   'expression tag'      4   4  
1 6UKK HIS A 5   ? UNP P0A902 ?   ?   'expression tag'      5   5  
1 6UKK HIS A 6   ? UNP P0A902 ?   ?   'expression tag'      6   6  
1 6UKK HIS A 7   ? UNP P0A902 ?   ?   'expression tag'      7   7  
1 6UKK HIS A 8   ? UNP P0A902 ?   ?   'expression tag'      8   8  
1 6UKK HIS A 9   ? UNP P0A902 ?   ?   'expression tag'      9   9  
1 6UKK HIS A 10  ? UNP P0A902 ?   ?   'expression tag'      10  10 
1 6UKK LEU A 11  ? UNP P0A902 ?   ?   'expression tag'      11  11 
1 6UKK GLU A 12  ? UNP P0A902 ?   ?   'expression tag'      12  12 
1 6UKK SER A 13  ? UNP P0A902 ?   ?   'expression tag'      13  13 
1 6UKK THR A 14  ? UNP P0A902 ?   ?   'expression tag'      14  14 
1 6UKK SER A 15  ? UNP P0A902 ?   ?   'expression tag'      15  15 
1 6UKK LEU A 16  ? UNP P0A902 ?   ?   'expression tag'      16  16 
1 6UKK TYR A 17  ? UNP P0A902 ?   ?   'expression tag'      17  17 
1 6UKK LYS A 18  ? UNP P0A902 ?   ?   'expression tag'      18  18 
1 6UKK LYS A 19  ? UNP P0A902 ?   ?   'expression tag'      19  19 
1 6UKK SER A 20  ? UNP P0A902 ?   ?   'expression tag'      20  20 
1 6UKK SER A 21  ? UNP P0A902 ?   ?   'expression tag'      21  21 
1 6UKK SER A 22  ? UNP P0A902 ?   ?   'expression tag'      22  22 
1 6UKK PHE A 74  ? UNP P0A902 VAL 74  'engineered mutation' 74  23 
1 6UKK GLN A 141 ? UNP P0A902 LEU 141 'engineered mutation' 141 24 
# 
loop_
_chem_comp.id 
_chem_comp.type 
_chem_comp.mon_nstd_flag 
_chem_comp.name 
_chem_comp.pdbx_synonyms 
_chem_comp.formula 
_chem_comp.formula_weight 
ALA 'L-peptide linking' y ALANINE         ? 'C3 H7 N O2'     89.093  
ARG 'L-peptide linking' y ARGININE        ? 'C6 H15 N4 O2 1' 175.209 
ASN 'L-peptide linking' y ASPARAGINE      ? 'C4 H8 N2 O3'    132.118 
ASP 'L-peptide linking' y 'ASPARTIC ACID' ? 'C4 H7 N O4'     133.103 
CYS 'L-peptide linking' y CYSTEINE        ? 'C3 H7 N O2 S'   121.158 
GLN 'L-peptide linking' y GLUTAMINE       ? 'C5 H10 N2 O3'   146.144 
GLU 'L-peptide linking' y 'GLUTAMIC ACID' ? 'C5 H9 N O4'     147.129 
GLY 'peptide linking'   y GLYCINE         ? 'C2 H5 N O2'     75.067  
HIS 'L-peptide linking' y HISTIDINE       ? 'C6 H10 N3 O2 1' 156.162 
HOH non-polymer         . WATER           ? 'H2 O'           18.015  
ILE 'L-peptide linking' y ISOLEUCINE      ? 'C6 H13 N O2'    131.173 
LEU 'L-peptide linking' y LEUCINE         ? 'C6 H13 N O2'    131.173 
LYS 'L-peptide linking' y LYSINE          ? 'C6 H15 N2 O2 1' 147.195 
MET 'L-peptide linking' y METHIONINE      ? 'C5 H11 N O2 S'  149.211 
NA  non-polymer         . 'SODIUM ION'    ? 'Na 1'           22.990  
PHE 'L-peptide linking' y PHENYLALANINE   ? 'C9 H11 N O2'    165.189 
PRO 'L-peptide linking' y PROLINE         ? 'C5 H9 N O2'     115.130 
SER 'L-peptide linking' y SERINE          ? 'C3 H7 N O3'     105.093 
THR 'L-peptide linking' y THREONINE       ? 'C4 H9 N O3'     119.119 
TRP 'L-peptide linking' y TRYPTOPHAN      ? 'C11 H12 N2 O2'  204.225 
TYR 'L-peptide linking' y TYROSINE        ? 'C9 H11 N O3'    181.189 
VAL 'L-peptide linking' y VALINE          ? 'C5 H11 N O2'    117.146 
# 
_exptl.absorpt_coefficient_mu     ? 
_exptl.absorpt_correction_T_max   ? 
_exptl.absorpt_correction_T_min   ? 
_exptl.absorpt_correction_type    ? 
_exptl.absorpt_process_details    ? 
_exptl.entry_id                   6UKK 
_exptl.crystals_number            1 
_exptl.details                    ? 
_exptl.method                     'X-RAY DIFFRACTION' 
_exptl.method_details             ? 
# 
_exptl_crystal.colour                      ? 
_exptl_crystal.density_diffrn              ? 
_exptl_crystal.density_Matthews            2.06 
_exptl_crystal.density_method              ? 
_exptl_crystal.density_percent_sol         40.22 
_exptl_crystal.description                 ? 
_exptl_crystal.F_000                       ? 
_exptl_crystal.id                          1 
_exptl_crystal.preparation                 ? 
_exptl_crystal.size_max                    ? 
_exptl_crystal.size_mid                    ? 
_exptl_crystal.size_min                    ? 
_exptl_crystal.size_rad                    ? 
_exptl_crystal.colour_lustre               ? 
_exptl_crystal.colour_modifier             ? 
_exptl_crystal.colour_primary              ? 
_exptl_crystal.density_meas                ? 
_exptl_crystal.density_meas_esd            ? 
_exptl_crystal.density_meas_gt             ? 
_exptl_crystal.density_meas_lt             ? 
_exptl_crystal.density_meas_temp           ? 
_exptl_crystal.density_meas_temp_esd       ? 
_exptl_crystal.density_meas_temp_gt        ? 
_exptl_crystal.density_meas_temp_lt        ? 
_exptl_crystal.pdbx_crystal_image_url      ? 
_exptl_crystal.pdbx_crystal_image_format   ? 
_exptl_crystal.pdbx_mosaicity              ? 
_exptl_crystal.pdbx_mosaicity_esd          ? 
# 
_exptl_crystal_grow.apparatus       ? 
_exptl_crystal_grow.atmosphere      ? 
_exptl_crystal_grow.crystal_id      1 
_exptl_crystal_grow.details         ? 
_exptl_crystal_grow.method          'VAPOR DIFFUSION, HANGING DROP' 
_exptl_crystal_grow.method_ref      ? 
_exptl_crystal_grow.pH              3.5 
_exptl_crystal_grow.pressure        ? 
_exptl_crystal_grow.pressure_esd    ? 
_exptl_crystal_grow.seeding         ? 
_exptl_crystal_grow.seeding_ref     ? 
_exptl_crystal_grow.temp            294 
_exptl_crystal_grow.temp_details    ? 
_exptl_crystal_grow.temp_esd        ? 
_exptl_crystal_grow.time            ? 
_exptl_crystal_grow.pdbx_details    '0.8 M sodium citrate, 50 mM sodium borate, 0.1 sodium acetate, pH 3.5' 
_exptl_crystal_grow.pdbx_pH_range   ? 
# 
_diffrn.ambient_environment              ? 
_diffrn.ambient_temp                     100 
_diffrn.ambient_temp_details             ? 
_diffrn.ambient_temp_esd                 ? 
_diffrn.crystal_id                       1 
_diffrn.crystal_support                  ? 
_diffrn.crystal_treatment                ? 
_diffrn.details                          ? 
_diffrn.id                               1 
_diffrn.ambient_pressure                 ? 
_diffrn.ambient_pressure_esd             ? 
_diffrn.ambient_pressure_gt              ? 
_diffrn.ambient_pressure_lt              ? 
_diffrn.ambient_temp_gt                  ? 
_diffrn.ambient_temp_lt                  ? 
_diffrn.pdbx_serial_crystal_experiment   N 
# 
_diffrn_detector.details                      ? 
_diffrn_detector.detector                     CCD 
_diffrn_detector.diffrn_id                    1 
_diffrn_detector.type                         'MARMOSAIC 300 mm CCD' 
_diffrn_detector.area_resol_mean              ? 
_diffrn_detector.dtime                        ? 
_diffrn_detector.pdbx_frames_total            ? 
_diffrn_detector.pdbx_collection_time_total   ? 
_diffrn_detector.pdbx_collection_date         2018-02-17 
_diffrn_detector.pdbx_frequency               ? 
# 
_diffrn_radiation.collimation                      ? 
_diffrn_radiation.diffrn_id                        1 
_diffrn_radiation.filter_edge                      ? 
_diffrn_radiation.inhomogeneity                    ? 
_diffrn_radiation.monochromator                    'diamond(111)' 
_diffrn_radiation.polarisn_norm                    ? 
_diffrn_radiation.polarisn_ratio                   ? 
_diffrn_radiation.probe                            ? 
_diffrn_radiation.type                             ? 
_diffrn_radiation.xray_symbol                      ? 
_diffrn_radiation.wavelength_id                    1 
_diffrn_radiation.pdbx_monochromatic_or_laue_m_l   M 
_diffrn_radiation.pdbx_wavelength_list             ? 
_diffrn_radiation.pdbx_wavelength                  ? 
_diffrn_radiation.pdbx_diffrn_protocol             'SINGLE WAVELENGTH' 
_diffrn_radiation.pdbx_analyzer                    ? 
_diffrn_radiation.pdbx_scattering_type             x-ray 
# 
_diffrn_radiation_wavelength.id           1 
_diffrn_radiation_wavelength.wavelength   0.97857 
_diffrn_radiation_wavelength.wt           1.0 
# 
_diffrn_source.current                     ? 
_diffrn_source.details                     ? 
_diffrn_source.diffrn_id                   1 
_diffrn_source.power                       ? 
_diffrn_source.size                        ? 
_diffrn_source.source                      SYNCHROTRON 
_diffrn_source.target                      ? 
_diffrn_source.type                        'APS BEAMLINE 21-ID-G' 
_diffrn_source.voltage                     ? 
_diffrn_source.take-off_angle              ? 
_diffrn_source.pdbx_wavelength_list        0.97857 
_diffrn_source.pdbx_wavelength             ? 
_diffrn_source.pdbx_synchrotron_beamline   21-ID-G 
_diffrn_source.pdbx_synchrotron_site       APS 
# 
_reflns.B_iso_Wilson_estimate            22.124 
_reflns.entry_id                         6UKK 
_reflns.data_reduction_details           ? 
_reflns.data_reduction_method            ? 
_reflns.d_resolution_high                1.600 
_reflns.d_resolution_low                 30.940 
_reflns.details                          ? 
_reflns.limit_h_max                      ? 
_reflns.limit_h_min                      ? 
_reflns.limit_k_max                      ? 
_reflns.limit_k_min                      ? 
_reflns.limit_l_max                      ? 
_reflns.limit_l_min                      ? 
_reflns.number_all                       ? 
_reflns.number_obs                       21731 
_reflns.observed_criterion               ? 
_reflns.observed_criterion_F_max         ? 
_reflns.observed_criterion_F_min         ? 
_reflns.observed_criterion_I_max         ? 
_reflns.observed_criterion_I_min         ? 
_reflns.observed_criterion_sigma_F       ? 
_reflns.observed_criterion_sigma_I       ? 
_reflns.percent_possible_obs             98.900 
_reflns.R_free_details                   ? 
_reflns.Rmerge_F_all                     ? 
_reflns.Rmerge_F_obs                     ? 
_reflns.Friedel_coverage                 ? 
_reflns.number_gt                        ? 
_reflns.threshold_expression             ? 
_reflns.pdbx_redundancy                  4.300 
_reflns.pdbx_Rmerge_I_obs                ? 
_reflns.pdbx_Rmerge_I_all                ? 
_reflns.pdbx_Rsym_value                  ? 
_reflns.pdbx_netI_over_av_sigmaI         ? 
_reflns.pdbx_netI_over_sigmaI            13.400 
_reflns.pdbx_res_netI_over_av_sigmaI_2   ? 
_reflns.pdbx_res_netI_over_sigmaI_2      ? 
_reflns.pdbx_chi_squared                 ? 
_reflns.pdbx_scaling_rejects             ? 
_reflns.pdbx_d_res_high_opt              ? 
_reflns.pdbx_d_res_low_opt               ? 
_reflns.pdbx_d_res_opt_method            ? 
_reflns.phase_calculation_details        ? 
_reflns.pdbx_Rrim_I_all                  0.046 
_reflns.pdbx_Rpim_I_all                  0.021 
_reflns.pdbx_d_opt                       ? 
_reflns.pdbx_number_measured_all         93957 
_reflns.pdbx_diffrn_id                   1 
_reflns.pdbx_ordinal                     1 
_reflns.pdbx_CC_half                     ? 
_reflns.pdbx_CC_star                     ? 
_reflns.pdbx_R_split                     ? 
# 
_reflns_shell.d_res_high                  1.600 
_reflns_shell.d_res_low                   1.630 
_reflns_shell.meanI_over_sigI_all         ? 
_reflns_shell.meanI_over_sigI_obs         1.800 
_reflns_shell.number_measured_all         ? 
_reflns_shell.number_measured_obs         ? 
_reflns_shell.number_possible             ? 
_reflns_shell.number_unique_all           ? 
_reflns_shell.number_unique_obs           1012 
_reflns_shell.percent_possible_all        90.200 
_reflns_shell.percent_possible_obs        ? 
_reflns_shell.Rmerge_F_all                ? 
_reflns_shell.Rmerge_F_obs                ? 
_reflns_shell.Rmerge_I_all                ? 
_reflns_shell.Rmerge_I_obs                ? 
_reflns_shell.meanI_over_sigI_gt          ? 
_reflns_shell.meanI_over_uI_all           ? 
_reflns_shell.meanI_over_uI_gt            ? 
_reflns_shell.number_measured_gt          ? 
_reflns_shell.number_unique_gt            ? 
_reflns_shell.percent_possible_gt         ? 
_reflns_shell.Rmerge_F_gt                 ? 
_reflns_shell.Rmerge_I_gt                 ? 
_reflns_shell.pdbx_redundancy             2.700 
_reflns_shell.pdbx_Rsym_value             ? 
_reflns_shell.pdbx_chi_squared            ? 
_reflns_shell.pdbx_netI_over_sigmaI_all   ? 
_reflns_shell.pdbx_netI_over_sigmaI_obs   ? 
_reflns_shell.pdbx_Rrim_I_all             0.517 
_reflns_shell.pdbx_Rpim_I_all             0.282 
_reflns_shell.pdbx_rejects                ? 
_reflns_shell.pdbx_ordinal                1 
_reflns_shell.pdbx_diffrn_id              1 
_reflns_shell.pdbx_CC_half                ? 
_reflns_shell.pdbx_CC_star                ? 
_reflns_shell.pdbx_R_split                ? 
# 
_refine.aniso_B[1][1]                            2.4000 
_refine.aniso_B[1][2]                            0.0000 
_refine.aniso_B[1][3]                            1.7800 
_refine.aniso_B[2][2]                            -1.9800 
_refine.aniso_B[2][3]                            -0.0000 
_refine.aniso_B[3][3]                            -1.4200 
_refine.B_iso_max                                107.830 
_refine.B_iso_mean                               33.2540 
_refine.B_iso_min                                20.260 
_refine.correlation_coeff_Fo_to_Fc               0.9710 
_refine.correlation_coeff_Fo_to_Fc_free          0.9670 
_refine.details                                  
'HYDROGENS HAVE BEEN ADDED IN THE RIDING POSITIONS U VALUES      : REFINED INDIVIDUALLY' 
_refine.diff_density_max                         ? 
_refine.diff_density_max_esd                     ? 
_refine.diff_density_min                         ? 
_refine.diff_density_min_esd                     ? 
_refine.diff_density_rms                         ? 
_refine.diff_density_rms_esd                     ? 
_refine.entry_id                                 6UKK 
_refine.pdbx_refine_id                           'X-RAY DIFFRACTION' 
_refine.ls_abs_structure_details                 ? 
_refine.ls_abs_structure_Flack                   ? 
_refine.ls_abs_structure_Flack_esd               ? 
_refine.ls_abs_structure_Rogers                  ? 
_refine.ls_abs_structure_Rogers_esd              ? 
_refine.ls_d_res_high                            1.6000 
_refine.ls_d_res_low                             30.9400 
_refine.ls_extinction_coef                       ? 
_refine.ls_extinction_coef_esd                   ? 
_refine.ls_extinction_expression                 ? 
_refine.ls_extinction_method                     ? 
_refine.ls_goodness_of_fit_all                   ? 
_refine.ls_goodness_of_fit_all_esd               ? 
_refine.ls_goodness_of_fit_obs                   ? 
_refine.ls_goodness_of_fit_obs_esd               ? 
_refine.ls_hydrogen_treatment                    ? 
_refine.ls_matrix_type                           ? 
_refine.ls_number_constraints                    ? 
_refine.ls_number_parameters                     ? 
_refine.ls_number_reflns_all                     ? 
_refine.ls_number_reflns_obs                     20645 
_refine.ls_number_reflns_R_free                  1048 
_refine.ls_number_reflns_R_work                  ? 
_refine.ls_number_restraints                     ? 
_refine.ls_percent_reflns_obs                    98.7300 
_refine.ls_percent_reflns_R_free                 4.8000 
_refine.ls_R_factor_all                          ? 
_refine.ls_R_factor_obs                          0.1847 
_refine.ls_R_factor_R_free                       0.1992 
_refine.ls_R_factor_R_free_error                 ? 
_refine.ls_R_factor_R_free_error_details         ? 
_refine.ls_R_factor_R_work                       0.1839 
_refine.ls_R_Fsqd_factor_obs                     ? 
_refine.ls_R_I_factor_obs                        ? 
_refine.ls_redundancy_reflns_all                 ? 
_refine.ls_redundancy_reflns_obs                 ? 
_refine.ls_restrained_S_all                      ? 
_refine.ls_restrained_S_obs                      ? 
_refine.ls_shift_over_esd_max                    ? 
_refine.ls_shift_over_esd_mean                   ? 
_refine.ls_structure_factor_coef                 ? 
_refine.ls_weighting_details                     ? 
_refine.ls_weighting_scheme                      ? 
_refine.ls_wR_factor_all                         ? 
_refine.ls_wR_factor_obs                         ? 
_refine.ls_wR_factor_R_free                      ? 
_refine.ls_wR_factor_R_work                      ? 
_refine.occupancy_max                            ? 
_refine.occupancy_min                            ? 
_refine.solvent_model_details                    MASK 
_refine.solvent_model_param_bsol                 ? 
_refine.solvent_model_param_ksol                 ? 
_refine.pdbx_R_complete                          ? 
_refine.ls_R_factor_gt                           ? 
_refine.ls_goodness_of_fit_gt                    ? 
_refine.ls_goodness_of_fit_ref                   ? 
_refine.ls_shift_over_su_max                     ? 
_refine.ls_shift_over_su_max_lt                  ? 
_refine.ls_shift_over_su_mean                    ? 
_refine.ls_shift_over_su_mean_lt                 ? 
_refine.pdbx_ls_sigma_I                          ? 
_refine.pdbx_ls_sigma_F                          0.000 
_refine.pdbx_ls_sigma_Fsqd                       ? 
_refine.pdbx_data_cutoff_high_absF               ? 
_refine.pdbx_data_cutoff_high_rms_absF           ? 
_refine.pdbx_data_cutoff_low_absF                ? 
_refine.pdbx_isotropic_thermal_model             ? 
_refine.pdbx_ls_cross_valid_method               THROUGHOUT 
_refine.pdbx_method_to_determine_struct          'MOLECULAR REPLACEMENT' 
_refine.pdbx_starting_model                      'PDB entry 1QWD' 
_refine.pdbx_stereochemistry_target_values       'MAXIMUM LIKELIHOOD' 
_refine.pdbx_R_Free_selection_details            RANDOM 
_refine.pdbx_stereochem_target_val_spec_case     ? 
_refine.pdbx_overall_ESU_R                       0.0900 
_refine.pdbx_overall_ESU_R_Free                  0.0830 
_refine.pdbx_solvent_vdw_probe_radii             1.2000 
_refine.pdbx_solvent_ion_probe_radii             0.8000 
_refine.pdbx_solvent_shrinkage_radii             0.8000 
_refine.pdbx_real_space_R                        ? 
_refine.pdbx_density_correlation                 ? 
_refine.pdbx_pd_number_of_powder_patterns        ? 
_refine.pdbx_pd_number_of_points                 ? 
_refine.pdbx_pd_meas_number_of_points            ? 
_refine.pdbx_pd_proc_ls_prof_R_factor            ? 
_refine.pdbx_pd_proc_ls_prof_wR_factor           ? 
_refine.pdbx_pd_Marquardt_correlation_coeff      ? 
_refine.pdbx_pd_Fsqrd_R_factor                   ? 
_refine.pdbx_pd_ls_matrix_band_width             ? 
_refine.pdbx_overall_phase_error                 ? 
_refine.pdbx_overall_SU_R_free_Cruickshank_DPI   ? 
_refine.pdbx_overall_SU_R_free_Blow_DPI          ? 
_refine.pdbx_overall_SU_R_Blow_DPI               ? 
_refine.pdbx_TLS_residual_ADP_flag               ? 
_refine.pdbx_diffrn_id                           1 
_refine.overall_SU_B                             ? 
_refine.overall_SU_ML                            ? 
_refine.overall_SU_R_Cruickshank_DPI             ? 
_refine.overall_SU_R_free                        ? 
_refine.overall_FOM_free_R_set                   ? 
_refine.overall_FOM_work_R_set                   ? 
_refine.pdbx_average_fsc_overall                 ? 
_refine.pdbx_average_fsc_work                    ? 
_refine.pdbx_average_fsc_free                    ? 
# 
_refine_hist.pdbx_refine_id                   'X-RAY DIFFRACTION' 
_refine_hist.cycle_id                         final 
_refine_hist.details                          ? 
_refine_hist.d_res_high                       1.6000 
_refine_hist.d_res_low                        30.9400 
_refine_hist.number_atoms_solvent             81 
_refine_hist.number_atoms_total               1359 
_refine_hist.number_reflns_all                ? 
_refine_hist.number_reflns_obs                ? 
_refine_hist.number_reflns_R_free             ? 
_refine_hist.number_reflns_R_work             ? 
_refine_hist.R_factor_all                     ? 
_refine_hist.R_factor_obs                     ? 
_refine_hist.R_factor_R_free                  ? 
_refine_hist.R_factor_R_work                  ? 
_refine_hist.pdbx_number_residues_total       158 
_refine_hist.pdbx_B_iso_mean_ligand           30.60 
_refine_hist.pdbx_B_iso_mean_solvent          37.60 
_refine_hist.pdbx_number_atoms_protein        1277 
_refine_hist.pdbx_number_atoms_nucleic_acid   0 
_refine_hist.pdbx_number_atoms_ligand         1 
_refine_hist.pdbx_number_atoms_lipid          ? 
_refine_hist.pdbx_number_atoms_carb           ? 
_refine_hist.pdbx_pseudo_atom_details         ? 
# 
loop_
_refine_ls_restr.pdbx_refine_id 
_refine_ls_restr.criterion 
_refine_ls_restr.dev_ideal 
_refine_ls_restr.dev_ideal_target 
_refine_ls_restr.number 
_refine_ls_restr.rejects 
_refine_ls_restr.type 
_refine_ls_restr.weight 
_refine_ls_restr.pdbx_restraint_function 
'X-RAY DIFFRACTION' ? 0.011  0.013  1313 ? r_bond_refined_d       ? ? 
'X-RAY DIFFRACTION' ? 0.035  0.017  1175 ? r_bond_other_d         ? ? 
'X-RAY DIFFRACTION' ? 1.721  1.656  1778 ? r_angle_refined_deg    ? ? 
'X-RAY DIFFRACTION' ? 2.346  1.582  2711 ? r_angle_other_deg      ? ? 
'X-RAY DIFFRACTION' ? 7.165  5.000  157  ? r_dihedral_angle_1_deg ? ? 
'X-RAY DIFFRACTION' ? 30.018 20.494 81   ? r_dihedral_angle_2_deg ? ? 
'X-RAY DIFFRACTION' ? 12.957 15.000 207  ? r_dihedral_angle_3_deg ? ? 
'X-RAY DIFFRACTION' ? 15.033 15.000 13   ? r_dihedral_angle_4_deg ? ? 
'X-RAY DIFFRACTION' ? 0.083  0.200  159  ? r_chiral_restr         ? ? 
'X-RAY DIFFRACTION' ? 0.010  0.020  1499 ? r_gen_planes_refined   ? ? 
'X-RAY DIFFRACTION' ? 0.014  0.020  328  ? r_gen_planes_other     ? ? 
'X-RAY DIFFRACTION' ? 2.752  3.209  631  ? r_mcbond_it            ? ? 
'X-RAY DIFFRACTION' ? 2.735  3.200  629  ? r_mcbond_other         ? ? 
'X-RAY DIFFRACTION' ? 3.709  4.803  787  ? r_mcangle_it           ? ? 
# 
_refine_ls_shell.pdbx_refine_id                   'X-RAY DIFFRACTION' 
_refine_ls_shell.d_res_high                       1.60 
_refine_ls_shell.d_res_low                        1.6410 
_refine_ls_shell.number_reflns_all                1454 
_refine_ls_shell.number_reflns_obs                ? 
_refine_ls_shell.number_reflns_R_free             75 
_refine_ls_shell.number_reflns_R_work             1379 
_refine_ls_shell.percent_reflns_obs               91.0500 
_refine_ls_shell.percent_reflns_R_free            ? 
_refine_ls_shell.R_factor_all                     ? 
_refine_ls_shell.R_factor_obs                     ? 
_refine_ls_shell.R_factor_R_free                  0.3560 
_refine_ls_shell.R_factor_R_free_error            ? 
_refine_ls_shell.R_factor_R_work                  0.2960 
_refine_ls_shell.redundancy_reflns_all            ? 
_refine_ls_shell.redundancy_reflns_obs            ? 
_refine_ls_shell.wR_factor_all                    ? 
_refine_ls_shell.wR_factor_obs                    ? 
_refine_ls_shell.wR_factor_R_free                 ? 
_refine_ls_shell.wR_factor_R_work                 ? 
_refine_ls_shell.pdbx_R_complete                  ? 
_refine_ls_shell.pdbx_total_number_of_bins_used   20 
_refine_ls_shell.pdbx_phase_error                 ? 
_refine_ls_shell.pdbx_fsc_work                    ? 
_refine_ls_shell.pdbx_fsc_free                    ? 
# 
_struct.entry_id                     6UKK 
_struct.title                        'Crystal Structure of a Domain-swapped Fluorogen Activating Protein DiB3 Dimer' 
_struct.pdbx_model_details           ? 
_struct.pdbx_formula_weight          ? 
_struct.pdbx_formula_weight_method   ? 
_struct.pdbx_model_type_details      ? 
_struct.pdbx_CASP_flag               N 
# 
_struct_keywords.entry_id        6UKK 
_struct_keywords.text            
'lipocalin, beta barrel, domain-swapped protein, fluorogen activating protein, FLUORESCENT PROTEIN' 
_struct_keywords.pdbx_keywords   'FLUORESCENT PROTEIN' 
# 
loop_
_struct_asym.id 
_struct_asym.pdbx_blank_PDB_chainid_flag 
_struct_asym.pdbx_modified 
_struct_asym.entity_id 
_struct_asym.details 
A N N 1 ? 
B N N 2 ? 
C N N 3 ? 
# 
loop_
_struct_conf.conf_type_id 
_struct_conf.id 
_struct_conf.pdbx_PDB_helix_id 
_struct_conf.beg_label_comp_id 
_struct_conf.beg_label_asym_id 
_struct_conf.beg_label_seq_id 
_struct_conf.pdbx_beg_PDB_ins_code 
_struct_conf.end_label_comp_id 
_struct_conf.end_label_asym_id 
_struct_conf.end_label_seq_id 
_struct_conf.pdbx_end_PDB_ins_code 
_struct_conf.beg_auth_comp_id 
_struct_conf.beg_auth_asym_id 
_struct_conf.beg_auth_seq_id 
_struct_conf.end_auth_comp_id 
_struct_conf.end_auth_asym_id 
_struct_conf.end_auth_seq_id 
_struct_conf.pdbx_PDB_helix_class 
_struct_conf.details 
_struct_conf.pdbx_PDB_helix_length 
HELX_P HELX_P1 AA1 ASP A 35  ? LEU A 40  ? ASP A 35  LEU A 40  1 ? 6  
HELX_P HELX_P2 AA2 SER A 148 ? GLU A 162 ? SER A 148 GLU A 162 1 ? 15 
HELX_P HELX_P3 AA3 ASP A 165 ? PHE A 169 ? ASP A 165 PHE A 169 5 ? 5  
# 
_struct_conf_type.id          HELX_P 
_struct_conf_type.criteria    ? 
_struct_conf_type.reference   ? 
# 
loop_
_struct_conn.id 
_struct_conn.conn_type_id 
_struct_conn.pdbx_leaving_atom_flag 
_struct_conn.pdbx_PDB_id 
_struct_conn.ptnr1_label_asym_id 
_struct_conn.ptnr1_label_comp_id 
_struct_conn.ptnr1_label_seq_id 
_struct_conn.ptnr1_label_atom_id 
_struct_conn.pdbx_ptnr1_label_alt_id 
_struct_conn.pdbx_ptnr1_PDB_ins_code 
_struct_conn.pdbx_ptnr1_standard_comp_id 
_struct_conn.ptnr1_symmetry 
_struct_conn.ptnr2_label_asym_id 
_struct_conn.ptnr2_label_comp_id 
_struct_conn.ptnr2_label_seq_id 
_struct_conn.ptnr2_label_atom_id 
_struct_conn.pdbx_ptnr2_label_alt_id 
_struct_conn.pdbx_ptnr2_PDB_ins_code 
_struct_conn.ptnr1_auth_asym_id 
_struct_conn.ptnr1_auth_comp_id 
_struct_conn.ptnr1_auth_seq_id 
_struct_conn.ptnr2_auth_asym_id 
_struct_conn.ptnr2_auth_comp_id 
_struct_conn.ptnr2_auth_seq_id 
_struct_conn.ptnr2_symmetry 
_struct_conn.pdbx_ptnr3_label_atom_id 
_struct_conn.pdbx_ptnr3_label_seq_id 
_struct_conn.pdbx_ptnr3_label_comp_id 
_struct_conn.pdbx_ptnr3_label_asym_id 
_struct_conn.pdbx_ptnr3_label_alt_id 
_struct_conn.pdbx_ptnr3_PDB_ins_code 
_struct_conn.details 
_struct_conn.pdbx_dist_value 
_struct_conn.pdbx_value_order 
_struct_conn.pdbx_role 
metalc1 metalc ? ? A ASP 149 OD1 ? ? ? 1_555 B NA  . NA ? ? A ASP 149 A NA  201 4_647 ? ? ? ? ? ? ? 2.965 ? ? 
metalc2 metalc ? ? B NA  .   NA  ? ? ? 1_555 C HOH . O  ? ? A NA  201 A HOH 370 2_656 ? ? ? ? ? ? ? 2.955 ? ? 
# 
_struct_conn_type.id          metalc 
_struct_conn_type.criteria    ? 
_struct_conn_type.reference   ? 
# 
loop_
_struct_sheet.id 
_struct_sheet.type 
_struct_sheet.number_strands 
_struct_sheet.details 
AA1 ? 5 ? 
AA2 ? 3 ? 
# 
loop_
_struct_sheet_order.sheet_id 
_struct_sheet_order.range_id_1 
_struct_sheet_order.range_id_2 
_struct_sheet_order.offset 
_struct_sheet_order.sense 
AA1 1 2 ? anti-parallel 
AA1 2 3 ? anti-parallel 
AA1 3 4 ? anti-parallel 
AA1 4 5 ? anti-parallel 
AA2 1 2 ? anti-parallel 
AA2 2 3 ? anti-parallel 
# 
loop_
_struct_sheet_range.sheet_id 
_struct_sheet_range.id 
_struct_sheet_range.beg_label_comp_id 
_struct_sheet_range.beg_label_asym_id 
_struct_sheet_range.beg_label_seq_id 
_struct_sheet_range.pdbx_beg_PDB_ins_code 
_struct_sheet_range.end_label_comp_id 
_struct_sheet_range.end_label_asym_id 
_struct_sheet_range.end_label_seq_id 
_struct_sheet_range.pdbx_end_PDB_ins_code 
_struct_sheet_range.beg_auth_comp_id 
_struct_sheet_range.beg_auth_asym_id 
_struct_sheet_range.beg_auth_seq_id 
_struct_sheet_range.end_auth_comp_id 
_struct_sheet_range.end_auth_asym_id 
_struct_sheet_range.end_auth_seq_id 
AA1 1 GLY A 41  ? TYR A 44  ? GLY A 41  TYR A 44  
AA1 2 GLU A 58  ? LEU A 66  ? GLU A 58  LEU A 66  
AA1 3 LEU A 72  ? ASN A 80  ? LEU A 72  ASN A 80  
AA1 4 MET A 85  ? PHE A 95  ? MET A 85  PHE A 95  
AA1 5 LEU A 104 ? PHE A 108 ? LEU A 104 PHE A 108 
AA2 1 ASN A 117 ? LEU A 121 ? ASN A 117 LEU A 121 
AA2 2 HIS A 127 ? CYS A 131 ? HIS A 127 CYS A 131 
AA2 3 LEU A 138 ? SER A 142 ? LEU A 138 SER A 142 
# 
loop_
_pdbx_struct_sheet_hbond.sheet_id 
_pdbx_struct_sheet_hbond.range_id_1 
_pdbx_struct_sheet_hbond.range_id_2 
_pdbx_struct_sheet_hbond.range_1_label_atom_id 
_pdbx_struct_sheet_hbond.range_1_label_comp_id 
_pdbx_struct_sheet_hbond.range_1_label_asym_id 
_pdbx_struct_sheet_hbond.range_1_label_seq_id 
_pdbx_struct_sheet_hbond.range_1_PDB_ins_code 
_pdbx_struct_sheet_hbond.range_1_auth_atom_id 
_pdbx_struct_sheet_hbond.range_1_auth_comp_id 
_pdbx_struct_sheet_hbond.range_1_auth_asym_id 
_pdbx_struct_sheet_hbond.range_1_auth_seq_id 
_pdbx_struct_sheet_hbond.range_2_label_atom_id 
_pdbx_struct_sheet_hbond.range_2_label_comp_id 
_pdbx_struct_sheet_hbond.range_2_label_asym_id 
_pdbx_struct_sheet_hbond.range_2_label_seq_id 
_pdbx_struct_sheet_hbond.range_2_PDB_ins_code 
_pdbx_struct_sheet_hbond.range_2_auth_atom_id 
_pdbx_struct_sheet_hbond.range_2_auth_comp_id 
_pdbx_struct_sheet_hbond.range_2_auth_asym_id 
_pdbx_struct_sheet_hbond.range_2_auth_seq_id 
AA1 1 2 N TRP A 43  ? N TRP A 43  O ALA A 62  ? O ALA A 62  
AA1 2 3 N GLU A 58  ? N GLU A 58  O TYR A 79  ? O TYR A 79  
AA1 3 4 N LEU A 72  ? N LEU A 72  O ALA A 93  ? O ALA A 93  
AA1 4 5 N LYS A 92  ? N LYS A 92  O SER A 107 ? O SER A 107 
AA2 1 2 N ILE A 119 ? N ILE A 119 O LEU A 129 ? O LEU A 129 
AA2 2 3 N ALA A 128 ? N ALA A 128 O GLN A 141 ? O GLN A 141 
# 
_struct_site.id                   AC1 
_struct_site.pdbx_evidence_code   Software 
_struct_site.pdbx_auth_asym_id    A 
_struct_site.pdbx_auth_comp_id    NA 
_struct_site.pdbx_auth_seq_id     201 
_struct_site.pdbx_auth_ins_code   ? 
_struct_site.pdbx_num_residues    4 
_struct_site.details              'binding site for residue NA A 201' 
# 
loop_
_struct_site_gen.id 
_struct_site_gen.site_id 
_struct_site_gen.pdbx_num_res 
_struct_site_gen.label_comp_id 
_struct_site_gen.label_asym_id 
_struct_site_gen.label_seq_id 
_struct_site_gen.pdbx_auth_ins_code 
_struct_site_gen.auth_comp_id 
_struct_site_gen.auth_asym_id 
_struct_site_gen.auth_seq_id 
_struct_site_gen.label_atom_id 
_struct_site_gen.label_alt_id 
_struct_site_gen.symmetry 
_struct_site_gen.details 
1 AC1 4 ASP A 134 ? ASP A 134 . ? 1_555 ? 
2 AC1 4 ARG A 135 ? ARG A 135 . ? 1_555 ? 
3 AC1 4 ASP A 149 ? ASP A 149 . ? 4_657 ? 
4 AC1 4 HOH C .   ? HOH A 370 . ? 2_656 ? 
# 
_atom_sites.entry_id                    6UKK 
_atom_sites.Cartn_transf_matrix[1][1]   ? 
_atom_sites.Cartn_transf_matrix[1][2]   ? 
_atom_sites.Cartn_transf_matrix[1][3]   ? 
_atom_sites.Cartn_transf_matrix[2][1]   ? 
_atom_sites.Cartn_transf_matrix[2][2]   ? 
_atom_sites.Cartn_transf_matrix[2][3]   ? 
_atom_sites.Cartn_transf_matrix[3][1]   ? 
_atom_sites.Cartn_transf_matrix[3][2]   ? 
_atom_sites.Cartn_transf_matrix[3][3]   ? 
_atom_sites.Cartn_transf_vector[1]      ? 
_atom_sites.Cartn_transf_vector[2]      ? 
_atom_sites.Cartn_transf_vector[3]      ? 
_atom_sites.fract_transf_matrix[1][1]   -0.00103731 
_atom_sites.fract_transf_matrix[1][2]   0.01197605 
_atom_sites.fract_transf_matrix[1][3]   -0.00169880 
_atom_sites.fract_transf_matrix[2][1]   0.02095231 
_atom_sites.fract_transf_matrix[2][2]   0.00384065 
_atom_sites.fract_transf_matrix[2][3]   0.01428171 
_atom_sites.fract_transf_matrix[3][1]   0.01029524 
_atom_sites.fract_transf_matrix[3][2]   0.00687187 
_atom_sites.fract_transf_matrix[3][3]   -0.01695186 
_atom_sites.fract_transf_vector[1]      0.519294 
_atom_sites.fract_transf_vector[2]      0.505977 
_atom_sites.fract_transf_vector[3]      0.578047 
_atom_sites.solution_primary            ? 
_atom_sites.solution_secondary          ? 
_atom_sites.solution_hydrogens          ? 
_atom_sites.special_details             ? 
# 
loop_
_atom_type.symbol 
C  
N  
NA 
O  
S  
# 
loop_
_atom_site.group_PDB 
_atom_site.id 
_atom_site.type_symbol 
_atom_site.label_atom_id 
_atom_site.label_alt_id 
_atom_site.label_comp_id 
_atom_site.label_asym_id 
_atom_site.label_entity_id 
_atom_site.label_seq_id 
_atom_site.pdbx_PDB_ins_code 
_atom_site.Cartn_x 
_atom_site.Cartn_y 
_atom_site.Cartn_z 
_atom_site.occupancy 
_atom_site.B_iso_or_equiv 
_atom_site.pdbx_formal_charge 
_atom_site.auth_seq_id 
_atom_site.auth_comp_id 
_atom_site.auth_asym_id 
_atom_site.auth_atom_id 
_atom_site.pdbx_PDB_model_num 
ATOM   1    N  N   . LYS A 1 19  ? 6.536   -4.932  24.169  1.00 61.13  ? 19  LYS A N   1 
ATOM   2    C  CA  . LYS A 1 19  ? 7.066   -5.916  23.141  1.00 57.60  ? 19  LYS A CA  1 
ATOM   3    C  C   . LYS A 1 19  ? 6.860   -5.383  21.707  1.00 57.04  ? 19  LYS A C   1 
ATOM   4    O  O   . LYS A 1 19  ? 5.907   -4.599  21.471  1.00 48.01  ? 19  LYS A O   1 
ATOM   5    C  CB  . LYS A 1 19  ? 6.407   -7.297  23.308  1.00 54.17  ? 19  LYS A CB  1 
ATOM   6    C  CG  . LYS A 1 19  ? 5.054   -7.461  22.614  1.00 48.73  ? 19  LYS A CG  1 
ATOM   7    C  CD  . LYS A 1 19  ? 4.541   -8.875  22.542  1.00 43.79  ? 19  LYS A CD  1 
ATOM   8    C  CE  . LYS A 1 19  ? 5.365   -9.800  21.684  1.00 36.92  ? 19  LYS A CE  1 
ATOM   9    N  NZ  . LYS A 1 19  ? 5.169   -9.528  20.237  1.00 33.85  ? 19  LYS A NZ  1 
ATOM   10   N  N   . SER A 1 20  ? 7.702   -5.839  20.769  1.00 53.40  ? 20  SER A N   1 
ATOM   11   C  CA  . SER A 1 20  ? 7.636   -5.512  19.316  1.00 51.09  ? 20  SER A CA  1 
ATOM   12   C  C   . SER A 1 20  ? 6.326   -6.020  18.692  1.00 52.37  ? 20  SER A C   1 
ATOM   13   O  O   . SER A 1 20  ? 5.774   -7.069  19.150  1.00 47.23  ? 20  SER A O   1 
ATOM   14   C  CB  . SER A 1 20  ? 8.852   -6.069  18.591  1.00 50.80  ? 20  SER A CB  1 
ATOM   15   O  OG  . SER A 1 20  ? 8.617   -6.180  17.193  1.00 59.00  ? 20  SER A OG  1 
ATOM   16   N  N   . SER A 1 21  ? 5.845   -5.305  17.671  1.00 49.08  ? 21  SER A N   1 
ATOM   17   C  CA  . SER A 1 21  ? 4.736   -5.734  16.781  1.00 48.89  ? 21  SER A CA  1 
ATOM   18   C  C   . SER A 1 21  ? 5.252   -6.754  15.751  1.00 46.41  ? 21  SER A C   1 
ATOM   19   O  O   . SER A 1 21  ? 4.415   -7.321  15.014  1.00 52.26  ? 21  SER A O   1 
ATOM   20   C  CB  . SER A 1 21  ? 4.105   -4.554  16.111  1.00 50.83  ? 21  SER A CB  1 
ATOM   21   O  OG  . SER A 1 21  ? 4.921   -4.124  15.034  1.00 53.08  ? 21  SER A OG  1 
ATOM   22   N  N   . SER A 1 22  ? 6.565   -6.988  15.701  1.00 44.92  ? 22  SER A N   1 
ATOM   23   C  CA  . SER A 1 22  ? 7.210   -7.877  14.701  1.00 47.05  ? 22  SER A CA  1 
ATOM   24   C  C   . SER A 1 22  ? 7.875   -9.066  15.410  1.00 41.99  ? 22  SER A C   1 
ATOM   25   O  O   . SER A 1 22  ? 8.796   -9.663  14.835  1.00 43.51  ? 22  SER A O   1 
ATOM   26   C  CB  . SER A 1 22  ? 8.188   -7.099  13.845  1.00 49.98  ? 22  SER A CB  1 
ATOM   27   O  OG  . SER A 1 22  ? 9.317   -6.707  14.612  1.00 54.98  ? 22  SER A OG  1 
ATOM   28   N  N   . THR A 1 23  ? 7.433   -9.411  16.624  1.00 35.43  ? 23  THR A N   1 
ATOM   29   C  CA  . THR A 1 23  ? 7.762   -10.696 17.282  1.00 32.16  ? 23  THR A CA  1 
ATOM   30   C  C   . THR A 1 23  ? 6.461   -11.405 17.644  1.00 28.79  ? 23  THR A C   1 
ATOM   31   O  O   . THR A 1 23  ? 5.408   -10.775 17.695  1.00 29.78  ? 23  THR A O   1 
ATOM   32   C  CB  . THR A 1 23  ? 8.554   -10.555 18.587  1.00 37.63  ? 23  THR A CB  1 
ATOM   33   O  OG1 . THR A 1 23  ? 7.763   -9.723  19.429  1.00 36.18  ? 23  THR A OG1 1 
ATOM   34   C  CG2 . THR A 1 23  ? 9.938   -9.979  18.374  1.00 43.16  ? 23  THR A CG2 1 
ATOM   35   N  N   . PRO A 1 24  ? 6.504   -12.731 17.861  1.00 28.03  ? 24  PRO A N   1 
ATOM   36   C  CA  . PRO A 1 24  ? 5.286   -13.445 18.205  1.00 28.66  ? 24  PRO A CA  1 
ATOM   37   C  C   . PRO A 1 24  ? 4.846   -13.095 19.611  1.00 26.20  ? 24  PRO A C   1 
ATOM   38   O  O   . PRO A 1 24  ? 5.579   -12.491 20.405  1.00 29.04  ? 24  PRO A O   1 
ATOM   39   C  CB  . PRO A 1 24  ? 5.646   -14.921 18.100  1.00 30.88  ? 24  PRO A CB  1 
ATOM   40   C  CG  . PRO A 1 24  ? 6.979   -14.940 17.364  1.00 31.90  ? 24  PRO A CG  1 
ATOM   41   C  CD  . PRO A 1 24  ? 7.653   -13.638 17.757  1.00 29.63  ? 24  PRO A CD  1 
ATOM   42   N  N   . PRO A 1 25  ? 3.645   -13.532 20.012  1.00 25.36  ? 25  PRO A N   1 
ATOM   43   C  CA  . PRO A 1 25  ? 3.223   -13.360 21.393  1.00 24.74  ? 25  PRO A CA  1 
ATOM   44   C  C   . PRO A 1 25  ? 4.188   -14.073 22.344  1.00 26.33  ? 25  PRO A C   1 
ATOM   45   O  O   . PRO A 1 25  ? 4.707   -15.119 22.056  1.00 25.88  ? 25  PRO A O   1 
ATOM   46   C  CB  . PRO A 1 25  ? 1.824   -13.992 21.431  1.00 23.62  ? 25  PRO A CB  1 
ATOM   47   C  CG  . PRO A 1 25  ? 1.435   -14.160 19.957  1.00 22.83  ? 25  PRO A CG  1 
ATOM   48   C  CD  . PRO A 1 25  ? 2.749   -14.369 19.234  1.00 26.84  ? 25  PRO A CD  1 
ATOM   49   N  N   . ARG A 1 26  ? 4.346   -13.541 23.549  1.00 29.97  ? 26  ARG A N   1 
ATOM   50   C  CA  . ARG A 1 26  ? 5.247   -14.213 24.520  1.00 30.37  ? 26  ARG A CA  1 
ATOM   51   C  C   . ARG A 1 26  ? 4.779   -15.635 24.835  1.00 27.77  ? 26  ARG A C   1 
ATOM   52   O  O   . ARG A 1 26  ? 3.640   -15.809 25.157  1.00 29.55  ? 26  ARG A O   1 
ATOM   53   C  CB  . ARG A 1 26  ? 5.300   -13.488 25.860  1.00 35.69  ? 26  ARG A CB  1 
ATOM   54   C  CG  . ARG A 1 26  ? 5.716   -12.035 25.801  1.00 40.69  ? 26  ARG A CG  1 
ATOM   55   C  CD  . ARG A 1 26  ? 5.333   -11.570 27.190  1.00 50.67  ? 26  ARG A CD  1 
ATOM   56   N  NE  . ARG A 1 26  ? 5.884   -10.281 27.532  1.00 53.91  ? 26  ARG A NE  1 
ATOM   57   C  CZ  . ARG A 1 26  ? 5.337   -9.134  27.192  1.00 59.44  ? 26  ARG A CZ  1 
ATOM   58   N  NH1 . ARG A 1 26  ? 4.207   -9.115  26.499  1.00 49.54  ? 26  ARG A NH1 1 
ATOM   59   N  NH2 . ARG A 1 26  ? 5.938   -8.013  27.533  1.00 56.10  ? 26  ARG A NH2 1 
ATOM   60   N  N   . GLY A 1 27  ? 5.692   -16.587 24.737  1.00 27.68  ? 27  GLY A N   1 
ATOM   61   C  CA  . GLY A 1 27  ? 5.467   -17.998 25.063  1.00 28.70  ? 27  GLY A CA  1 
ATOM   62   C  C   . GLY A 1 27  ? 4.902   -18.784 23.889  1.00 27.54  ? 27  GLY A C   1 
ATOM   63   O  O   . GLY A 1 27  ? 4.865   -19.994 23.992  1.00 28.33  ? 27  GLY A O   1 
ATOM   64   N  N   . VAL A 1 28  ? 4.534   -18.123 22.788  1.00 27.34  ? 28  VAL A N   1 
ATOM   65   C  CA  . VAL A 1 28  ? 4.022   -18.852 21.582  1.00 26.57  ? 28  VAL A CA  1 
ATOM   66   C  C   . VAL A 1 28  ? 5.208   -19.347 20.739  1.00 28.96  ? 28  VAL A C   1 
ATOM   67   O  O   . VAL A 1 28  ? 6.118   -18.539 20.481  1.00 31.83  ? 28  VAL A O   1 
ATOM   68   C  CB  . VAL A 1 28  ? 3.076   -17.936 20.782  1.00 26.25  ? 28  VAL A CB  1 
ATOM   69   C  CG1 . VAL A 1 28  ? 2.726   -18.552 19.427  1.00 28.63  ? 28  VAL A CG1 1 
ATOM   70   C  CG2 . VAL A 1 28  ? 1.844   -17.636 21.578  1.00 28.04  ? 28  VAL A CG2 1 
ATOM   71   N  N   . THR A 1 29  ? 5.194   -20.616 20.332  1.00 30.00  ? 29  THR A N   1 
ATOM   72   C  CA  . THR A 1 29  ? 6.303   -21.191 19.537  1.00 32.56  ? 29  THR A CA  1 
ATOM   73   C  C   . THR A 1 29  ? 5.877   -21.206 18.061  1.00 30.28  ? 29  THR A C   1 
ATOM   74   O  O   . THR A 1 29  ? 4.682   -21.485 17.757  1.00 30.20  ? 29  THR A O   1 
ATOM   75   C  CB  . THR A 1 29  ? 6.733   -22.565 20.051  1.00 35.04  ? 29  THR A CB  1 
ATOM   76   O  OG1 . THR A 1 29  ? 5.646   -23.458 19.856  1.00 41.47  ? 29  THR A OG1 1 
ATOM   77   C  CG2 . THR A 1 29  ? 7.130   -22.555 21.504  1.00 38.15  ? 29  THR A CG2 1 
ATOM   78   N  N   . VAL A 1 30  ? 6.805   -20.867 17.177  1.00 29.40  ? 30  VAL A N   1 
ATOM   79   C  CA  . VAL A 1 30  ? 6.536   -20.892 15.712  1.00 30.25  ? 30  VAL A CA  1 
ATOM   80   C  C   . VAL A 1 30  ? 7.100   -22.171 15.104  1.00 28.60  ? 30  VAL A C   1 
ATOM   81   O  O   . VAL A 1 30  ? 8.072   -22.729 15.613  1.00 31.17  ? 30  VAL A O   1 
ATOM   82   C  CB  . VAL A 1 30  ? 7.007   -19.617 14.990  1.00 35.62  ? 30  VAL A CB  1 
ATOM   83   C  CG1 . VAL A 1 30  ? 6.630   -18.371 15.805  1.00 37.68  ? 30  VAL A CG1 1 
ATOM   84   C  CG2 . VAL A 1 30  ? 8.497   -19.622 14.701  1.00 42.79  ? 30  VAL A CG2 1 
ATOM   85   N  N   . VAL A 1 31  ? 6.542   -22.558 13.971  1.00 28.64  ? 31  VAL A N   1 
ATOM   86   C  CA  . VAL A 1 31  ? 7.074   -23.651 13.104  1.00 29.22  ? 31  VAL A CA  1 
ATOM   87   C  C   . VAL A 1 31  ? 8.544   -23.328 12.777  1.00 30.58  ? 31  VAL A C   1 
ATOM   88   O  O   . VAL A 1 31  ? 8.845   -22.183 12.401  1.00 30.71  ? 31  VAL A O   1 
ATOM   89   C  CB  . VAL A 1 31  ? 6.164   -23.783 11.872  1.00 34.01  ? 31  VAL A CB  1 
ATOM   90   C  CG1 . VAL A 1 31  ? 6.803   -24.588 10.754  1.00 37.22  ? 31  VAL A CG1 1 
ATOM   91   C  CG2 . VAL A 1 31  ? 4.817   -24.376 12.281  1.00 35.84  ? 31  VAL A CG2 1 
ATOM   92   N  N   . ASN A 1 32  ? 9.437   -24.330 12.896  1.00 33.56  ? 32  ASN A N   1 
ATOM   93   C  CA  . ASN A 1 32  ? 10.921  -24.183 12.834  1.00 37.88  ? 32  ASN A CA  1 
ATOM   94   C  C   . ASN A 1 32  ? 11.574  -24.996 11.697  1.00 36.33  ? 32  ASN A C   1 
ATOM   95   O  O   . ASN A 1 32  ? 12.830  -24.950 11.617  1.00 39.79  ? 32  ASN A O   1 
ATOM   96   C  CB  . ASN A 1 32  ? 11.544  -24.507 14.195  1.00 43.14  ? 32  ASN A CB  1 
ATOM   97   C  CG  . ASN A 1 32  ? 11.776  -23.251 15.010  1.00 56.61  ? 32  ASN A CG  1 
ATOM   98   O  OD1 . ASN A 1 32  ? 12.721  -22.503 14.748  1.00 67.71  ? 32  ASN A OD1 1 
ATOM   99   N  ND2 . ASN A 1 32  ? 10.911  -22.988 15.980  1.00 70.47  ? 32  ASN A ND2 1 
ATOM   100  N  N   . ASN A 1 33  ? 10.814  -25.586 10.779  1.00 36.35  ? 33  ASN A N   1 
ATOM   101  C  CA  . ASN A 1 33  ? 11.340  -26.244 9.538   1.00 34.44  ? 33  ASN A CA  1 
ATOM   102  C  C   . ASN A 1 33  ? 10.514  -25.810 8.318   1.00 28.08  ? 33  ASN A C   1 
ATOM   103  O  O   . ASN A 1 33  ? 10.153  -26.611 7.443   1.00 32.40  ? 33  ASN A O   1 
ATOM   104  C  CB  . ASN A 1 33  ? 11.273  -27.751 9.687   1.00 40.19  ? 33  ASN A CB  1 
ATOM   105  C  CG  . ASN A 1 33  ? 9.850   -28.172 9.916   1.00 46.23  ? 33  ASN A CG  1 
ATOM   106  O  OD1 . ASN A 1 33  ? 9.010   -27.329 10.259  1.00 42.49  ? 33  ASN A OD1 1 
ATOM   107  N  ND2 . ASN A 1 33  ? 9.576   -29.441 9.666   1.00 49.10  ? 33  ASN A ND2 1 
ATOM   108  N  N   . PHE A 1 34  ? 10.139  -24.545 8.289   1.00 29.32  ? 34  PHE A N   1 
ATOM   109  C  CA  . PHE A 1 34  ? 9.278   -23.954 7.263   1.00 26.67  ? 34  PHE A CA  1 
ATOM   110  C  C   . PHE A 1 34  ? 9.924   -23.948 5.883   1.00 28.92  ? 34  PHE A C   1 
ATOM   111  O  O   . PHE A 1 34  ? 11.119  -23.594 5.764   1.00 32.58  ? 34  PHE A O   1 
ATOM   112  C  CB  . PHE A 1 34  ? 8.948   -22.556 7.760   1.00 29.10  ? 34  PHE A CB  1 
ATOM   113  C  CG  . PHE A 1 34  ? 7.882   -21.890 6.966   1.00 29.17  ? 34  PHE A CG  1 
ATOM   114  C  CD1 . PHE A 1 34  ? 6.574   -22.366 6.989   1.00 27.10  ? 34  PHE A CD1 1 
ATOM   115  C  CD2 . PHE A 1 34  ? 8.168   -20.741 6.258   1.00 27.67  ? 34  PHE A CD2 1 
ATOM   116  C  CE1 . PHE A 1 34  ? 5.581   -21.668 6.335   1.00 28.80  ? 34  PHE A CE1 1 
ATOM   117  C  CE2 . PHE A 1 34  ? 7.173   -20.088 5.554   1.00 26.10  ? 34  PHE A CE2 1 
ATOM   118  C  CZ  . PHE A 1 34  ? 5.875   -20.521 5.644   1.00 26.44  ? 34  PHE A CZ  1 
ATOM   119  N  N   . ASP A 1 35  ? 9.153   -24.304 4.877   1.00 28.71  ? 35  ASP A N   1 
ATOM   120  C  CA  . ASP A 1 35  ? 9.535   -24.256 3.446   1.00 28.33  ? 35  ASP A CA  1 
ATOM   121  C  C   . ASP A 1 35  ? 8.563   -23.360 2.702   1.00 29.38  ? 35  ASP A C   1 
ATOM   122  O  O   . ASP A 1 35  ? 7.525   -23.808 2.295   1.00 29.61  ? 35  ASP A O   1 
ATOM   123  C  CB  . ASP A 1 35  ? 9.532   -25.669 2.866   1.00 31.46  ? 35  ASP A CB  1 
ATOM   124  C  CG  . ASP A 1 35  ? 9.967   -25.796 1.429   1.00 36.72  ? 35  ASP A CG  1 
ATOM   125  O  OD1 . ASP A 1 35  ? 10.208  -24.767 0.766   1.00 35.97  ? 35  ASP A OD1 1 
ATOM   126  O  OD2 . ASP A 1 35  ? 10.026  -26.948 0.969   1.00 41.04  ? 35  ASP A OD2 1 
ATOM   127  N  N   . ALA A 1 36  ? 8.927   -22.114 2.515   1.00 27.49  ? 36  ALA A N   1 
ATOM   128  C  CA  . ALA A 1 36  ? 8.059   -21.052 1.981   1.00 26.19  ? 36  ALA A CA  1 
ATOM   129  C  C   . ALA A 1 36  ? 7.585   -21.459 0.582   1.00 27.07  ? 36  ALA A C   1 
ATOM   130  O  O   . ALA A 1 36  ? 6.455   -21.167 0.231   1.00 28.27  ? 36  ALA A O   1 
ATOM   131  C  CB  . ALA A 1 36  ? 8.835   -19.764 1.986   1.00 28.05  ? 36  ALA A CB  1 
ATOM   132  N  N   . LYS A 1 37  ? 8.388   -22.230 -0.171  1.00 30.96  ? 37  LYS A N   1 
ATOM   133  C  CA  . LYS A 1 37  ? 8.023   -22.655 -1.548  1.00 34.59  ? 37  LYS A CA  1 
ATOM   134  C  C   . LYS A 1 37  ? 6.729   -23.484 -1.572  1.00 32.98  ? 37  LYS A C   1 
ATOM   135  O  O   . LYS A 1 37  ? 5.910   -23.262 -2.461  1.00 35.83  ? 37  LYS A O   1 
ATOM   136  C  CB  . LYS A 1 37  ? 9.158   -23.483 -2.170  1.00 42.69  ? 37  LYS A CB  1 
ATOM   137  C  CG  . LYS A 1 37  ? 10.357  -22.673 -2.613  1.00 52.82  ? 37  LYS A CG  1 
ATOM   138  C  CD  . LYS A 1 37  ? 10.202  -22.039 -3.992  1.00 58.62  ? 37  LYS A CD  1 
ATOM   139  C  CE  . LYS A 1 37  ? 11.348  -22.395 -4.927  1.00 58.38  ? 37  LYS A CE  1 
ATOM   140  N  NZ  . LYS A 1 37  ? 11.441  -21.457 -6.070  1.00 53.98  ? 37  LYS A NZ  1 
ATOM   141  N  N   . ARG A 1 38  ? 6.505   -24.320 -0.559  1.00 32.26  ? 38  ARG A N   1 
ATOM   142  C  CA  . ARG A 1 38  ? 5.312   -25.188 -0.426  1.00 29.09  ? 38  ARG A CA  1 
ATOM   143  C  C   . ARG A 1 38  ? 4.123   -24.391 0.123   1.00 27.10  ? 38  ARG A C   1 
ATOM   144  O  O   . ARG A 1 38  ? 2.989   -24.879 0.026   1.00 31.40  ? 38  ARG A O   1 
ATOM   145  C  CB  . ARG A 1 38  ? 5.652   -26.358 0.496   1.00 33.43  ? 38  ARG A CB  1 
ATOM   146  C  CG  . ARG A 1 38  ? 6.783   -27.229 -0.041  1.00 38.51  ? 38  ARG A CG  1 
ATOM   147  C  CD  . ARG A 1 38  ? 7.030   -28.366 0.929   1.00 38.86  ? 38  ARG A CD  1 
ATOM   148  N  NE  . ARG A 1 38  ? 5.902   -29.285 0.872   1.00 44.47  ? 38  ARG A NE  1 
ATOM   149  C  CZ  . ARG A 1 38  ? 5.610   -30.203 1.785   1.00 49.33  ? 38  ARG A CZ  1 
ATOM   150  N  NH1 . ARG A 1 38  ? 6.374   -30.351 2.856   1.00 45.94  ? 38  ARG A NH1 1 
ATOM   151  N  NH2 . ARG A 1 38  ? 4.544   -30.971 1.617   1.00 51.65  ? 38  ARG A NH2 1 
ATOM   152  N  N   . TYR A 1 39  ? 4.380   -23.232 0.724   1.00 27.88  ? 39  TYR A N   1 
ATOM   153  C  CA  . TYR A 1 39  ? 3.305   -22.353 1.300   1.00 26.14  ? 39  TYR A CA  1 
ATOM   154  C  C   . TYR A 1 39  ? 2.741   -21.414 0.240   1.00 27.91  ? 39  TYR A C   1 
ATOM   155  O  O   . TYR A 1 39  ? 1.692   -20.759 0.496   1.00 26.26  ? 39  TYR A O   1 
ATOM   156  C  CB  . TYR A 1 39  ? 3.889   -21.560 2.469   1.00 24.84  ? 39  TYR A CB  1 
ATOM   157  C  CG  . TYR A 1 39  ? 2.897   -21.001 3.464   1.00 25.57  ? 39  TYR A CG  1 
ATOM   158  C  CD1 . TYR A 1 39  ? 2.467   -21.807 4.465   1.00 24.84  ? 39  TYR A CD1 1 
ATOM   159  C  CD2 . TYR A 1 39  ? 2.452   -19.690 3.428   1.00 27.54  ? 39  TYR A CD2 1 
ATOM   160  C  CE1 . TYR A 1 39  ? 1.650   -21.345 5.476   1.00 26.22  ? 39  TYR A CE1 1 
ATOM   161  C  CE2 . TYR A 1 39  ? 1.584   -19.215 4.402   1.00 28.15  ? 39  TYR A CE2 1 
ATOM   162  C  CZ  . TYR A 1 39  ? 1.183   -20.053 5.426   1.00 29.66  ? 39  TYR A CZ  1 
ATOM   163  O  OH  . TYR A 1 39  ? 0.334   -19.707 6.446   1.00 30.35  ? 39  TYR A OH  1 
ATOM   164  N  N   . LEU A 1 40  ? 3.380   -21.286 -0.938  1.00 25.28  ? 40  LEU A N   1 
ATOM   165  C  CA  . LEU A 1 40  ? 2.919   -20.291 -1.932  1.00 26.33  ? 40  LEU A CA  1 
ATOM   166  C  C   . LEU A 1 40  ? 1.541   -20.639 -2.486  1.00 25.19  ? 40  LEU A C   1 
ATOM   167  O  O   . LEU A 1 40  ? 1.124   -21.809 -2.472  1.00 27.02  ? 40  LEU A O   1 
ATOM   168  C  CB  . LEU A 1 40  ? 3.919   -20.182 -3.098  1.00 26.09  ? 40  LEU A CB  1 
ATOM   169  C  CG  . LEU A 1 40  ? 5.352   -19.901 -2.707  1.00 26.42  ? 40  LEU A CG  1 
ATOM   170  C  CD1 . LEU A 1 40  ? 6.219   -19.836 -3.952  1.00 28.01  ? 40  LEU A CD1 1 
ATOM   171  C  CD2 . LEU A 1 40  ? 5.440   -18.605 -1.915  1.00 28.35  ? 40  LEU A CD2 1 
ATOM   172  N  N   . GLY A 1 41  ? 0.874   -19.624 -2.981  1.00 25.90  ? 41  GLY A N   1 
ATOM   173  C  CA  . GLY A 1 41  ? -0.444  -19.757 -3.604  1.00 28.10  ? 41  GLY A CA  1 
ATOM   174  C  C   . GLY A 1 41  ? -1.555  -19.346 -2.656  1.00 27.21  ? 41  GLY A C   1 
ATOM   175  O  O   . GLY A 1 41  ? -1.339  -18.497 -1.782  1.00 25.30  ? 41  GLY A O   1 
ATOM   176  N  N   . THR A 1 42  ? -2.749  -19.859 -2.907  1.00 25.83  ? 42  THR A N   1 
ATOM   177  C  CA  . THR A 1 42  ? -3.992  -19.299 -2.330  1.00 27.63  ? 42  THR A CA  1 
ATOM   178  C  C   . THR A 1 42  ? -4.373  -20.080 -1.079  1.00 25.05  ? 42  THR A C   1 
ATOM   179  O  O   . THR A 1 42  ? -4.361  -21.335 -1.075  1.00 25.93  ? 42  THR A O   1 
ATOM   180  C  CB  . THR A 1 42  ? -5.118  -19.269 -3.366  1.00 31.76  ? 42  THR A CB  1 
ATOM   181  O  OG1 . THR A 1 42  ? -4.771  -18.384 -4.416  1.00 30.56  ? 42  THR A OG1 1 
ATOM   182  C  CG2 . THR A 1 42  ? -6.435  -18.776 -2.818  1.00 31.33  ? 42  THR A CG2 1 
ATOM   183  N  N   . TRP A 1 43  ? -4.741  -19.321 -0.065  1.00 26.94  ? 43  TRP A N   1 
ATOM   184  C  CA  . TRP A 1 43  ? -5.302  -19.829 1.206   1.00 23.72  ? 43  TRP A CA  1 
ATOM   185  C  C   . TRP A 1 43  ? -6.651  -19.152 1.454   1.00 24.32  ? 43  TRP A C   1 
ATOM   186  O  O   . TRP A 1 43  ? -6.738  -17.904 1.338   1.00 28.90  ? 43  TRP A O   1 
ATOM   187  C  CB  . TRP A 1 43  ? -4.350  -19.605 2.378   1.00 23.48  ? 43  TRP A CB  1 
ATOM   188  C  CG  . TRP A 1 43  ? -3.040  -20.324 2.293   1.00 22.34  ? 43  TRP A CG  1 
ATOM   189  C  CD1 . TRP A 1 43  ? -1.974  -19.991 1.498   1.00 22.90  ? 43  TRP A CD1 1 
ATOM   190  C  CD2 . TRP A 1 43  ? -2.698  -21.558 2.943   1.00 22.89  ? 43  TRP A CD2 1 
ATOM   191  N  NE1 . TRP A 1 43  ? -0.971  -20.906 1.687   1.00 24.74  ? 43  TRP A NE1 1 
ATOM   192  C  CE2 . TRP A 1 43  ? -1.377  -21.855 2.576   1.00 23.65  ? 43  TRP A CE2 1 
ATOM   193  C  CE3 . TRP A 1 43  ? -3.326  -22.376 3.904   1.00 23.81  ? 43  TRP A CE3 1 
ATOM   194  C  CZ2 . TRP A 1 43  ? -0.702  -22.968 3.094   1.00 25.16  ? 43  TRP A CZ2 1 
ATOM   195  C  CZ3 . TRP A 1 43  ? -2.660  -23.480 4.395   1.00 24.69  ? 43  TRP A CZ3 1 
ATOM   196  C  CH2 . TRP A 1 43  ? -1.342  -23.747 4.012   1.00 25.26  ? 43  TRP A CH2 1 
ATOM   197  N  N   . TYR A 1 44  ? -7.635  -19.949 1.879   1.00 24.83  ? 44  TYR A N   1 
ATOM   198  C  CA  . TYR A 1 44  ? -8.949  -19.435 2.353   1.00 25.12  ? 44  TYR A CA  1 
ATOM   199  C  C   . TYR A 1 44  ? -8.890  -19.116 3.861   1.00 23.21  ? 44  TYR A C   1 
ATOM   200  O  O   . TYR A 1 44  ? -8.336  -19.938 4.630   1.00 24.13  ? 44  TYR A O   1 
ATOM   201  C  CB  . TYR A 1 44  ? -10.047 -20.451 2.088   1.00 26.76  ? 44  TYR A CB  1 
ATOM   202  C  CG  . TYR A 1 44  ? -10.248 -20.704 0.612   1.00 27.94  ? 44  TYR A CG  1 
ATOM   203  C  CD1 . TYR A 1 44  ? -9.529  -21.695 -0.033  1.00 30.29  ? 44  TYR A CD1 1 
ATOM   204  C  CD2 . TYR A 1 44  ? -11.157 -19.966 -0.115  1.00 34.18  ? 44  TYR A CD2 1 
ATOM   205  C  CE1 . TYR A 1 44  ? -9.691  -21.928 -1.388  1.00 31.53  ? 44  TYR A CE1 1 
ATOM   206  C  CE2 . TYR A 1 44  ? -11.349 -20.200 -1.475  1.00 33.06  ? 44  TYR A CE2 1 
ATOM   207  C  CZ  . TYR A 1 44  ? -10.623 -21.188 -2.095  1.00 36.21  ? 44  TYR A CZ  1 
ATOM   208  O  OH  . TYR A 1 44  ? -10.839 -21.374 -3.439  1.00 40.63  ? 44  TYR A OH  1 
ATOM   209  N  N   . GLU A 1 45  ? -9.369  -17.920 4.237   1.00 24.51  ? 45  GLU A N   1 
ATOM   210  C  CA  . GLU A 1 45  ? -9.485  -17.566 5.672   1.00 24.02  ? 45  GLU A CA  1 
ATOM   211  C  C   . GLU A 1 45  ? -10.700 -18.319 6.252   1.00 25.66  ? 45  GLU A C   1 
ATOM   212  O  O   . GLU A 1 45  ? -11.888 -17.969 5.910   1.00 26.76  ? 45  GLU A O   1 
ATOM   213  C  CB  . GLU A 1 45  ? -9.573  -16.057 5.789   1.00 23.81  ? 45  GLU A CB  1 
ATOM   214  C  CG  . GLU A 1 45  ? -9.568  -15.590 7.199   1.00 23.74  ? 45  GLU A CG  1 
ATOM   215  C  CD  . GLU A 1 45  ? -9.698  -14.094 7.290   1.00 26.90  ? 45  GLU A CD  1 
ATOM   216  O  OE1 . GLU A 1 45  ? -8.651  -13.432 7.252   1.00 24.67  ? 45  GLU A OE1 1 
ATOM   217  O  OE2 . GLU A 1 45  ? -10.875 -13.582 7.316   1.00 28.67  ? 45  GLU A OE2 1 
ATOM   218  N  N   . ILE A 1 46  ? -10.458 -19.288 7.116   1.00 25.46  ? 46  ILE A N   1 
ATOM   219  C  CA  . ILE A 1 46  ? -11.538 -20.089 7.757   1.00 24.94  ? 46  ILE A CA  1 
ATOM   220  C  C   . ILE A 1 46  ? -12.104 -19.311 8.947   1.00 29.24  ? 46  ILE A C   1 
ATOM   221  O  O   . ILE A 1 46  ? -13.348 -19.284 9.138   1.00 26.12  ? 46  ILE A O   1 
ATOM   222  C  CB  . ILE A 1 46  ? -11.079 -21.502 8.094   1.00 25.75  ? 46  ILE A CB  1 
ATOM   223  C  CG1 . ILE A 1 46  ? -10.595 -22.259 6.850   1.00 26.18  ? 46  ILE A CG1 1 
ATOM   224  C  CG2 . ILE A 1 46  ? -12.172 -22.258 8.843   1.00 26.08  ? 46  ILE A CG2 1 
ATOM   225  C  CD1 . ILE A 1 46  ? -11.625 -22.494 5.770   1.00 27.98  ? 46  ILE A CD1 1 
ATOM   226  N  N   . ALA A 1 47  ? -11.240 -18.627 9.689   1.00 25.60  ? 47  ALA A N   1 
ATOM   227  C  CA  . ALA A 1 47  ? -11.661 -17.921 10.906  1.00 24.72  ? 47  ALA A CA  1 
ATOM   228  C  C   . ALA A 1 47  ? -10.637 -16.853 11.212  1.00 24.23  ? 47  ALA A C   1 
ATOM   229  O  O   . ALA A 1 47  ? -9.427  -17.062 10.910  1.00 23.02  ? 47  ALA A O   1 
ATOM   230  C  CB  . ALA A 1 47  ? -11.812 -18.894 12.044  1.00 25.32  ? 47  ALA A CB  1 
ATOM   231  N  N   . ARG A 1 48  ? -11.070 -15.801 11.874  1.00 25.07  ? 48  ARG A N   1 
ATOM   232  C  CA  . ARG A 1 48  ? -10.163 -14.695 12.259  1.00 24.69  ? 48  ARG A CA  1 
ATOM   233  C  C   . ARG A 1 48  ? -10.593 -14.163 13.625  1.00 26.83  ? 48  ARG A C   1 
ATOM   234  O  O   . ARG A 1 48  ? -11.823 -14.236 13.913  1.00 26.26  ? 48  ARG A O   1 
ATOM   235  C  CB  . ARG A 1 48  ? -10.210 -13.581 11.209  1.00 24.67  ? 48  ARG A CB  1 
ATOM   236  C  CG  . ARG A 1 48  ? -11.615 -13.032 10.938  1.00 27.73  ? 48  ARG A CG  1 
ATOM   237  C  CD  . ARG A 1 48  ? -11.619 -11.855 10.004  1.00 27.37  ? 48  ARG A CD  1 
ATOM   238  N  NE  . ARG A 1 48  ? -12.982 -11.293 9.861   1.00 29.13  ? 48  ARG A NE  1 
ATOM   239  C  CZ  . ARG A 1 48  ? -13.744 -11.426 8.782   1.00 32.18  ? 48  ARG A CZ  1 
ATOM   240  N  NH1 . ARG A 1 48  ? -13.310 -12.071 7.717   1.00 31.69  ? 48  ARG A NH1 1 
ATOM   241  N  NH2 . ARG A 1 48  ? -14.968 -10.912 8.753   1.00 34.39  ? 48  ARG A NH2 1 
ATOM   242  N  N   . PHE A 1 49  ? -9.669  -13.588 14.387  1.00 25.34  ? 49  PHE A N   1 
ATOM   243  C  CA  . PHE A 1 49  ? -10.057 -12.625 15.443  1.00 25.55  ? 49  PHE A CA  1 
ATOM   244  C  C   . PHE A 1 49  ? -10.302 -11.309 14.728  1.00 26.31  ? 49  PHE A C   1 
ATOM   245  O  O   . PHE A 1 49  ? -9.504  -10.863 13.933  1.00 28.47  ? 49  PHE A O   1 
ATOM   246  C  CB  . PHE A 1 49  ? -9.044  -12.553 16.580  1.00 25.86  ? 49  PHE A CB  1 
ATOM   247  C  CG  . PHE A 1 49  ? -8.889  -13.762 17.455  1.00 25.31  ? 49  PHE A CG  1 
ATOM   248  C  CD1 . PHE A 1 49  ? -9.538  -14.965 17.202  1.00 22.88  ? 49  PHE A CD1 1 
ATOM   249  C  CD2 . PHE A 1 49  ? -8.008  -13.714 18.531  1.00 25.90  ? 49  PHE A CD2 1 
ATOM   250  C  CE1 . PHE A 1 49  ? -9.362  -16.077 18.009  1.00 24.46  ? 49  PHE A CE1 1 
ATOM   251  C  CE2 . PHE A 1 49  ? -7.832  -14.829 19.312  1.00 23.39  ? 49  PHE A CE2 1 
ATOM   252  C  CZ  . PHE A 1 49  ? -8.495  -16.001 19.073  1.00 25.01  ? 49  PHE A CZ  1 
ATOM   253  N  N   . ASP A 1 50  ? -11.436 -10.674 14.996  1.00 29.15  ? 50  ASP A N   1 
ATOM   254  C  CA  . ASP A 1 50  ? -11.842 -9.459  14.276  1.00 30.98  ? 50  ASP A CA  1 
ATOM   255  C  C   . ASP A 1 50  ? -11.014 -8.241  14.693  1.00 35.32  ? 50  ASP A C   1 
ATOM   256  O  O   . ASP A 1 50  ? -10.748 -8.028  15.908  1.00 35.04  ? 50  ASP A O   1 
ATOM   257  C  CB  . ASP A 1 50  ? -13.345 -9.228  14.470  1.00 35.48  ? 50  ASP A CB  1 
ATOM   258  C  CG  . ASP A 1 50  ? -14.140 -9.417  13.184  1.00 40.91  ? 50  ASP A CG  1 
ATOM   259  O  OD1 . ASP A 1 50  ? -13.554 -9.839  12.195  1.00 36.97  ? 50  ASP A OD1 1 
ATOM   260  O  OD2 . ASP A 1 50  ? -15.332 -9.103  13.167  1.00 38.07  ? 50  ASP A OD2 1 
ATOM   261  N  N   . HIS A 1 51  ? -10.608 -7.488  13.684  1.00 33.28  ? 51  HIS A N   1 
ATOM   262  C  CA  . HIS A 1 51  ? -10.129 -6.096  13.816  1.00 35.07  ? 51  HIS A CA  1 
ATOM   263  C  C   . HIS A 1 51  ? -10.830 -5.249  12.757  1.00 36.17  ? 51  HIS A C   1 
ATOM   264  O  O   . HIS A 1 51  ? -11.502 -5.836  11.877  1.00 37.59  ? 51  HIS A O   1 
ATOM   265  C  CB  . HIS A 1 51  ? -8.605  -6.053  13.729  1.00 32.13  ? 51  HIS A CB  1 
ATOM   266  C  CG  . HIS A 1 51  ? -7.988  -6.843  14.828  1.00 34.97  ? 51  HIS A CG  1 
ATOM   267  N  ND1 . HIS A 1 51  ? -7.802  -6.321  16.076  1.00 37.84  ? 51  HIS A ND1 1 
ATOM   268  C  CD2 . HIS A 1 51  ? -7.610  -8.143  14.889  1.00 34.03  ? 51  HIS A CD2 1 
ATOM   269  C  CE1 . HIS A 1 51  ? -7.285  -7.241  16.865  1.00 43.99  ? 51  HIS A CE1 1 
ATOM   270  N  NE2 . HIS A 1 51  ? -7.149  -8.372  16.155  1.00 37.85  ? 51  HIS A NE2 1 
ATOM   271  N  N   . ARG A 1 52  ? -10.613 -3.931  12.815  1.00 41.96  ? 52  ARG A N   1 
ATOM   272  C  CA  . ARG A 1 52  ? -11.290 -2.916  11.963  1.00 43.71  ? 52  ARG A CA  1 
ATOM   273  C  C   . ARG A 1 52  ? -11.169 -3.303  10.492  1.00 40.19  ? 52  ARG A C   1 
ATOM   274  O  O   . ARG A 1 52  ? -12.181 -3.307  9.792   1.00 42.73  ? 52  ARG A O   1 
ATOM   275  C  CB  . ARG A 1 52  ? -10.651 -1.550  12.237  1.00 52.29  ? 52  ARG A CB  1 
ATOM   276  C  CG  . ARG A 1 52  ? -11.246 -0.381  11.461  1.00 66.71  ? 52  ARG A CG  1 
ATOM   277  C  CD  . ARG A 1 52  ? -10.477 0.913   11.699  1.00 74.44  ? 52  ARG A CD  1 
ATOM   278  N  NE  . ARG A 1 52  ? -10.119 1.187   13.094  1.00 87.55  ? 52  ARG A NE  1 
ATOM   279  C  CZ  . ARG A 1 52  ? -10.969 1.513   14.078  1.00 89.38  ? 52  ARG A CZ  1 
ATOM   280  N  NH1 . ARG A 1 52  ? -12.274 1.579   13.866  1.00 85.95  ? 52  ARG A NH1 1 
ATOM   281  N  NH2 . ARG A 1 52  ? -10.503 1.756   15.291  1.00 91.44  ? 52  ARG A NH2 1 
ATOM   282  N  N   . PHE A 1 53  ? -9.970  -3.667  10.053  1.00 37.72  ? 53  PHE A N   1 
ATOM   283  C  CA  . PHE A 1 53  ? -9.675  -3.923  8.624   1.00 38.84  ? 53  PHE A CA  1 
ATOM   284  C  C   . PHE A 1 53  ? -10.533 -5.062  8.070   1.00 37.85  ? 53  PHE A C   1 
ATOM   285  O  O   . PHE A 1 53  ? -11.021 -4.915  6.938   1.00 37.41  ? 53  PHE A O   1 
ATOM   286  C  CB  . PHE A 1 53  ? -8.195  -4.191  8.361   1.00 38.51  ? 53  PHE A CB  1 
ATOM   287  C  CG  . PHE A 1 53  ? -7.910  -4.111  6.892   1.00 41.59  ? 53  PHE A CG  1 
ATOM   288  C  CD1 . PHE A 1 53  ? -8.134  -5.200  6.062   1.00 43.93  ? 53  PHE A CD1 1 
ATOM   289  C  CD2 . PHE A 1 53  ? -7.543  -2.906  6.316   1.00 48.13  ? 53  PHE A CD2 1 
ATOM   290  C  CE1 . PHE A 1 53  ? -7.942  -5.097  4.693   1.00 45.25  ? 53  PHE A CE1 1 
ATOM   291  C  CE2 . PHE A 1 53  ? -7.313  -2.819  4.950   1.00 49.34  ? 53  PHE A CE2 1 
ATOM   292  C  CZ  . PHE A 1 53  ? -7.512  -3.912  4.143   1.00 49.54  ? 53  PHE A CZ  1 
ATOM   293  N  N   . GLU A 1 54  ? -10.712 -6.177  8.776   1.00 33.09  ? 54  GLU A N   1 
ATOM   294  C  CA  . GLU A 1 54  ? -11.415 -7.329  8.142   1.00 30.89  ? 54  GLU A CA  1 
ATOM   295  C  C   . GLU A 1 54  ? -12.905 -7.351  8.558   1.00 32.23  ? 54  GLU A C   1 
ATOM   296  O  O   . GLU A 1 54  ? -13.615 -8.202  8.042   1.00 32.40  ? 54  GLU A O   1 
ATOM   297  C  CB  . GLU A 1 54  ? -10.763 -8.662  8.535   1.00 28.00  ? 54  GLU A CB  1 
ATOM   298  C  CG  . GLU A 1 54  ? -9.346  -8.843  8.032   1.00 30.16  ? 54  GLU A CG  1 
ATOM   299  C  CD  . GLU A 1 54  ? -8.870  -10.284 8.127   1.00 25.57  ? 54  GLU A CD  1 
ATOM   300  O  OE1 . GLU A 1 54  ? -8.511  -10.692 9.241   1.00 26.67  ? 54  GLU A OE1 1 
ATOM   301  O  OE2 . GLU A 1 54  ? -8.935  -11.003 7.101   1.00 28.72  ? 54  GLU A OE2 1 
ATOM   302  N  N   . ARG A 1 55  ? -13.330 -6.564  9.550   1.00 31.87  ? 55  ARG A N   1 
ATOM   303  C  CA  . ARG A 1 55  ? -14.718 -6.633  10.130  1.00 37.88  ? 55  ARG A CA  1 
ATOM   304  C  C   . ARG A 1 55  ? -15.738 -6.726  8.987   1.00 34.50  ? 55  ARG A C   1 
ATOM   305  O  O   . ARG A 1 55  ? -15.651 -5.930  8.073   1.00 40.33  ? 55  ARG A O   1 
ATOM   306  C  CB  . ARG A 1 55  ? -15.013 -5.410  11.017  1.00 45.94  ? 55  ARG A CB  1 
ATOM   307  C  CG  . ARG A 1 55  ? -16.237 -5.551  11.920  1.00 49.51  ? 55  ARG A CG  1 
ATOM   308  C  CD  . ARG A 1 55  ? -16.267 -4.590  13.110  1.00 55.41  ? 55  ARG A CD  1 
ATOM   309  N  NE  . ARG A 1 55  ? -14.986 -4.420  13.809  1.00 65.19  ? 55  ARG A NE  1 
ATOM   310  C  CZ  . ARG A 1 55  ? -14.529 -5.173  14.821  1.00 65.73  ? 55  ARG A CZ  1 
ATOM   311  N  NH1 . ARG A 1 55  ? -15.245 -6.178  15.308  1.00 70.89  ? 55  ARG A NH1 1 
ATOM   312  N  NH2 . ARG A 1 55  ? -13.343 -4.919  15.342  1.00 53.50  ? 55  ARG A NH2 1 
ATOM   313  N  N   . GLY A 1 56  ? -16.637 -7.706  9.019   1.00 36.00  ? 56  GLY A N   1 
ATOM   314  C  CA  . GLY A 1 56  ? -17.706 -7.841  8.006   1.00 41.40  ? 56  GLY A CA  1 
ATOM   315  C  C   . GLY A 1 56  ? -17.282 -8.480  6.682   1.00 43.64  ? 56  GLY A C   1 
ATOM   316  O  O   . GLY A 1 56  ? -18.193 -8.765  5.892   1.00 40.37  ? 56  GLY A O   1 
ATOM   317  N  N   . LEU A 1 57  ? -15.984 -8.760  6.415   1.00 37.58  ? 57  LEU A N   1 
ATOM   318  C  CA  . LEU A 1 57  ? -15.568 -9.343  5.105   1.00 35.41  ? 57  LEU A CA  1 
ATOM   319  C  C   . LEU A 1 57  ? -15.921 -10.827 5.035   1.00 33.85  ? 57  LEU A C   1 
ATOM   320  O  O   . LEU A 1 57  ? -15.775 -11.516 6.061   1.00 35.51  ? 57  LEU A O   1 
ATOM   321  C  CB  . LEU A 1 57  ? -14.060 -9.142  4.894   1.00 33.32  ? 57  LEU A CB  1 
ATOM   322  C  CG  . LEU A 1 57  ? -13.617 -7.702  4.726   1.00 38.33  ? 57  LEU A CG  1 
ATOM   323  C  CD1 . LEU A 1 57  ? -12.130 -7.658  4.447   1.00 41.97  ? 57  LEU A CD1 1 
ATOM   324  C  CD2 . LEU A 1 57  ? -14.388 -7.001  3.593   1.00 38.36  ? 57  LEU A CD2 1 
ATOM   325  N  N   . GLU A 1 58  ? -16.333 -11.294 3.846   1.00 31.32  ? 58  GLU A N   1 
ATOM   326  C  CA  . GLU A 1 58  ? -16.755 -12.682 3.534   1.00 33.72  ? 58  GLU A CA  1 
ATOM   327  C  C   . GLU A 1 58  ? -15.860 -13.249 2.415   1.00 32.41  ? 58  GLU A C   1 
ATOM   328  O  O   . GLU A 1 58  ? -15.301 -12.467 1.659   1.00 34.79  ? 58  GLU A O   1 
ATOM   329  C  CB  . GLU A 1 58  ? -18.207 -12.721 3.048   1.00 37.23  ? 58  GLU A CB  1 
ATOM   330  C  CG  . GLU A 1 58  ? -19.233 -12.242 4.058   1.00 44.65  ? 58  GLU A CG  1 
ATOM   331  C  CD  . GLU A 1 58  ? -20.666 -12.175 3.492   1.00 50.72  ? 58  GLU A CD  1 
ATOM   332  O  OE1 . GLU A 1 58  ? -20.847 -12.164 2.234   1.00 54.83  ? 58  GLU A OE1 1 
ATOM   333  O  OE2 . GLU A 1 58  ? -21.611 -12.120 4.298   1.00 57.87  ? 58  GLU A OE2 1 
ATOM   334  N  N   . LYS A 1 59  ? -15.783 -14.563 2.268   1.00 32.82  ? 59  LYS A N   1 
ATOM   335  C  CA  . LYS A 1 59  ? -15.147 -15.207 1.086   1.00 36.23  ? 59  LYS A CA  1 
ATOM   336  C  C   . LYS A 1 59  ? -13.689 -14.719 1.005   1.00 34.56  ? 59  LYS A C   1 
ATOM   337  O  O   . LYS A 1 59  ? -13.177 -14.456 -0.096  1.00 34.49  ? 59  LYS A O   1 
ATOM   338  C  CB  . LYS A 1 59  ? -15.999 -14.911 -0.162  1.00 40.49  ? 59  LYS A CB  1 
ATOM   339  C  CG  . LYS A 1 59  ? -17.438 -15.435 -0.051  1.00 40.78  ? 59  LYS A CG  1 
ATOM   340  C  CD  . LYS A 1 59  ? -18.394 -14.857 -1.071  1.00 49.20  ? 59  LYS A CD  1 
ATOM   341  C  CE  . LYS A 1 59  ? -18.065 -15.271 -2.481  1.00 51.87  ? 59  LYS A CE  1 
ATOM   342  N  NZ  . LYS A 1 59  ? -18.089 -16.745 -2.628  1.00 60.17  ? 59  LYS A NZ  1 
ATOM   343  N  N   . VAL A 1 60  ? -13.033 -14.580 2.157   1.00 29.90  ? 60  VAL A N   1 
ATOM   344  C  CA  . VAL A 1 60  ? -11.657 -13.994 2.223   1.00 29.73  ? 60  VAL A CA  1 
ATOM   345  C  C   . VAL A 1 60  ? -10.594 -15.023 1.830   1.00 25.28  ? 60  VAL A C   1 
ATOM   346  O  O   . VAL A 1 60  ? -10.650 -16.157 2.282   1.00 28.76  ? 60  VAL A O   1 
ATOM   347  C  CB  . VAL A 1 60  ? -11.358 -13.429 3.629   1.00 27.65  ? 60  VAL A CB  1 
ATOM   348  C  CG1 . VAL A 1 60  ? -9.906  -12.929 3.758   1.00 27.80  ? 60  VAL A CG1 1 
ATOM   349  C  CG2 . VAL A 1 60  ? -12.344 -12.319 3.983   1.00 30.94  ? 60  VAL A CG2 1 
ATOM   350  N  N   . THR A 1 61  ? -9.656  -14.599 0.992   1.00 27.92  ? 61  THR A N   1 
ATOM   351  C  CA  . THR A 1 61  ? -8.449  -15.365 0.592   1.00 29.87  ? 61  THR A CA  1 
ATOM   352  C  C   . THR A 1 61  ? -7.207  -14.499 0.779   1.00 29.97  ? 61  THR A C   1 
ATOM   353  O  O   . THR A 1 61  ? -7.290  -13.255 0.857   1.00 27.22  ? 61  THR A O   1 
ATOM   354  C  CB  . THR A 1 61  ? -8.541  -15.867 -0.865  1.00 31.14  ? 61  THR A CB  1 
ATOM   355  O  OG1 . THR A 1 61  ? -8.768  -14.754 -1.741  1.00 32.95  ? 61  THR A OG1 1 
ATOM   356  C  CG2 . THR A 1 61  ? -9.655  -16.874 -1.035  1.00 34.37  ? 61  THR A CG2 1 
ATOM   357  N  N   . ALA A 1 62  ? -6.052  -15.170 0.798   1.00 26.80  ? 62  ALA A N   1 
ATOM   358  C  CA  . ALA A 1 62  ? -4.721  -14.544 0.722   1.00 27.66  ? 62  ALA A CA  1 
ATOM   359  C  C   . ALA A 1 62  ? -3.914  -15.377 -0.275  1.00 28.94  ? 62  ALA A C   1 
ATOM   360  O  O   . ALA A 1 62  ? -4.027  -16.619 -0.232  1.00 28.08  ? 62  ALA A O   1 
ATOM   361  C  CB  . ALA A 1 62  ? -4.018  -14.533 2.077   1.00 27.75  ? 62  ALA A CB  1 
ATOM   362  N  N   . THR A 1 63  ? -3.142  -14.752 -1.160  1.00 30.41  ? 63  THR A N   1 
ATOM   363  C  CA  . THR A 1 63  ? -2.351  -15.513 -2.152  1.00 30.59  ? 63  THR A CA  1 
ATOM   364  C  C   . THR A 1 63  ? -0.897  -15.073 -1.981  1.00 29.83  ? 63  THR A C   1 
ATOM   365  O  O   . THR A 1 63  ? -0.634  -13.875 -2.020  1.00 28.56  ? 63  THR A O   1 
ATOM   366  C  CB  . THR A 1 63  ? -2.930  -15.330 -3.566  1.00 30.17  ? 63  THR A CB  1 
ATOM   367  O  OG1 . THR A 1 63  ? -4.247  -15.897 -3.624  1.00 32.44  ? 63  THR A OG1 1 
ATOM   368  C  CG2 . THR A 1 63  ? -2.057  -15.968 -4.619  1.00 29.20  ? 63  THR A CG2 1 
ATOM   369  N  N   . TYR A 1 64  ? 0.008   -16.013 -1.739  1.00 26.62  ? 64  TYR A N   1 
ATOM   370  C  CA  . TYR A 1 64  ? 1.418   -15.702 -1.429  1.00 26.61  ? 64  TYR A CA  1 
ATOM   371  C  C   . TYR A 1 64  ? 2.252   -16.010 -2.666  1.00 26.70  ? 64  TYR A C   1 
ATOM   372  O  O   . TYR A 1 64  ? 1.998   -17.043 -3.377  1.00 26.93  ? 64  TYR A O   1 
ATOM   373  C  CB  . TYR A 1 64  ? 1.906   -16.491 -0.218  1.00 27.77  ? 64  TYR A CB  1 
ATOM   374  C  CG  . TYR A 1 64  ? 1.102   -16.190 1.016   1.00 26.20  ? 64  TYR A CG  1 
ATOM   375  C  CD1 . TYR A 1 64  ? 1.362   -15.091 1.820   1.00 26.23  ? 64  TYR A CD1 1 
ATOM   376  C  CD2 . TYR A 1 64  ? -0.040  -16.908 1.285   1.00 27.94  ? 64  TYR A CD2 1 
ATOM   377  C  CE1 . TYR A 1 64  ? 0.566   -14.817 2.921   1.00 27.28  ? 64  TYR A CE1 1 
ATOM   378  C  CE2 . TYR A 1 64  ? -0.848  -16.628 2.372   1.00 26.46  ? 64  TYR A CE2 1 
ATOM   379  C  CZ  . TYR A 1 64  ? -0.541  -15.595 3.212   1.00 26.54  ? 64  TYR A CZ  1 
ATOM   380  O  OH  . TYR A 1 64  ? -1.393  -15.314 4.293   1.00 27.09  ? 64  TYR A OH  1 
ATOM   381  N  N   . SER A 1 65  ? 3.232   -15.154 -2.905  1.00 26.81  ? 65  SER A N   1 
ATOM   382  C  CA  . SER A 1 65  ? 4.216   -15.373 -3.994  1.00 27.66  ? 65  SER A CA  1 
ATOM   383  C  C   . SER A 1 65  ? 5.611   -14.984 -3.488  1.00 28.64  ? 65  SER A C   1 
ATOM   384  O  O   . SER A 1 65  ? 5.786   -14.284 -2.488  1.00 27.79  ? 65  SER A O   1 
ATOM   385  C  CB  . SER A 1 65  ? 3.753   -14.632 -5.246  1.00 28.83  ? 65  SER A CB  1 
ATOM   386  O  OG  . SER A 1 65  ? 3.650   -13.247 -4.991  1.00 29.90  ? 65  SER A OG  1 
ATOM   387  N  N   . LEU A 1 66  ? 6.635   -15.530 -4.111  1.00 31.81  ? 66  LEU A N   1 
ATOM   388  C  CA  . LEU A 1 66  ? 7.998   -15.349 -3.625  1.00 30.32  ? 66  LEU A CA  1 
ATOM   389  C  C   . LEU A 1 66  ? 8.612   -14.114 -4.294  1.00 31.30  ? 66  LEU A C   1 
ATOM   390  O  O   . LEU A 1 66  ? 8.555   -14.043 -5.513  1.00 34.25  ? 66  LEU A O   1 
ATOM   391  C  CB  . LEU A 1 66  ? 8.728   -16.637 -3.988  1.00 34.76  ? 66  LEU A CB  1 
ATOM   392  C  CG  . LEU A 1 66  ? 10.121  -16.780 -3.418  1.00 32.79  ? 66  LEU A CG  1 
ATOM   393  C  CD1 . LEU A 1 66  ? 10.144  -16.692 -1.892  1.00 32.79  ? 66  LEU A CD1 1 
ATOM   394  C  CD2 . LEU A 1 66  ? 10.674  -18.129 -3.870  1.00 36.11  ? 66  LEU A CD2 1 
ATOM   395  N  N   . ARG A 1 67  ? 9.169   -13.195 -3.533  1.00 34.18  ? 67  ARG A N   1 
ATOM   396  C  CA  . ARG A 1 67  ? 9.917   -12.029 -4.095  1.00 33.60  ? 67  ARG A CA  1 
ATOM   397  C  C   . ARG A 1 67  ? 11.343  -12.433 -4.501  1.00 37.27  ? 67  ARG A C   1 
ATOM   398  O  O   . ARG A 1 67  ? 11.937  -13.344 -3.869  1.00 32.20  ? 67  ARG A O   1 
ATOM   399  C  CB  . ARG A 1 67  ? 9.993   -10.918 -3.057  1.00 32.37  ? 67  ARG A CB  1 
ATOM   400  C  CG  . ARG A 1 67  ? 8.640   -10.266 -2.818  1.00 32.41  ? 67  ARG A CG  1 
ATOM   401  C  CD  . ARG A 1 67  ? 8.627   -9.518  -1.517  1.00 31.66  ? 67  ARG A CD  1 
ATOM   402  N  NE  . ARG A 1 67  ? 9.562   -8.413  -1.620  1.00 40.57  ? 67  ARG A NE  1 
ATOM   403  C  CZ  . ARG A 1 67  ? 9.304   -7.262  -2.231  1.00 38.98  ? 67  ARG A CZ  1 
ATOM   404  N  NH1 . ARG A 1 67  ? 8.126   -7.040  -2.802  1.00 38.20  ? 67  ARG A NH1 1 
ATOM   405  N  NH2 . ARG A 1 67  ? 10.243  -6.328  -2.269  1.00 43.07  ? 67  ARG A NH2 1 
ATOM   406  N  N   . ASP A 1 68  ? 11.887  -11.753 -5.514  1.00 40.22  ? 68  ASP A N   1 
ATOM   407  C  CA  . ASP A 1 68  ? 13.312  -11.877 -5.920  1.00 41.78  ? 68  ASP A CA  1 
ATOM   408  C  C   . ASP A 1 68  ? 14.236  -11.656 -4.720  1.00 41.13  ? 68  ASP A C   1 
ATOM   409  O  O   . ASP A 1 68  ? 15.321  -12.239 -4.725  1.00 44.10  ? 68  ASP A O   1 
ATOM   410  C  CB  . ASP A 1 68  ? 13.652  -10.882 -7.037  1.00 47.55  ? 68  ASP A CB  1 
ATOM   411  C  CG  . ASP A 1 68  ? 12.985  -11.207 -8.359  1.00 55.35  ? 68  ASP A CG  1 
ATOM   412  O  OD1 . ASP A 1 68  ? 12.398  -12.303 -8.461  1.00 56.63  ? 68  ASP A OD1 1 
ATOM   413  O  OD2 . ASP A 1 68  ? 13.060  -10.361 -9.275  1.00 65.39  ? 68  ASP A OD2 1 
ATOM   414  N  N   . ASP A 1 69  ? 13.847  -10.838 -3.737  1.00 42.98  ? 69  ASP A N   1 
ATOM   415  C  CA  . ASP A 1 69  ? 14.699  -10.483 -2.563  1.00 36.99  ? 69  ASP A CA  1 
ATOM   416  C  C   . ASP A 1 69  ? 14.509  -11.468 -1.388  1.00 36.11  ? 69  ASP A C   1 
ATOM   417  O  O   . ASP A 1 69  ? 15.119  -11.236 -0.350  1.00 35.65  ? 69  ASP A O   1 
ATOM   418  C  CB  . ASP A 1 69  ? 14.460  -9.038  -2.094  1.00 38.57  ? 69  ASP A CB  1 
ATOM   419  C  CG  . ASP A 1 69  ? 13.086  -8.749  -1.493  1.00 45.51  ? 69  ASP A CG  1 
ATOM   420  O  OD1 . ASP A 1 69  ? 12.281  -9.732  -1.294  1.00 38.52  ? 69  ASP A OD1 1 
ATOM   421  O  OD2 . ASP A 1 69  ? 12.802  -7.552  -1.243  1.00 41.54  ? 69  ASP A OD2 1 
ATOM   422  N  N   . GLY A 1 70  ? 13.643  -12.479 -1.510  1.00 35.39  ? 70  GLY A N   1 
ATOM   423  C  CA  . GLY A 1 70  ? 13.510  -13.513 -0.462  1.00 34.61  ? 70  GLY A CA  1 
ATOM   424  C  C   . GLY A 1 70  ? 12.324  -13.236 0.455   1.00 35.97  ? 70  GLY A C   1 
ATOM   425  O  O   . GLY A 1 70  ? 11.999  -14.090 1.287   1.00 32.34  ? 70  GLY A O   1 
ATOM   426  N  N   . GLY A 1 71  ? 11.663  -12.088 0.301   1.00 34.46  ? 71  GLY A N   1 
ATOM   427  C  CA  . GLY A 1 71  ? 10.399  -11.874 1.040   1.00 34.60  ? 71  GLY A CA  1 
ATOM   428  C  C   . GLY A 1 71  ? 9.262   -12.610 0.378   1.00 32.82  ? 71  GLY A C   1 
ATOM   429  O  O   . GLY A 1 71  ? 9.433   -13.168 -0.720  1.00 29.43  ? 71  GLY A O   1 
ATOM   430  N  N   . LEU A 1 72  ? 8.091   -12.630 1.027   1.00 29.54  ? 72  LEU A N   1 
ATOM   431  C  CA  . LEU A 1 72  ? 6.827   -13.051 0.388   1.00 29.95  ? 72  LEU A CA  1 
ATOM   432  C  C   . LEU A 1 72  ? 5.987   -11.821 0.042   1.00 29.02  ? 72  LEU A C   1 
ATOM   433  O  O   . LEU A 1 72  ? 5.886   -10.952 0.907   1.00 33.94  ? 72  LEU A O   1 
ATOM   434  C  CB  . LEU A 1 72  ? 6.044   -13.893 1.398   1.00 29.52  ? 72  LEU A CB  1 
ATOM   435  C  CG  . LEU A 1 72  ? 6.712   -15.192 1.842   1.00 31.23  ? 72  LEU A CG  1 
ATOM   436  C  CD1 . LEU A 1 72  ? 5.747   -15.990 2.696   1.00 34.57  ? 72  LEU A CD1 1 
ATOM   437  C  CD2 . LEU A 1 72  ? 7.120   -16.022 0.628   1.00 32.32  ? 72  LEU A CD2 1 
ATOM   438  N  N   . ASN A 1 73  ? 5.447   -11.780 -1.161  1.00 28.38  ? 73  ASN A N   1 
ATOM   439  C  CA  . ASN A 1 73  ? 4.365   -10.840 -1.524  1.00 28.46  ? 73  ASN A CA  1 
ATOM   440  C  C   . ASN A 1 73  ? 3.044   -11.516 -1.170  1.00 32.65  ? 73  ASN A C   1 
ATOM   441  O  O   . ASN A 1 73  ? 2.941   -12.746 -1.341  1.00 30.70  ? 73  ASN A O   1 
ATOM   442  C  CB  . ASN A 1 73  ? 4.373   -10.502 -3.013  1.00 28.27  ? 73  ASN A CB  1 
ATOM   443  C  CG  . ASN A 1 73  ? 5.291   -9.343  -3.358  1.00 32.11  ? 73  ASN A CG  1 
ATOM   444  O  OD1 . ASN A 1 73  ? 5.786   -8.640  -2.487  1.00 33.63  ? 73  ASN A OD1 1 
ATOM   445  N  ND2 . ASN A 1 73  ? 5.531   -9.180  -4.641  1.00 38.06  ? 73  ASN A ND2 1 
ATOM   446  N  N   . PHE A 1 74  ? 2.041   -10.752 -0.778  1.00 32.57  ? 74  PHE A N   1 
ATOM   447  C  CA  . PHE A 1 74  ? 0.691   -11.339 -0.649  1.00 30.92  ? 74  PHE A CA  1 
ATOM   448  C  C   . PHE A 1 74  ? -0.394  -10.385 -1.121  1.00 33.75  ? 74  PHE A C   1 
ATOM   449  O  O   . PHE A 1 74  ? -0.219  -9.182  -1.049  1.00 36.93  ? 74  PHE A O   1 
ATOM   450  C  CB  . PHE A 1 74  ? 0.411   -11.804 0.775   1.00 31.06  ? 74  PHE A CB  1 
ATOM   451  C  CG  . PHE A 1 74  ? 0.579   -10.747 1.830   1.00 32.78  ? 74  PHE A CG  1 
ATOM   452  C  CD1 . PHE A 1 74  ? -0.473  -9.907  2.146   1.00 44.19  ? 74  PHE A CD1 1 
ATOM   453  C  CD2 . PHE A 1 74  ? 1.780   -10.544 2.462   1.00 35.57  ? 74  PHE A CD2 1 
ATOM   454  C  CE1 . PHE A 1 74  ? -0.321  -8.929  3.111   1.00 48.92  ? 74  PHE A CE1 1 
ATOM   455  C  CE2 . PHE A 1 74  ? 1.932   -9.576  3.428   1.00 39.55  ? 74  PHE A CE2 1 
ATOM   456  C  CZ  . PHE A 1 74  ? 0.890   -8.745  3.733   1.00 46.02  ? 74  PHE A CZ  1 
ATOM   457  N  N   . ILE A 1 75  ? -1.449  -10.986 -1.661  1.00 32.80  ? 75  ILE A N   1 
ATOM   458  C  CA  . ILE A 1 75  ? -2.675  -10.243 -2.041  1.00 35.25  ? 75  ILE A CA  1 
ATOM   459  C  C   . ILE A 1 75  ? -3.790  -10.851 -1.194  1.00 34.17  ? 75  ILE A C   1 
ATOM   460  O  O   . ILE A 1 75  ? -3.978  -12.064 -1.240  1.00 30.72  ? 75  ILE A O   1 
ATOM   461  C  CB  . ILE A 1 75  ? -2.931  -10.294 -3.565  1.00 36.46  ? 75  ILE A CB  1 
ATOM   462  C  CG1 . ILE A 1 75  ? -1.956  -9.391  -4.332  1.00 48.83  ? 75  ILE A CG1 1 
ATOM   463  C  CG2 . ILE A 1 75  ? -4.370  -9.876  -3.874  1.00 37.66  ? 75  ILE A CG2 1 
ATOM   464  C  CD1 . ILE A 1 75  ? -0.531  -9.895  -4.488  1.00 57.82  ? 75  ILE A CD1 1 
ATOM   465  N  N   . ASN A 1 76  ? -4.509  -10.003 -0.483  1.00 32.79  ? 76  ASN A N   1 
ATOM   466  C  CA  . ASN A 1 76  ? -5.708  -10.366 0.308   1.00 33.56  ? 76  ASN A CA  1 
ATOM   467  C  C   . ASN A 1 76  ? -6.959  -9.977  -0.485  1.00 33.02  ? 76  ASN A C   1 
ATOM   468  O  O   . ASN A 1 76  ? -6.992  -8.850  -0.991  1.00 35.37  ? 76  ASN A O   1 
ATOM   469  C  CB  . ASN A 1 76  ? -5.676  -9.644  1.652   1.00 33.84  ? 76  ASN A CB  1 
ATOM   470  C  CG  . ASN A 1 76  ? -4.425  -9.893  2.466   1.00 38.37  ? 76  ASN A CG  1 
ATOM   471  O  OD1 . ASN A 1 76  ? -3.708  -8.949  2.799   1.00 39.91  ? 76  ASN A OD1 1 
ATOM   472  N  ND2 . ASN A 1 76  ? -4.165  -11.146 2.799   1.00 34.36  ? 76  ASN A ND2 1 
ATOM   473  N  N   . LYS A 1 77  ? -7.952  -10.858 -0.588  1.00 34.90  ? 77  LYS A N   1 
ATOM   474  C  CA  . LYS A 1 77  ? -9.220  -10.533 -1.302  1.00 36.50  ? 77  LYS A CA  1 
ATOM   475  C  C   . LYS A 1 77  ? -10.385 -10.911 -0.381  1.00 36.16  ? 77  LYS A C   1 
ATOM   476  O  O   . LYS A 1 77  ? -10.303 -11.927 0.287   1.00 31.28  ? 77  LYS A O   1 
ATOM   477  C  CB  . LYS A 1 77  ? -9.313  -11.270 -2.640  1.00 38.65  ? 77  LYS A CB  1 
ATOM   478  C  CG  . LYS A 1 77  ? -8.539  -10.678 -3.808  1.00 47.60  ? 77  LYS A CG  1 
ATOM   479  C  CD  . LYS A 1 77  ? -8.717  -11.511 -5.069  1.00 47.48  ? 77  LYS A CD  1 
ATOM   480  C  CE  . LYS A 1 77  ? -7.521  -11.458 -6.000  1.00 53.63  ? 77  LYS A CE  1 
ATOM   481  N  NZ  . LYS A 1 77  ? -7.700  -12.373 -7.152  1.00 59.37  ? 77  LYS A NZ  1 
ATOM   482  N  N   . GLY A 1 78  ? -11.449 -10.113 -0.367  1.00 33.21  ? 78  GLY A N   1 
ATOM   483  C  CA  . GLY A 1 78  ? -12.648 -10.400 0.430   1.00 33.38  ? 78  GLY A CA  1 
ATOM   484  C  C   . GLY A 1 78  ? -13.843 -9.595  -0.095  1.00 36.48  ? 78  GLY A C   1 
ATOM   485  O  O   . GLY A 1 78  ? -13.653 -8.614  -0.798  1.00 37.88  ? 78  GLY A O   1 
ATOM   486  N  N   . TYR A 1 79  ? -15.049 -10.070 0.166   1.00 39.66  ? 79  TYR A N   1 
ATOM   487  C  CA  . TYR A 1 79  ? -16.278 -9.408  -0.322  1.00 37.79  ? 79  TYR A CA  1 
ATOM   488  C  C   . TYR A 1 79  ? -16.875 -8.661  0.863   1.00 38.14  ? 79  TYR A C   1 
ATOM   489  O  O   . TYR A 1 79  ? -16.964 -9.258  1.983   1.00 35.80  ? 79  TYR A O   1 
ATOM   490  C  CB  . TYR A 1 79  ? -17.217 -10.469 -0.895  1.00 41.31  ? 79  TYR A CB  1 
ATOM   491  C  CG  . TYR A 1 79  ? -18.520 -9.889  -1.372  1.00 42.82  ? 79  TYR A CG  1 
ATOM   492  C  CD1 . TYR A 1 79  ? -18.591 -9.246  -2.597  1.00 45.32  ? 79  TYR A CD1 1 
ATOM   493  C  CD2 . TYR A 1 79  ? -19.656 -9.954  -0.579  1.00 43.61  ? 79  TYR A CD2 1 
ATOM   494  C  CE1 . TYR A 1 79  ? -19.786 -8.708  -3.048  1.00 48.55  ? 79  TYR A CE1 1 
ATOM   495  C  CE2 . TYR A 1 79  ? -20.850 -9.390  -1.004  1.00 51.94  ? 79  TYR A CE2 1 
ATOM   496  C  CZ  . TYR A 1 79  ? -20.911 -8.770  -2.242  1.00 50.65  ? 79  TYR A CZ  1 
ATOM   497  O  OH  . TYR A 1 79  ? -22.089 -8.225  -2.665  1.00 61.95  ? 79  TYR A OH  1 
ATOM   498  N  N   . ASN A 1 80  ? -17.228 -7.394  0.661   1.00 41.68  ? 80  ASN A N   1 
ATOM   499  C  CA  . ASN A 1 80  ? -17.879 -6.561  1.700   1.00 44.09  ? 80  ASN A CA  1 
ATOM   500  C  C   . ASN A 1 80  ? -19.391 -6.489  1.423   1.00 48.90  ? 80  ASN A C   1 
ATOM   501  O  O   . ASN A 1 80  ? -19.816 -5.830  0.485   1.00 45.35  ? 80  ASN A O   1 
ATOM   502  C  CB  . ASN A 1 80  ? -17.207 -5.197  1.770   1.00 47.91  ? 80  ASN A CB  1 
ATOM   503  C  CG  . ASN A 1 80  ? -17.838 -4.328  2.833   1.00 54.61  ? 80  ASN A CG  1 
ATOM   504  O  OD1 . ASN A 1 80  ? -18.984 -4.553  3.210   1.00 57.68  ? 80  ASN A OD1 1 
ATOM   505  N  ND2 . ASN A 1 80  ? -17.102 -3.352  3.324   1.00 57.66  ? 80  ASN A ND2 1 
ATOM   506  N  N   . PRO A 1 81  ? -20.250 -7.241  2.151   1.00 58.72  ? 81  PRO A N   1 
ATOM   507  C  CA  . PRO A 1 81  ? -21.688 -7.295  1.848   1.00 59.96  ? 81  PRO A CA  1 
ATOM   508  C  C   . PRO A 1 81  ? -22.421 -5.959  2.072   1.00 62.25  ? 81  PRO A C   1 
ATOM   509  O  O   . PRO A 1 81  ? -23.349 -5.680  1.323   1.00 59.93  ? 81  PRO A O   1 
ATOM   510  C  CB  . PRO A 1 81  ? -22.242 -8.354  2.823   1.00 59.27  ? 81  PRO A CB  1 
ATOM   511  C  CG  . PRO A 1 81  ? -21.030 -9.160  3.214   1.00 63.22  ? 81  PRO A CG  1 
ATOM   512  C  CD  . PRO A 1 81  ? -19.888 -8.160  3.241   1.00 59.32  ? 81  PRO A CD  1 
ATOM   513  N  N   . ASP A 1 82  ? -21.991 -5.200  3.089   1.00 62.09  ? 82  ASP A N   1 
ATOM   514  C  CA  . ASP A 1 82  ? -22.443 -3.814  3.393   1.00 66.73  ? 82  ASP A CA  1 
ATOM   515  C  C   . ASP A 1 82  ? -22.432 -2.983  2.115   1.00 67.16  ? 82  ASP A C   1 
ATOM   516  O  O   . ASP A 1 82  ? -23.502 -2.503  1.722   1.00 76.54  ? 82  ASP A O   1 
ATOM   517  C  CB  . ASP A 1 82  ? -21.519 -3.089  4.375   1.00 71.79  ? 82  ASP A CB  1 
ATOM   518  C  CG  . ASP A 1 82  ? -21.980 -3.163  5.812   1.00 77.05  ? 82  ASP A CG  1 
ATOM   519  O  OD1 . ASP A 1 82  ? -22.629 -4.171  6.159   1.00 73.42  ? 82  ASP A OD1 1 
ATOM   520  O  OD2 . ASP A 1 82  ? -21.700 -2.197  6.562   1.00 83.90  ? 82  ASP A OD2 1 
ATOM   521  N  N   . ARG A 1 83  ? -21.251 -2.837  1.512   1.00 60.28  ? 83  ARG A N   1 
ATOM   522  C  CA  . ARG A 1 83  ? -21.007 -1.984  0.326   1.00 61.05  ? 83  ARG A CA  1 
ATOM   523  C  C   . ARG A 1 83  ? -21.200 -2.791  -0.968  1.00 58.60  ? 83  ARG A C   1 
ATOM   524  O  O   . ARG A 1 83  ? -21.026 -2.205  -2.045  1.00 58.43  ? 83  ARG A O   1 
ATOM   525  C  CB  . ARG A 1 83  ? -19.593 -1.413  0.385   1.00 69.48  ? 83  ARG A CB  1 
ATOM   526  C  CG  . ARG A 1 83  ? -19.158 -0.891  1.747   1.00 72.95  ? 83  ARG A CG  1 
ATOM   527  C  CD  . ARG A 1 83  ? -17.696 -0.487  1.675   1.00 79.32  ? 83  ARG A CD  1 
ATOM   528  N  NE  . ARG A 1 83  ? -17.404 0.185   0.411   1.00 90.24  ? 83  ARG A NE  1 
ATOM   529  C  CZ  . ARG A 1 83  ? -17.572 1.487   0.169   1.00 99.32  ? 83  ARG A CZ  1 
ATOM   530  N  NH1 . ARG A 1 83  ? -18.016 2.298   1.117   1.00 107.83 ? 83  ARG A NH1 1 
ATOM   531  N  NH2 . ARG A 1 83  ? -17.288 1.981   -1.027  1.00 98.18  ? 83  ARG A NH2 1 
ATOM   532  N  N   . GLY A 1 84  ? -21.517 -4.088  -0.867  1.00 53.45  ? 84  GLY A N   1 
ATOM   533  C  CA  . GLY A 1 84  ? -21.830 -4.991  -1.992  1.00 48.95  ? 84  GLY A CA  1 
ATOM   534  C  C   . GLY A 1 84  ? -20.706 -5.125  -3.007  1.00 53.35  ? 84  GLY A C   1 
ATOM   535  O  O   . GLY A 1 84  ? -21.018 -5.301  -4.210  1.00 51.85  ? 84  GLY A O   1 
ATOM   536  N  N   . MET A 1 85  ? -19.436 -5.097  -2.586  1.00 49.60  ? 85  MET A N   1 
ATOM   537  C  CA  . MET A 1 85  ? -18.324 -5.170  -3.575  1.00 52.29  ? 85  MET A CA  1 
ATOM   538  C  C   . MET A 1 85  ? -17.094 -5.882  -2.999  1.00 45.75  ? 85  MET A C   1 
ATOM   539  O  O   . MET A 1 85  ? -16.894 -5.876  -1.754  1.00 37.06  ? 85  MET A O   1 
ATOM   540  C  CB  . MET A 1 85  ? -17.928 -3.779  -4.083  1.00 57.62  ? 85  MET A CB  1 
ATOM   541  C  CG  . MET A 1 85  ? -17.551 -2.796  -2.990  1.00 70.17  ? 85  MET A CG  1 
ATOM   542  S  SD  . MET A 1 85  ? -17.454 -1.101  -3.650  1.00 92.76  ? 85  MET A SD  1 
ATOM   543  C  CE  . MET A 1 85  ? -18.942 -0.371  -2.969  1.00 91.90  ? 85  MET A CE  1 
ATOM   544  N  N   . TRP A 1 86  ? -16.317 -6.457  -3.912  1.00 48.14  ? 86  TRP A N   1 
ATOM   545  C  CA  . TRP A 1 86  ? -14.984 -7.062  -3.665  1.00 48.11  ? 86  TRP A CA  1 
ATOM   546  C  C   . TRP A 1 86  ? -13.964 -5.980  -3.302  1.00 47.18  ? 86  TRP A C   1 
ATOM   547  O  O   . TRP A 1 86  ? -14.042 -4.867  -3.785  1.00 47.94  ? 86  TRP A O   1 
ATOM   548  C  CB  . TRP A 1 86  ? -14.564 -7.874  -4.885  1.00 45.29  ? 86  TRP A CB  1 
ATOM   549  C  CG  . TRP A 1 86  ? -15.324 -9.155  -4.979  1.00 47.22  ? 86  TRP A CG  1 
ATOM   550  C  CD1 . TRP A 1 86  ? -16.433 -9.407  -5.736  1.00 49.93  ? 86  TRP A CD1 1 
ATOM   551  C  CD2 . TRP A 1 86  ? -15.037 -10.366 -4.253  1.00 44.32  ? 86  TRP A CD2 1 
ATOM   552  N  NE1 . TRP A 1 86  ? -16.845 -10.703 -5.553  1.00 51.70  ? 86  TRP A NE1 1 
ATOM   553  C  CE2 . TRP A 1 86  ? -16.014 -11.313 -4.642  1.00 52.33  ? 86  TRP A CE2 1 
ATOM   554  C  CE3 . TRP A 1 86  ? -14.051 -10.738 -3.331  1.00 41.09  ? 86  TRP A CE3 1 
ATOM   555  C  CZ2 . TRP A 1 86  ? -16.015 -12.619 -4.141  1.00 53.33  ? 86  TRP A CZ2 1 
ATOM   556  C  CZ3 . TRP A 1 86  ? -14.054 -12.028 -2.841  1.00 45.65  ? 86  TRP A CZ3 1 
ATOM   557  C  CH2 . TRP A 1 86  ? -15.019 -12.957 -3.243  1.00 47.19  ? 86  TRP A CH2 1 
ATOM   558  N  N   . GLN A 1 87  ? -13.059 -6.314  -2.404  1.00 47.39  ? 87  GLN A N   1 
ATOM   559  C  CA  . GLN A 1 87  ? -12.021 -5.394  -1.887  1.00 48.50  ? 87  GLN A CA  1 
ATOM   560  C  C   . GLN A 1 87  ? -10.726 -6.206  -1.922  1.00 50.82  ? 87  GLN A C   1 
ATOM   561  O  O   . GLN A 1 87  ? -10.795 -7.481  -1.984  1.00 36.77  ? 87  GLN A O   1 
ATOM   562  C  CB  . GLN A 1 87  ? -12.487 -4.902  -0.517  1.00 43.62  ? 87  GLN A CB  1 
ATOM   563  C  CG  . GLN A 1 87  ? -11.448 -4.236  0.365   1.00 56.36  ? 87  GLN A CG  1 
ATOM   564  C  CD  . GLN A 1 87  ? -12.070 -3.871  1.699   1.00 64.22  ? 87  GLN A CD  1 
ATOM   565  O  OE1 . GLN A 1 87  ? -11.381 -3.529  2.662   1.00 74.02  ? 87  GLN A OE1 1 
ATOM   566  N  NE2 . GLN A 1 87  ? -13.393 -3.954  1.772   1.00 53.49  ? 87  GLN A NE2 1 
ATOM   567  N  N   . GLN A 1 88  ? -9.594  -5.525  -1.996  1.00 50.15  ? 88  GLN A N   1 
ATOM   568  C  CA  . GLN A 1 88  ? -8.289  -6.231  -1.999  1.00 53.82  ? 88  GLN A CA  1 
ATOM   569  C  C   . GLN A 1 88  ? -7.241  -5.367  -1.297  1.00 48.17  ? 88  GLN A C   1 
ATOM   570  O  O   . GLN A 1 88  ? -7.424  -4.152  -1.171  1.00 54.11  ? 88  GLN A O   1 
ATOM   571  C  CB  . GLN A 1 88  ? -7.917  -6.655  -3.421  1.00 57.63  ? 88  GLN A CB  1 
ATOM   572  C  CG  . GLN A 1 88  ? -7.278  -5.565  -4.266  1.00 63.94  ? 88  GLN A CG  1 
ATOM   573  C  CD  . GLN A 1 88  ? -6.461  -6.158  -5.387  1.00 66.55  ? 88  GLN A CD  1 
ATOM   574  O  OE1 . GLN A 1 88  ? -6.690  -7.287  -5.819  1.00 67.27  ? 88  GLN A OE1 1 
ATOM   575  N  NE2 . GLN A 1 88  ? -5.490  -5.393  -5.857  1.00 66.05  ? 88  GLN A NE2 1 
ATOM   576  N  N   . SER A 1 89  ? -6.194  -6.021  -0.826  1.00 44.46  ? 89  SER A N   1 
ATOM   577  C  CA  . SER A 1 89  ? -5.048  -5.395  -0.136  1.00 43.71  ? 89  SER A CA  1 
ATOM   578  C  C   . SER A 1 89  ? -3.782  -6.145  -0.549  1.00 40.79  ? 89  SER A C   1 
ATOM   579  O  O   . SER A 1 89  ? -3.877  -7.323  -0.954  1.00 35.98  ? 89  SER A O   1 
ATOM   580  C  CB  . SER A 1 89  ? -5.248  -5.407  1.336   1.00 44.54  ? 89  SER A CB  1 
ATOM   581  O  OG  . SER A 1 89  ? -4.110  -4.855  1.982   1.00 65.78  ? 89  SER A OG  1 
ATOM   582  N  N   . GLU A 1 90  ? -2.654  -5.447  -0.575  1.00 36.63  ? 90  GLU A N   1 
ATOM   583  C  CA  . GLU A 1 90  ? -1.364  -6.020  -1.050  1.00 38.68  ? 90  GLU A CA  1 
ATOM   584  C  C   . GLU A 1 90  ? -0.286  -5.633  -0.061  1.00 36.55  ? 90  GLU A C   1 
ATOM   585  O  O   . GLU A 1 90  ? -0.371  -4.539  0.467   1.00 36.32  ? 90  GLU A O   1 
ATOM   586  C  CB  . GLU A 1 90  ? -0.979  -5.519  -2.431  1.00 39.39  ? 90  GLU A CB  1 
ATOM   587  C  CG  . GLU A 1 90  ? -1.955  -5.940  -3.499  1.00 51.95  ? 90  GLU A CG  1 
ATOM   588  C  CD  . GLU A 1 90  ? -1.739  -5.277  -4.844  1.00 64.73  ? 90  GLU A CD  1 
ATOM   589  O  OE1 . GLU A 1 90  ? -1.080  -4.208  -4.880  1.00 72.63  ? 90  GLU A OE1 1 
ATOM   590  O  OE2 . GLU A 1 90  ? -2.248  -5.822  -5.845  1.00 70.25  ? 90  GLU A OE2 1 
ATOM   591  N  N   . GLY A 1 91  ? 0.658   -6.543  0.208   1.00 34.22  ? 91  GLY A N   1 
ATOM   592  C  CA  . GLY A 1 91  ? 1.790   -6.250  1.093   1.00 30.55  ? 91  GLY A CA  1 
ATOM   593  C  C   . GLY A 1 91  ? 2.908   -7.246  0.871   1.00 32.46  ? 91  GLY A C   1 
ATOM   594  O  O   . GLY A 1 91  ? 2.845   -8.020  -0.104  1.00 33.10  ? 91  GLY A O   1 
ATOM   595  N  N   . LYS A 1 92  ? 3.896   -7.177  1.738   1.00 31.11  ? 92  LYS A N   1 
ATOM   596  C  CA  . LYS A 1 92  ? 5.042   -8.103  1.717   1.00 31.29  ? 92  LYS A CA  1 
ATOM   597  C  C   . LYS A 1 92  ? 5.389   -8.481  3.134   1.00 31.79  ? 92  LYS A C   1 
ATOM   598  O  O   . LYS A 1 92  ? 5.000   -7.782  4.101   1.00 32.40  ? 92  LYS A O   1 
ATOM   599  C  CB  . LYS A 1 92  ? 6.216   -7.467  0.973   1.00 36.15  ? 92  LYS A CB  1 
ATOM   600  C  CG  . LYS A 1 92  ? 6.777   -6.221  1.637   1.00 40.49  ? 92  LYS A CG  1 
ATOM   601  C  CD  . LYS A 1 92  ? 7.944   -5.690  0.858   1.00 47.28  ? 92  LYS A CD  1 
ATOM   602  C  CE  . LYS A 1 92  ? 8.578   -4.453  1.457   1.00 50.19  ? 92  LYS A CE  1 
ATOM   603  N  NZ  . LYS A 1 92  ? 9.763   -4.078  0.648   1.00 49.73  ? 92  LYS A NZ  1 
ATOM   604  N  N   . ALA A 1 93  ? 6.114   -9.594  3.264   1.00 31.02  ? 93  ALA A N   1 
ATOM   605  C  CA  . ALA A 1 93  ? 6.542   -10.101 4.569   1.00 31.89  ? 93  ALA A CA  1 
ATOM   606  C  C   . ALA A 1 93  ? 7.959   -10.658 4.457   1.00 31.39  ? 93  ALA A C   1 
ATOM   607  O  O   . ALA A 1 93  ? 8.268   -11.352 3.456   1.00 30.92  ? 93  ALA A O   1 
ATOM   608  C  CB  . ALA A 1 93  ? 5.546   -11.121 5.057   1.00 34.54  ? 93  ALA A CB  1 
ATOM   609  N  N   . TYR A 1 94  ? 8.758   -10.339 5.452   1.00 30.05  ? 94  TYR A N   1 
ATOM   610  C  CA  . TYR A 1 94  ? 10.175  -10.746 5.518   1.00 33.75  ? 94  TYR A CA  1 
ATOM   611  C  C   . TYR A 1 94  ? 10.410  -11.567 6.771   1.00 30.75  ? 94  TYR A C   1 
ATOM   612  O  O   . TYR A 1 94  ? 9.981   -11.206 7.884   1.00 30.28  ? 94  TYR A O   1 
ATOM   613  C  CB  . TYR A 1 94  ? 11.128  -9.544  5.564   1.00 36.76  ? 94  TYR A CB  1 
ATOM   614  C  CG  . TYR A 1 94  ? 11.208  -8.755  4.285   1.00 34.31  ? 94  TYR A CG  1 
ATOM   615  C  CD1 . TYR A 1 94  ? 11.869  -9.249  3.180   1.00 38.30  ? 94  TYR A CD1 1 
ATOM   616  C  CD2 . TYR A 1 94  ? 10.676  -7.474  4.212   1.00 40.40  ? 94  TYR A CD2 1 
ATOM   617  C  CE1 . TYR A 1 94  ? 11.963  -8.520  2.005   1.00 38.30  ? 94  TYR A CE1 1 
ATOM   618  C  CE2 . TYR A 1 94  ? 10.774  -6.729  3.054   1.00 39.82  ? 94  TYR A CE2 1 
ATOM   619  C  CZ  . TYR A 1 94  ? 11.413  -7.252  1.948   1.00 40.17  ? 94  TYR A CZ  1 
ATOM   620  O  OH  . TYR A 1 94  ? 11.489  -6.535  0.794   1.00 39.75  ? 94  TYR A OH  1 
ATOM   621  N  N   . PHE A 1 95  ? 11.199  -12.622 6.622   1.00 29.22  ? 95  PHE A N   1 
ATOM   622  C  CA  . PHE A 1 95  ? 11.623  -13.412 7.789   1.00 29.57  ? 95  PHE A CA  1 
ATOM   623  C  C   . PHE A 1 95  ? 12.413  -12.498 8.727   1.00 34.12  ? 95  PHE A C   1 
ATOM   624  O  O   . PHE A 1 95  ? 13.277  -11.719 8.291   1.00 31.71  ? 95  PHE A O   1 
ATOM   625  C  CB  . PHE A 1 95  ? 12.414  -14.654 7.398   1.00 29.19  ? 95  PHE A CB  1 
ATOM   626  C  CG  . PHE A 1 95  ? 11.621  -15.671 6.622   1.00 28.89  ? 95  PHE A CG  1 
ATOM   627  C  CD1 . PHE A 1 95  ? 10.719  -16.508 7.258   1.00 27.45  ? 95  PHE A CD1 1 
ATOM   628  C  CD2 . PHE A 1 95  ? 11.742  -15.776 5.240   1.00 28.78  ? 95  PHE A CD2 1 
ATOM   629  C  CE1 . PHE A 1 95  ? 9.992   -17.442 6.532   1.00 28.84  ? 95  PHE A CE1 1 
ATOM   630  C  CE2 . PHE A 1 95  ? 11.034  -16.734 4.518   1.00 30.21  ? 95  PHE A CE2 1 
ATOM   631  C  CZ  . PHE A 1 95  ? 10.109  -17.537 5.162   1.00 29.44  ? 95  PHE A CZ  1 
ATOM   632  N  N   . THR A 1 96  ? 12.171  -12.624 10.020  1.00 32.92  ? 96  THR A N   1 
ATOM   633  C  CA  . THR A 1 96  ? 12.908  -11.833 11.029  1.00 34.34  ? 96  THR A CA  1 
ATOM   634  C  C   . THR A 1 96  ? 14.218  -12.549 11.392  1.00 38.03  ? 96  THR A C   1 
ATOM   635  O  O   . THR A 1 96  ? 15.079  -11.895 11.981  1.00 42.13  ? 96  THR A O   1 
ATOM   636  C  CB  . THR A 1 96  ? 12.034  -11.565 12.254  1.00 37.76  ? 96  THR A CB  1 
ATOM   637  O  OG1 . THR A 1 96  ? 11.676  -12.832 12.803  1.00 36.02  ? 96  THR A OG1 1 
ATOM   638  C  CG2 . THR A 1 96  ? 10.811  -10.740 11.929  1.00 37.11  ? 96  THR A CG2 1 
ATOM   639  N  N   . GLY A 1 97  ? 14.326  -13.851 11.126  1.00 34.68  ? 97  GLY A N   1 
ATOM   640  C  CA  . GLY A 1 97  ? 15.502  -14.705 11.396  1.00 35.53  ? 97  GLY A CA  1 
ATOM   641  C  C   . GLY A 1 97  ? 15.777  -15.632 10.226  1.00 29.56  ? 97  GLY A C   1 
ATOM   642  O  O   . GLY A 1 97  ? 15.628  -15.196 9.050   1.00 31.49  ? 97  GLY A O   1 
ATOM   643  N  N   . ALA A 1 98  ? 16.086  -16.899 10.514  1.00 34.58  ? 98  ALA A N   1 
ATOM   644  C  CA  . ALA A 1 98  ? 16.280  -17.971 9.520   1.00 36.45  ? 98  ALA A CA  1 
ATOM   645  C  C   . ALA A 1 98  ? 14.996  -18.168 8.725   1.00 36.66  ? 98  ALA A C   1 
ATOM   646  O  O   . ALA A 1 98  ? 13.895  -18.139 9.269   1.00 35.26  ? 98  ALA A O   1 
ATOM   647  C  CB  . ALA A 1 98  ? 16.685  -19.259 10.215  1.00 34.33  ? 98  ALA A CB  1 
ATOM   648  N  N   . PRO A 1 99  ? 15.085  -18.414 7.405   1.00 33.44  ? 99  PRO A N   1 
ATOM   649  C  CA  . PRO A 1 99  ? 13.878  -18.649 6.600   1.00 28.67  ? 99  PRO A CA  1 
ATOM   650  C  C   . PRO A 1 99  ? 13.138  -19.964 6.901   1.00 28.94  ? 99  PRO A C   1 
ATOM   651  O  O   . PRO A 1 99  ? 12.034  -20.175 6.370   1.00 31.09  ? 99  PRO A O   1 
ATOM   652  C  CB  . PRO A 1 99  ? 14.405  -18.578 5.158   1.00 32.11  ? 99  PRO A CB  1 
ATOM   653  C  CG  . PRO A 1 99  ? 15.879  -18.916 5.281   1.00 32.16  ? 99  PRO A CG  1 
ATOM   654  C  CD  . PRO A 1 99  ? 16.342  -18.404 6.625   1.00 32.09  ? 99  PRO A CD  1 
ATOM   655  N  N   . THR A 1 100 ? 13.721  -20.842 7.721   1.00 25.84  ? 100 THR A N   1 
ATOM   656  C  CA  . THR A 1 100 ? 13.039  -22.064 8.214   1.00 29.54  ? 100 THR A CA  1 
ATOM   657  C  C   . THR A 1 100 ? 12.240  -21.774 9.496   1.00 27.51  ? 100 THR A C   1 
ATOM   658  O  O   . THR A 1 100 ? 11.581  -22.683 9.922   1.00 28.99  ? 100 THR A O   1 
ATOM   659  C  CB  . THR A 1 100 ? 14.060  -23.202 8.413   1.00 31.10  ? 100 THR A CB  1 
ATOM   660  O  OG1 . THR A 1 100 ? 15.206  -22.653 9.058   1.00 34.30  ? 100 THR A OG1 1 
ATOM   661  C  CG2 . THR A 1 100 ? 14.449  -23.816 7.088   1.00 35.32  ? 100 THR A CG2 1 
ATOM   662  N  N   . ARG A 1 101 ? 12.324  -20.588 10.082  1.00 30.92  ? 101 ARG A N   1 
ATOM   663  C  CA  . ARG A 1 101 ? 11.507  -20.209 11.267  1.00 32.54  ? 101 ARG A CA  1 
ATOM   664  C  C   . ARG A 1 101 ? 10.382  -19.305 10.732  1.00 31.24  ? 101 ARG A C   1 
ATOM   665  O  O   . ARG A 1 101 ? 10.693  -18.222 10.226  1.00 28.68  ? 101 ARG A O   1 
ATOM   666  C  CB  . ARG A 1 101 ? 12.391  -19.498 12.290  1.00 32.45  ? 101 ARG A CB  1 
ATOM   667  C  CG  . ARG A 1 101 ? 11.692  -18.939 13.514  1.00 39.49  ? 101 ARG A CG  1 
ATOM   668  C  CD  . ARG A 1 101 ? 12.706  -18.133 14.313  1.00 47.69  ? 101 ARG A CD  1 
ATOM   669  N  NE  . ARG A 1 101 ? 12.137  -17.078 15.152  1.00 52.11  ? 101 ARG A NE  1 
ATOM   670  C  CZ  . ARG A 1 101 ? 11.495  -17.302 16.280  1.00 52.49  ? 101 ARG A CZ  1 
ATOM   671  N  NH1 . ARG A 1 101 ? 11.305  -18.547 16.683  1.00 57.97  ? 101 ARG A NH1 1 
ATOM   672  N  NH2 . ARG A 1 101 ? 10.990  -16.297 16.972  1.00 63.76  ? 101 ARG A NH2 1 
ATOM   673  N  N   . ALA A 1 102 ? 9.125   -19.711 10.866  1.00 31.29  ? 102 ALA A N   1 
ATOM   674  C  CA  . ALA A 1 102 ? 7.977   -19.009 10.243  1.00 29.73  ? 102 ALA A CA  1 
ATOM   675  C  C   . ALA A 1 102 ? 7.538   -17.813 11.092  1.00 34.05  ? 102 ALA A C   1 
ATOM   676  O  O   . ALA A 1 102 ? 6.375   -17.759 11.533  1.00 29.63  ? 102 ALA A O   1 
ATOM   677  C  CB  . ALA A 1 102 ? 6.849   -19.995 9.991   1.00 28.13  ? 102 ALA A CB  1 
ATOM   678  N  N   . ALA A 1 103 ? 8.450   -16.886 11.360  1.00 29.29  ? 103 ALA A N   1 
ATOM   679  C  CA  . ALA A 1 103 ? 8.185   -15.586 12.013  1.00 29.82  ? 103 ALA A CA  1 
ATOM   680  C  C   . ALA A 1 103 ? 8.550   -14.473 11.037  1.00 35.25  ? 103 ALA A C   1 
ATOM   681  O  O   . ALA A 1 103 ? 9.726   -14.416 10.665  1.00 33.50  ? 103 ALA A O   1 
ATOM   682  C  CB  . ALA A 1 103 ? 8.942   -15.488 13.294  1.00 31.65  ? 103 ALA A CB  1 
ATOM   683  N  N   . LEU A 1 104 ? 7.587   -13.649 10.614  1.00 31.69  ? 104 LEU A N   1 
ATOM   684  C  CA  . LEU A 1 104 ? 7.801   -12.641 9.561   1.00 30.48  ? 104 LEU A CA  1 
ATOM   685  C  C   . LEU A 1 104 ? 7.263   -11.280 10.018  1.00 33.35  ? 104 LEU A C   1 
ATOM   686  O  O   . LEU A 1 104 ? 6.316   -11.245 10.828  1.00 32.58  ? 104 LEU A O   1 
ATOM   687  C  CB  . LEU A 1 104 ? 7.143   -13.053 8.256   1.00 26.58  ? 104 LEU A CB  1 
ATOM   688  C  CG  . LEU A 1 104 ? 7.650   -14.368 7.668   1.00 28.10  ? 104 LEU A CG  1 
ATOM   689  C  CD1 . LEU A 1 104 ? 6.809   -15.554 8.128   1.00 30.55  ? 104 LEU A CD1 1 
ATOM   690  C  CD2 . LEU A 1 104 ? 7.665   -14.316 6.154   1.00 30.48  ? 104 LEU A CD2 1 
ATOM   691  N  N   . LYS A 1 105 ? 7.917   -10.239 9.537   1.00 32.63  ? 105 LYS A N   1 
ATOM   692  C  CA  . LYS A 1 105 ? 7.517   -8.808  9.647   1.00 33.66  ? 105 LYS A CA  1 
ATOM   693  C  C   . LYS A 1 105 ? 6.704   -8.440  8.408   1.00 35.31  ? 105 LYS A C   1 
ATOM   694  O  O   . LYS A 1 105 ? 7.173   -8.744  7.310   1.00 34.21  ? 105 LYS A O   1 
ATOM   695  C  CB  . LYS A 1 105 ? 8.795   -7.967  9.722   1.00 40.20  ? 105 LYS A CB  1 
ATOM   696  C  CG  . LYS A 1 105 ? 8.636   -6.559  10.257  1.00 48.63  ? 105 LYS A CG  1 
ATOM   697  C  CD  . LYS A 1 105 ? 9.950   -5.793  10.211  1.00 57.34  ? 105 LYS A CD  1 
ATOM   698  C  CE  . LYS A 1 105 ? 9.773   -4.299  10.405  1.00 62.53  ? 105 LYS A CE  1 
ATOM   699  N  NZ  . LYS A 1 105 ? 9.368   -3.985  11.795  1.00 64.69  ? 105 LYS A NZ  1 
ATOM   700  N  N   . VAL A 1 106 ? 5.570   -7.733  8.558   1.00 31.52  ? 106 VAL A N   1 
ATOM   701  C  CA  . VAL A 1 106 ? 4.608   -7.410  7.461   1.00 31.80  ? 106 VAL A CA  1 
ATOM   702  C  C   . VAL A 1 106 ? 4.615   -5.902  7.181   1.00 34.52  ? 106 VAL A C   1 
ATOM   703  O  O   . VAL A 1 106 ? 4.622   -5.142  8.154   1.00 34.97  ? 106 VAL A O   1 
ATOM   704  C  CB  . VAL A 1 106 ? 3.193   -7.857  7.858   1.00 34.28  ? 106 VAL A CB  1 
ATOM   705  C  CG1 . VAL A 1 106 ? 2.132   -7.352  6.902   1.00 39.73  ? 106 VAL A CG1 1 
ATOM   706  C  CG2 . VAL A 1 106 ? 3.117   -9.358  7.971   1.00 33.22  ? 106 VAL A CG2 1 
ATOM   707  N  N   . SER A 1 107 ? 4.556   -5.538  5.899   1.00 36.60  ? 107 SER A N   1 
ATOM   708  C  CA  . SER A 1 107 ? 4.419   -4.159  5.355   1.00 39.37  ? 107 SER A CA  1 
ATOM   709  C  C   . SER A 1 107 ? 3.319   -4.186  4.315   1.00 38.43  ? 107 SER A C   1 
ATOM   710  O  O   . SER A 1 107 ? 3.370   -5.078  3.446   1.00 44.46  ? 107 SER A O   1 
ATOM   711  C  CB  . SER A 1 107 ? 5.711   -3.695  4.707   1.00 40.12  ? 107 SER A CB  1 
ATOM   712  O  OG  . SER A 1 107 ? 6.788   -3.800  5.617   1.00 47.96  ? 107 SER A OG  1 
ATOM   713  N  N   . PHE A 1 108 ? 2.335   -3.283  4.387   1.00 35.06  ? 108 PHE A N   1 
ATOM   714  C  CA  . PHE A 1 108 ? 1.264   -3.215  3.359   1.00 35.64  ? 108 PHE A CA  1 
ATOM   715  C  C   . PHE A 1 108 ? 1.642   -2.129  2.349   1.00 34.75  ? 108 PHE A C   1 
ATOM   716  O  O   . PHE A 1 108 ? 2.310   -1.145  2.716   1.00 38.62  ? 108 PHE A O   1 
ATOM   717  C  CB  . PHE A 1 108 ? -0.130  -3.045  3.967   1.00 35.85  ? 108 PHE A CB  1 
ATOM   718  C  CG  . PHE A 1 108 ? -0.486  -4.165  4.910   1.00 41.12  ? 108 PHE A CG  1 
ATOM   719  C  CD1 . PHE A 1 108 ? -1.099  -5.325  4.459   1.00 49.64  ? 108 PHE A CD1 1 
ATOM   720  C  CD2 . PHE A 1 108 ? -0.155  -4.065  6.251   1.00 45.27  ? 108 PHE A CD2 1 
ATOM   721  C  CE1 . PHE A 1 108 ? -1.381  -6.355  5.351   1.00 43.11  ? 108 PHE A CE1 1 
ATOM   722  C  CE2 . PHE A 1 108 ? -0.449  -5.089  7.138   1.00 44.04  ? 108 PHE A CE2 1 
ATOM   723  C  CZ  . PHE A 1 108 ? -1.055  -6.221  6.684   1.00 41.79  ? 108 PHE A CZ  1 
ATOM   724  N  N   . PHE A 1 109 ? 1.270   -2.374  1.100   1.00 36.68  ? 109 PHE A N   1 
ATOM   725  C  CA  . PHE A 1 109 ? 1.496   -1.458  -0.036  1.00 34.96  ? 109 PHE A CA  1 
ATOM   726  C  C   . PHE A 1 109 ? 0.339   -0.461  -0.126  1.00 29.98  ? 109 PHE A C   1 
ATOM   727  O  O   . PHE A 1 109 ? -0.823  -0.728  0.233   1.00 31.26  ? 109 PHE A O   1 
ATOM   728  C  CB  . PHE A 1 109 ? 1.665   -2.236  -1.337  1.00 33.35  ? 109 PHE A CB  1 
ATOM   729  C  CG  . PHE A 1 109 ? 2.845   -3.185  -1.364  1.00 34.51  ? 109 PHE A CG  1 
ATOM   730  C  CD1 . PHE A 1 109 ? 4.052   -2.837  -0.779  1.00 38.95  ? 109 PHE A CD1 1 
ATOM   731  C  CD2 . PHE A 1 109 ? 2.748   -4.426  -1.984  1.00 44.21  ? 109 PHE A CD2 1 
ATOM   732  C  CE1 . PHE A 1 109 ? 5.146   -3.697  -0.816  1.00 45.21  ? 109 PHE A CE1 1 
ATOM   733  C  CE2 . PHE A 1 109 ? 3.838   -5.291  -2.003  1.00 38.18  ? 109 PHE A CE2 1 
ATOM   734  C  CZ  . PHE A 1 109 ? 5.035   -4.917  -1.435  1.00 38.99  ? 109 PHE A CZ  1 
ATOM   735  N  N   . GLY A 1 110 ? 0.670   0.689   -0.693  1.00 33.49  ? 110 GLY A N   1 
ATOM   736  C  CA  . GLY A 1 110 ? -0.335  1.706   -1.024  1.00 32.58  ? 110 GLY A CA  1 
ATOM   737  C  C   . GLY A 1 110 ? 0.268   2.759   -1.939  1.00 34.26  ? 110 GLY A C   1 
ATOM   738  O  O   . GLY A 1 110 ? 1.463   2.741   -2.191  1.00 34.41  ? 110 GLY A O   1 
ATOM   739  N  N   . PRO A 1 111 ? -0.527  3.780   -2.319  1.00 33.55  ? 111 PRO A N   1 
ATOM   740  C  CA  . PRO A 1 111 ? -0.047  4.828   -3.218  1.00 42.92  ? 111 PRO A CA  1 
ATOM   741  C  C   . PRO A 1 111 ? 1.200   5.577   -2.713  1.00 42.90  ? 111 PRO A C   1 
ATOM   742  O  O   . PRO A 1 111 ? 2.193   5.702   -3.435  1.00 53.05  ? 111 PRO A O   1 
ATOM   743  C  CB  . PRO A 1 111 ? -1.221  5.822   -3.319  1.00 45.52  ? 111 PRO A CB  1 
ATOM   744  C  CG  . PRO A 1 111 ? -2.420  5.157   -2.665  1.00 44.66  ? 111 PRO A CG  1 
ATOM   745  C  CD  . PRO A 1 111 ? -1.934  3.922   -1.931  1.00 41.48  ? 111 PRO A CD  1 
ATOM   746  N  N   . PHE A 1 112 ? 1.145   6.075   -1.485  1.00 36.03  ? 112 PHE A N   1 
ATOM   747  C  CA  . PHE A 1 112 ? 2.102   7.078   -0.935  1.00 35.44  ? 112 PHE A CA  1 
ATOM   748  C  C   . PHE A 1 112 ? 3.223   6.412   -0.135  1.00 40.66  ? 112 PHE A C   1 
ATOM   749  O  O   . PHE A 1 112 ? 3.319   6.659   1.079   1.00 38.44  ? 112 PHE A O   1 
ATOM   750  C  CB  . PHE A 1 112 ? 1.394   8.079   -0.014  1.00 35.86  ? 112 PHE A CB  1 
ATOM   751  C  CG  . PHE A 1 112 ? 0.185   8.721   -0.622  1.00 42.78  ? 112 PHE A CG  1 
ATOM   752  C  CD1 . PHE A 1 112 ? 0.302   9.433   -1.800  1.00 40.20  ? 112 PHE A CD1 1 
ATOM   753  C  CD2 . PHE A 1 112 ? -1.054  8.655   0.013   1.00 42.90  ? 112 PHE A CD2 1 
ATOM   754  C  CE1 . PHE A 1 112 ? -0.820  10.014  -2.384  1.00 43.88  ? 112 PHE A CE1 1 
ATOM   755  C  CE2 . PHE A 1 112 ? -2.171  9.228   -0.580  1.00 47.67  ? 112 PHE A CE2 1 
ATOM   756  C  CZ  . PHE A 1 112 ? -2.053  9.885   -1.789  1.00 43.49  ? 112 PHE A CZ  1 
ATOM   757  N  N   . TYR A 1 113 ? 4.133   5.741   -0.835  1.00 43.81  ? 113 TYR A N   1 
ATOM   758  C  CA  . TYR A 1 113 ? 5.269   4.958   -0.278  1.00 44.55  ? 113 TYR A CA  1 
ATOM   759  C  C   . TYR A 1 113 ? 6.178   5.851   0.546   1.00 44.17  ? 113 TYR A C   1 
ATOM   760  O  O   . TYR A 1 113 ? 6.579   6.953   0.070   1.00 43.08  ? 113 TYR A O   1 
ATOM   761  C  CB  . TYR A 1 113 ? 6.105   4.281   -1.373  1.00 53.62  ? 113 TYR A CB  1 
ATOM   762  C  CG  . TYR A 1 113 ? 7.438   3.784   -0.867  1.00 55.76  ? 113 TYR A CG  1 
ATOM   763  C  CD1 . TYR A 1 113 ? 7.509   2.776   0.092   1.00 61.04  ? 113 TYR A CD1 1 
ATOM   764  C  CD2 . TYR A 1 113 ? 8.622   4.370   -1.292  1.00 54.67  ? 113 TYR A CD2 1 
ATOM   765  C  CE1 . TYR A 1 113 ? 8.732   2.356   0.599   1.00 65.04  ? 113 TYR A CE1 1 
ATOM   766  C  CE2 . TYR A 1 113 ? 9.847   3.960   -0.794  1.00 63.04  ? 113 TYR A CE2 1 
ATOM   767  C  CZ  . TYR A 1 113 ? 9.902   2.948   0.149   1.00 62.76  ? 113 TYR A CZ  1 
ATOM   768  O  OH  . TYR A 1 113 ? 11.117  2.557   0.622   1.00 75.77  ? 113 TYR A OH  1 
ATOM   769  N  N   . GLY A 1 114 ? 6.487   5.376   1.754   1.00 39.73  ? 114 GLY A N   1 
ATOM   770  C  CA  . GLY A 1 114 ? 7.505   5.945   2.652   1.00 44.72  ? 114 GLY A CA  1 
ATOM   771  C  C   . GLY A 1 114 ? 7.007   7.210   3.319   1.00 44.10  ? 114 GLY A C   1 
ATOM   772  O  O   . GLY A 1 114 ? 6.986   7.292   4.605   1.00 41.50  ? 114 GLY A O   1 
ATOM   773  N  N   . GLY A 1 115 ? 6.522   8.143   2.505   1.00 40.15  ? 115 GLY A N   1 
ATOM   774  C  CA  . GLY A 1 115 ? 6.354   9.530   2.959   1.00 36.02  ? 115 GLY A CA  1 
ATOM   775  C  C   . GLY A 1 115 ? 5.310   10.291  2.195   1.00 34.40  ? 115 GLY A C   1 
ATOM   776  O  O   . GLY A 1 115 ? 4.935   9.908   1.060   1.00 32.92  ? 115 GLY A O   1 
ATOM   777  N  N   . TYR A 1 116 ? 4.841   11.362  2.828   1.00 31.08  ? 116 TYR A N   1 
ATOM   778  C  CA  . TYR A 1 116 ? 3.797   12.256  2.299   1.00 28.04  ? 116 TYR A CA  1 
ATOM   779  C  C   . TYR A 1 116 ? 4.230   13.666  2.687   1.00 30.65  ? 116 TYR A C   1 
ATOM   780  O  O   . TYR A 1 116 ? 4.281   13.982  3.878   1.00 30.18  ? 116 TYR A O   1 
ATOM   781  C  CB  . TYR A 1 116 ? 2.410   11.921  2.852   1.00 30.19  ? 116 TYR A CB  1 
ATOM   782  C  CG  . TYR A 1 116 ? 1.251   12.643  2.238   1.00 28.27  ? 116 TYR A CG  1 
ATOM   783  C  CD1 . TYR A 1 116 ? 0.900   13.938  2.606   1.00 25.74  ? 116 TYR A CD1 1 
ATOM   784  C  CD2 . TYR A 1 116 ? 0.443   12.030  1.297   1.00 28.42  ? 116 TYR A CD2 1 
ATOM   785  C  CE1 . TYR A 1 116 ? -0.224  14.540  2.094   1.00 28.16  ? 116 TYR A CE1 1 
ATOM   786  C  CE2 . TYR A 1 116 ? -0.661  12.643  0.735   1.00 28.31  ? 116 TYR A CE2 1 
ATOM   787  C  CZ  . TYR A 1 116 ? -1.002  13.931  1.123   1.00 28.10  ? 116 TYR A CZ  1 
ATOM   788  O  OH  . TYR A 1 116 ? -2.021  14.625  0.547   1.00 29.38  ? 116 TYR A OH  1 
ATOM   789  N  N   . ASN A 1 117 ? 4.624   14.443  1.699   1.00 23.91  ? 117 ASN A N   1 
ATOM   790  C  CA  . ASN A 1 117 ? 5.187   15.803  1.898   1.00 22.91  ? 117 ASN A CA  1 
ATOM   791  C  C   . ASN A 1 117 ? 4.407   16.783  1.050   1.00 26.14  ? 117 ASN A C   1 
ATOM   792  O  O   . ASN A 1 117 ? 4.385   16.603  -0.169  1.00 23.62  ? 117 ASN A O   1 
ATOM   793  C  CB  . ASN A 1 117 ? 6.656   15.812  1.536   1.00 22.83  ? 117 ASN A CB  1 
ATOM   794  C  CG  . ASN A 1 117 ? 7.429   14.727  2.259   1.00 27.61  ? 117 ASN A CG  1 
ATOM   795  O  OD1 . ASN A 1 117 ? 7.693   14.849  3.462   1.00 28.25  ? 117 ASN A OD1 1 
ATOM   796  N  ND2 . ASN A 1 117 ? 7.768   13.649  1.571   1.00 24.31  ? 117 ASN A ND2 1 
ATOM   797  N  N   . VAL A 1 118 ? 3.775   17.785  1.667   1.00 21.95  ? 118 VAL A N   1 
ATOM   798  C  CA  . VAL A 1 118 ? 3.039   18.810  0.887   1.00 24.63  ? 118 VAL A CA  1 
ATOM   799  C  C   . VAL A 1 118 ? 4.031   19.885  0.487   1.00 21.85  ? 118 VAL A C   1 
ATOM   800  O  O   . VAL A 1 118 ? 4.637   20.457  1.411   1.00 24.36  ? 118 VAL A O   1 
ATOM   801  C  CB  . VAL A 1 118 ? 1.827   19.359  1.654   1.00 23.13  ? 118 VAL A CB  1 
ATOM   802  C  CG1 . VAL A 1 118 ? 1.094   20.352  0.771   1.00 24.76  ? 118 VAL A CG1 1 
ATOM   803  C  CG2 . VAL A 1 118 ? 0.869   18.249  2.097   1.00 25.43  ? 118 VAL A CG2 1 
ATOM   804  N  N   . ILE A 1 119 ? 4.310   20.038  -0.814  1.00 22.49  ? 119 ILE A N   1 
ATOM   805  C  CA  . ILE A 1 119 ? 5.377   20.982  -1.234  1.00 24.74  ? 119 ILE A CA  1 
ATOM   806  C  C   . ILE A 1 119 ? 4.798   22.243  -1.882  1.00 24.64  ? 119 ILE A C   1 
ATOM   807  O  O   . ILE A 1 119 ? 5.585   23.146  -2.148  1.00 28.42  ? 119 ILE A O   1 
ATOM   808  C  CB  . ILE A 1 119 ? 6.429   20.254  -2.068  1.00 24.73  ? 119 ILE A CB  1 
ATOM   809  C  CG1 . ILE A 1 119 ? 5.881   19.732  -3.396  1.00 24.58  ? 119 ILE A CG1 1 
ATOM   810  C  CG2 . ILE A 1 119 ? 6.993   19.109  -1.245  1.00 27.67  ? 119 ILE A CG2 1 
ATOM   811  C  CD1 . ILE A 1 119 ? 6.968   19.279  -4.321  1.00 25.21  ? 119 ILE A CD1 1 
ATOM   812  N  N   . ALA A 1 120 ? 3.525   22.267  -2.240  1.00 23.33  ? 120 ALA A N   1 
ATOM   813  C  CA  . ALA A 1 120 ? 2.795   23.479  -2.679  1.00 22.10  ? 120 ALA A CA  1 
ATOM   814  C  C   . ALA A 1 120 ? 1.340   23.379  -2.261  1.00 23.97  ? 120 ALA A C   1 
ATOM   815  O  O   . ALA A 1 120 ? 0.757   22.301  -2.371  1.00 23.62  ? 120 ALA A O   1 
ATOM   816  C  CB  . ALA A 1 120 ? 2.934   23.692  -4.139  1.00 24.57  ? 120 ALA A CB  1 
ATOM   817  N  N   . LEU A 1 121 ? 0.750   24.496  -1.820  1.00 25.45  ? 121 LEU A N   1 
ATOM   818  C  CA  . LEU A 1 121 ? -0.652  24.523  -1.334  1.00 23.99  ? 121 LEU A CA  1 
ATOM   819  C  C   . LEU A 1 121 ? -1.143  25.973  -1.421  1.00 26.30  ? 121 LEU A C   1 
ATOM   820  O  O   . LEU A 1 121 ? -0.413  26.856  -0.998  1.00 29.39  ? 121 LEU A O   1 
ATOM   821  C  CB  . LEU A 1 121 ? -0.648  24.023  0.108   1.00 25.26  ? 121 LEU A CB  1 
ATOM   822  C  CG  . LEU A 1 121 ? -1.982  23.799  0.806   1.00 27.77  ? 121 LEU A CG  1 
ATOM   823  C  CD1 . LEU A 1 121 ? -2.812  22.719  0.145   1.00 30.13  ? 121 LEU A CD1 1 
ATOM   824  C  CD2 . LEU A 1 121 ? -1.704  23.450  2.253   1.00 31.41  ? 121 LEU A CD2 1 
ATOM   825  N  N   . ASP A 1 122 ? -2.307  26.182  -1.987  1.00 27.34  ? 122 ASP A N   1 
ATOM   826  C  CA  . ASP A 1 122 ? -2.879  27.550  -2.099  1.00 34.22  ? 122 ASP A CA  1 
ATOM   827  C  C   . ASP A 1 122 ? -3.427  27.954  -0.727  1.00 32.59  ? 122 ASP A C   1 
ATOM   828  O  O   . ASP A 1 122 ? -3.658  27.090  0.159   1.00 30.94  ? 122 ASP A O   1 
ATOM   829  C  CB  . ASP A 1 122 ? -3.896  27.615  -3.233  1.00 35.77  ? 122 ASP A CB  1 
ATOM   830  C  CG  . ASP A 1 122 ? -5.119  26.721  -3.065  1.00 35.43  ? 122 ASP A CG  1 
ATOM   831  O  OD1 . ASP A 1 122 ? -5.017  25.631  -2.531  1.00 32.82  ? 122 ASP A OD1 1 
ATOM   832  O  OD2 . ASP A 1 122 ? -6.188  27.127  -3.473  1.00 45.28  ? 122 ASP A OD2 1 
ATOM   833  N  N   . ARG A 1 123 ? -3.716  29.250  -0.575  1.00 38.42  ? 123 ARG A N   1 
ATOM   834  C  CA  . ARG A 1 123 ? -4.219  29.820  0.708   1.00 40.46  ? 123 ARG A CA  1 
ATOM   835  C  C   . ARG A 1 123 ? -5.546  29.180  1.100   1.00 34.68  ? 123 ARG A C   1 
ATOM   836  O  O   . ARG A 1 123 ? -5.796  29.092  2.309   1.00 36.01  ? 123 ARG A O   1 
ATOM   837  C  CB  . ARG A 1 123 ? -4.435  31.341  0.620   1.00 47.89  ? 123 ARG A CB  1 
ATOM   838  C  CG  . ARG A 1 123 ? -3.200  32.142  0.229   1.00 60.15  ? 123 ARG A CG  1 
ATOM   839  C  CD  . ARG A 1 123 ? -3.467  33.648  0.198   1.00 67.66  ? 123 ARG A CD  1 
ATOM   840  N  NE  . ARG A 1 123 ? -3.659  34.171  1.552   1.00 77.96  ? 123 ARG A NE  1 
ATOM   841  C  CZ  . ARG A 1 123 ? -4.835  34.432  2.141   1.00 83.93  ? 123 ARG A CZ  1 
ATOM   842  N  NH1 . ARG A 1 123 ? -5.980  34.253  1.503   1.00 88.34  ? 123 ARG A NH1 1 
ATOM   843  N  NH2 . ARG A 1 123 ? -4.855  34.889  3.382   1.00 83.83  ? 123 ARG A NH2 1 
ATOM   844  N  N   . GLU A 1 124 ? -6.371  28.779  0.129   1.00 33.94  ? 124 GLU A N   1 
ATOM   845  C  CA  . GLU A 1 124 ? -7.734  28.221  0.363   1.00 37.52  ? 124 GLU A CA  1 
ATOM   846  C  C   . GLU A 1 124 ? -7.748  26.685  0.472   1.00 31.12  ? 124 GLU A C   1 
ATOM   847  O  O   . GLU A 1 124 ? -8.829  26.120  0.636   1.00 33.25  ? 124 GLU A O   1 
ATOM   848  C  CB  . GLU A 1 124 ? -8.681  28.678  -0.750  1.00 45.28  ? 124 GLU A CB  1 
ATOM   849  C  CG  . GLU A 1 124 ? -8.835  30.190  -0.857  1.00 53.54  ? 124 GLU A CG  1 
ATOM   850  C  CD  . GLU A 1 124 ? -9.612  30.891  0.256   1.00 66.89  ? 124 GLU A CD  1 
ATOM   851  O  OE1 . GLU A 1 124 ? -9.887  32.112  0.095   1.00 79.36  ? 124 GLU A OE1 1 
ATOM   852  O  OE2 . GLU A 1 124 ? -9.932  30.245  1.295   1.00 64.89  ? 124 GLU A OE2 1 
ATOM   853  N  N   . TYR A 1 125 ? -6.615  25.989  0.424   1.00 31.39  ? 125 TYR A N   1 
ATOM   854  C  CA  . TYR A 1 125 ? -6.595  24.506  0.644   1.00 27.58  ? 125 TYR A CA  1 
ATOM   855  C  C   . TYR A 1 125 ? -7.505  23.826  -0.382  1.00 25.31  ? 125 TYR A C   1 
ATOM   856  O  O   . TYR A 1 125 ? -8.358  22.943  -0.072  1.00 31.46  ? 125 TYR A O   1 
ATOM   857  C  CB  . TYR A 1 125 ? -6.945  24.114  2.083   1.00 30.72  ? 125 TYR A CB  1 
ATOM   858  C  CG  . TYR A 1 125 ? -5.855  24.318  3.098   1.00 30.15  ? 125 TYR A CG  1 
ATOM   859  C  CD1 . TYR A 1 125 ? -5.278  25.559  3.328   1.00 32.68  ? 125 TYR A CD1 1 
ATOM   860  C  CD2 . TYR A 1 125 ? -5.320  23.241  3.790   1.00 27.79  ? 125 TYR A CD2 1 
ATOM   861  C  CE1 . TYR A 1 125 ? -4.275  25.719  4.272   1.00 33.94  ? 125 TYR A CE1 1 
ATOM   862  C  CE2 . TYR A 1 125 ? -4.321  23.380  4.725   1.00 29.47  ? 125 TYR A CE2 1 
ATOM   863  C  CZ  . TYR A 1 125 ? -3.778  24.622  4.965   1.00 33.06  ? 125 TYR A CZ  1 
ATOM   864  O  OH  . TYR A 1 125 ? -2.765  24.689  5.873   1.00 34.39  ? 125 TYR A OH  1 
ATOM   865  N  N   . ARG A 1 126 ? -7.276  24.196  -1.637  1.00 28.03  ? 126 ARG A N   1 
ATOM   866  C  CA  . ARG A 1 126 ? -8.030  23.707  -2.814  1.00 29.80  ? 126 ARG A CA  1 
ATOM   867  C  C   . ARG A 1 126 ? -7.158  22.850  -3.737  1.00 26.01  ? 126 ARG A C   1 
ATOM   868  O  O   . ARG A 1 126 ? -7.710  21.921  -4.306  1.00 25.99  ? 126 ARG A O   1 
ATOM   869  C  CB  . ARG A 1 126 ? -8.597  24.886  -3.593  1.00 33.41  ? 126 ARG A CB  1 
ATOM   870  C  CG  . ARG A 1 126 ? -9.511  25.779  -2.758  1.00 33.30  ? 126 ARG A CG  1 
ATOM   871  C  CD  . ARG A 1 126 ? -10.922 25.292  -2.550  1.00 35.11  ? 126 ARG A CD  1 
ATOM   872  N  NE  . ARG A 1 126 ? -11.593 25.241  -3.841  1.00 33.76  ? 126 ARG A NE  1 
ATOM   873  C  CZ  . ARG A 1 126 ? -12.642 24.477  -4.139  1.00 35.32  ? 126 ARG A CZ  1 
ATOM   874  N  NH1 . ARG A 1 126 ? -13.153 23.647  -3.258  1.00 35.83  ? 126 ARG A NH1 1 
ATOM   875  N  NH2 . ARG A 1 126 ? -13.115 24.471  -5.375  1.00 37.48  ? 126 ARG A NH2 1 
ATOM   876  N  N   . HIS A 1 127 ? -5.866  23.152  -3.860  1.00 27.91  ? 127 HIS A N   1 
ATOM   877  C  CA  . HIS A 1 127 ? -4.952  22.504  -4.821  1.00 27.90  ? 127 HIS A CA  1 
ATOM   878  C  C   . HIS A 1 127 ? -3.642  22.200  -4.110  1.00 27.68  ? 127 HIS A C   1 
ATOM   879  O  O   . HIS A 1 127 ? -3.139  23.093  -3.441  1.00 26.70  ? 127 HIS A O   1 
ATOM   880  C  CB  . HIS A 1 127 ? -4.722  23.394  -6.054  1.00 27.06  ? 127 HIS A CB  1 
ATOM   881  C  CG  . HIS A 1 127 ? -5.991  23.916  -6.624  1.00 29.21  ? 127 HIS A CG  1 
ATOM   882  N  ND1 . HIS A 1 127 ? -6.188  25.241  -6.865  1.00 36.61  ? 127 HIS A ND1 1 
ATOM   883  C  CD2 . HIS A 1 127 ? -7.099  23.267  -7.045  1.00 31.34  ? 127 HIS A CD2 1 
ATOM   884  C  CE1 . HIS A 1 127 ? -7.404  25.404  -7.409  1.00 36.58  ? 127 HIS A CE1 1 
ATOM   885  N  NE2 . HIS A 1 127 ? -7.993  24.211  -7.516  1.00 32.38  ? 127 HIS A NE2 1 
ATOM   886  N  N   . ALA A 1 128 ? -3.151  20.964  -4.197  1.00 22.81  ? 128 ALA A N   1 
ATOM   887  C  CA  . ALA A 1 128 ? -1.889  20.622  -3.508  1.00 25.72  ? 128 ALA A CA  1 
ATOM   888  C  C   . ALA A 1 128 ? -0.946  19.872  -4.430  1.00 23.55  ? 128 ALA A C   1 
ATOM   889  O  O   . ALA A 1 128 ? -1.401  19.011  -5.250  1.00 25.52  ? 128 ALA A O   1 
ATOM   890  C  CB  . ALA A 1 128 ? -2.184  19.801  -2.275  1.00 25.66  ? 128 ALA A CB  1 
ATOM   891  N  N   . LEU A 1 129 ? 0.343   20.144  -4.288  1.00 21.11  ? 129 LEU A N   1 
ATOM   892  C  CA  . LEU A 1 129 ? 1.430   19.327  -4.880  1.00 23.26  ? 129 LEU A CA  1 
ATOM   893  C  C   . LEU A 1 129 ? 2.081   18.545  -3.750  1.00 22.10  ? 129 LEU A C   1 
ATOM   894  O  O   . LEU A 1 129 ? 2.474   19.166  -2.795  1.00 22.29  ? 129 LEU A O   1 
ATOM   895  C  CB  . LEU A 1 129 ? 2.424   20.242  -5.564  1.00 24.02  ? 129 LEU A CB  1 
ATOM   896  C  CG  . LEU A 1 129 ? 3.516   19.565  -6.390  1.00 25.22  ? 129 LEU A CG  1 
ATOM   897  C  CD1 . LEU A 1 129 ? 2.954   18.835  -7.611  1.00 23.10  ? 129 LEU A CD1 1 
ATOM   898  C  CD2 . LEU A 1 129 ? 4.570   20.568  -6.870  1.00 25.87  ? 129 LEU A CD2 1 
ATOM   899  N  N   . VAL A 1 130 ? 2.147   17.214  -3.889  1.00 21.37  ? 130 VAL A N   1 
ATOM   900  C  CA  . VAL A 1 130 ? 2.538   16.314  -2.781  1.00 22.21  ? 130 VAL A CA  1 
ATOM   901  C  C   . VAL A 1 130 ? 3.643   15.423  -3.335  1.00 22.32  ? 130 VAL A C   1 
ATOM   902  O  O   . VAL A 1 130 ? 3.467   14.943  -4.466  1.00 23.18  ? 130 VAL A O   1 
ATOM   903  C  CB  . VAL A 1 130 ? 1.345   15.477  -2.300  1.00 24.29  ? 130 VAL A CB  1 
ATOM   904  C  CG1 . VAL A 1 130 ? 1.795   14.423  -1.323  1.00 23.73  ? 130 VAL A CG1 1 
ATOM   905  C  CG2 . VAL A 1 130 ? 0.229   16.360  -1.713  1.00 26.60  ? 130 VAL A CG2 1 
ATOM   906  N  N   . CYS A 1 131 ? 4.715   15.185  -2.602  1.00 21.47  ? 131 CYS A N   1 
ATOM   907  C  CA  . CYS A 1 131 ? 5.777   14.258  -3.061  1.00 20.88  ? 131 CYS A CA  1 
ATOM   908  C  C   . CYS A 1 131 ? 6.077   13.211  -2.010  1.00 23.48  ? 131 CYS A C   1 
ATOM   909  O  O   . CYS A 1 131 ? 5.789   13.404  -0.811  1.00 23.57  ? 131 CYS A O   1 
ATOM   910  C  CB  . CYS A 1 131 ? 7.089   14.911  -3.480  1.00 20.26  ? 131 CYS A CB  1 
ATOM   911  S  SG  . CYS A 1 131 ? 7.993   15.689  -2.116  1.00 23.55  ? 131 CYS A SG  1 
ATOM   912  N  N   . GLY A 1 132 ? 6.759   12.168  -2.450  1.00 25.09  ? 132 GLY A N   1 
ATOM   913  C  CA  . GLY A 1 132 ? 7.268   11.115  -1.576  1.00 24.28  ? 132 GLY A CA  1 
ATOM   914  C  C   . GLY A 1 132 ? 8.726   11.349  -1.235  1.00 23.81  ? 132 GLY A C   1 
ATOM   915  O  O   . GLY A 1 132 ? 9.214   12.471  -1.186  1.00 22.64  ? 132 GLY A O   1 
ATOM   916  N  N   . PRO A 1 133 ? 9.480   10.255  -0.973  1.00 26.97  ? 133 PRO A N   1 
ATOM   917  C  CA  . PRO A 1 133 ? 10.829  10.377  -0.427  1.00 28.07  ? 133 PRO A CA  1 
ATOM   918  C  C   . PRO A 1 133 ? 11.921  10.727  -1.441  1.00 27.93  ? 133 PRO A C   1 
ATOM   919  O  O   . PRO A 1 133 ? 13.006  11.077  -1.076  1.00 27.85  ? 133 PRO A O   1 
ATOM   920  C  CB  . PRO A 1 133 ? 11.034  8.969   0.181   1.00 28.96  ? 133 PRO A CB  1 
ATOM   921  C  CG  . PRO A 1 133 ? 10.224  8.067   -0.668  1.00 29.35  ? 133 PRO A CG  1 
ATOM   922  C  CD  . PRO A 1 133 ? 8.977   8.877   -1.014  1.00 27.80  ? 133 PRO A CD  1 
ATOM   923  N  N   . ASP A 1 134 ? 11.609  10.625  -2.726  1.00 25.34  ? 134 ASP A N   1 
ATOM   924  C  CA  . ASP A 1 134 ? 12.530  11.085  -3.782  1.00 26.66  ? 134 ASP A CA  1 
ATOM   925  C  C   . ASP A 1 134 ? 11.706  11.568  -4.967  1.00 22.88  ? 134 ASP A C   1 
ATOM   926  O  O   . ASP A 1 134 ? 10.451  11.502  -4.893  1.00 25.17  ? 134 ASP A O   1 
ATOM   927  C  CB  . ASP A 1 134 ? 13.562  10.001  -4.136  1.00 29.53  ? 134 ASP A CB  1 
ATOM   928  C  CG  . ASP A 1 134 ? 13.057  8.768   -4.844  1.00 38.81  ? 134 ASP A CG  1 
ATOM   929  O  OD1 . ASP A 1 134 ? 12.038  8.849   -5.565  1.00 31.34  ? 134 ASP A OD1 1 
ATOM   930  O  OD2 . ASP A 1 134 ? 13.733  7.698   -4.704  1.00 40.53  ? 134 ASP A OD2 1 
ATOM   931  N  N   . ARG A 1 135 ? 12.381  12.077  -5.975  1.00 25.00  ? 135 ARG A N   1 
ATOM   932  C  CA  . ARG A 1 135 ? 11.743  12.752  -7.135  1.00 25.52  ? 135 ARG A CA  1 
ATOM   933  C  C   . ARG A 1 135 ? 10.985  11.768  -8.050  1.00 25.67  ? 135 ARG A C   1 
ATOM   934  O  O   . ARG A 1 135 ? 10.398  12.268  -9.002  1.00 25.13  ? 135 ARG A O   1 
ATOM   935  C  CB  . ARG A 1 135 ? 12.779  13.625  -7.833  1.00 23.66  ? 135 ARG A CB  1 
ATOM   936  C  CG  . ARG A 1 135 ? 13.099  14.919  -7.085  1.00 23.74  ? 135 ARG A CG  1 
ATOM   937  C  CD  . ARG A 1 135 ? 14.346  15.587  -7.607  1.00 23.31  ? 135 ARG A CD  1 
ATOM   938  N  NE  . ARG A 1 135 ? 14.604  16.870  -7.009  1.00 25.12  ? 135 ARG A NE  1 
ATOM   939  C  CZ  . ARG A 1 135 ? 15.269  17.051  -5.880  1.00 25.80  ? 135 ARG A CZ  1 
ATOM   940  N  NH1 . ARG A 1 135 ? 15.440  18.268  -5.426  1.00 24.82  ? 135 ARG A NH1 1 
ATOM   941  N  NH2 . ARG A 1 135 ? 15.792  16.019  -5.261  1.00 24.49  ? 135 ARG A NH2 1 
ATOM   942  N  N   . ASP A 1 136 ? 10.949  10.466  -7.760  1.00 26.72  ? 136 ASP A N   1 
ATOM   943  C  CA  . ASP A 1 136 ? 10.127  9.460   -8.489  1.00 27.13  ? 136 ASP A CA  1 
ATOM   944  C  C   . ASP A 1 136 ? 8.699   9.401   -7.930  1.00 25.18  ? 136 ASP A C   1 
ATOM   945  O  O   . ASP A 1 136 ? 7.886   8.647   -8.488  1.00 25.59  ? 136 ASP A O   1 
ATOM   946  C  CB  . ASP A 1 136 ? 10.784  8.073   -8.465  1.00 29.51  ? 136 ASP A CB  1 
ATOM   947  C  CG  . ASP A 1 136 ? 12.064  8.020   -9.289  1.00 39.02  ? 136 ASP A CG  1 
ATOM   948  O  OD1 . ASP A 1 136 ? 12.295  8.938   -10.113 1.00 37.22  ? 136 ASP A OD1 1 
ATOM   949  O  OD2 . ASP A 1 136 ? 12.842  7.063   -9.100  1.00 50.07  ? 136 ASP A OD2 1 
ATOM   950  N  N   . TYR A 1 137 ? 8.351   10.214  -6.911  1.00 23.94  ? 137 TYR A N   1 
ATOM   951  C  CA  . TYR A 1 137 ? 7.046   10.157  -6.202  1.00 23.96  ? 137 TYR A CA  1 
ATOM   952  C  C   . TYR A 1 137 ? 6.443   11.573  -6.215  1.00 23.46  ? 137 TYR A C   1 
ATOM   953  O  O   . TYR A 1 137 ? 6.934   12.429  -5.469  1.00 22.91  ? 137 TYR A O   1 
ATOM   954  C  CB  . TYR A 1 137 ? 7.243   9.622   -4.783  1.00 26.81  ? 137 TYR A CB  1 
ATOM   955  C  CG  . TYR A 1 137 ? 7.640   8.168   -4.775  1.00 27.87  ? 137 TYR A CG  1 
ATOM   956  C  CD1 . TYR A 1 137 ? 8.984   7.824   -4.837  1.00 32.26  ? 137 TYR A CD1 1 
ATOM   957  C  CD2 . TYR A 1 137 ? 6.690   7.165   -4.741  1.00 36.06  ? 137 TYR A CD2 1 
ATOM   958  C  CE1 . TYR A 1 137 ? 9.376   6.497   -4.852  1.00 33.39  ? 137 TYR A CE1 1 
ATOM   959  C  CE2 . TYR A 1 137 ? 7.072   5.823   -4.736  1.00 36.23  ? 137 TYR A CE2 1 
ATOM   960  C  CZ  . TYR A 1 137 ? 8.416   5.507   -4.810  1.00 37.12  ? 137 TYR A CZ  1 
ATOM   961  O  OH  . TYR A 1 137 ? 8.798   4.198   -4.822  1.00 50.82  ? 137 TYR A OH  1 
ATOM   962  N  N   . LEU A 1 138 ? 5.384   11.792  -6.991  1.00 21.36  ? 138 LEU A N   1 
ATOM   963  C  CA  . LEU A 1 138 ? 4.776   13.152  -7.088  1.00 23.72  ? 138 LEU A CA  1 
ATOM   964  C  C   . LEU A 1 138 ? 3.309   13.009  -7.483  1.00 25.33  ? 138 LEU A C   1 
ATOM   965  O  O   . LEU A 1 138 ? 2.953   12.128  -8.352  1.00 22.90  ? 138 LEU A O   1 
ATOM   966  C  CB  . LEU A 1 138 ? 5.528   14.025  -8.094  1.00 22.35  ? 138 LEU A CB  1 
ATOM   967  C  CG  . LEU A 1 138 ? 5.170   15.510  -8.121  1.00 21.72  ? 138 LEU A CG  1 
ATOM   968  C  CD1 . LEU A 1 138 ? 5.586   16.200  -6.847  1.00 21.72  ? 138 LEU A CD1 1 
ATOM   969  C  CD2 . LEU A 1 138 ? 5.836   16.194  -9.296  1.00 22.18  ? 138 LEU A CD2 1 
ATOM   970  N  N   . TRP A 1 139 ? 2.467   13.857  -6.894  1.00 21.30  ? 139 TRP A N   1 
ATOM   971  C  CA  . TRP A 1 139 ? 1.025   13.926  -7.168  1.00 21.13  ? 139 TRP A CA  1 
ATOM   972  C  C   . TRP A 1 139 ? 0.586   15.378  -7.249  1.00 22.01  ? 139 TRP A C   1 
ATOM   973  O  O   . TRP A 1 139 ? 1.061   16.225  -6.439  1.00 21.57  ? 139 TRP A O   1 
ATOM   974  C  CB  . TRP A 1 139 ? 0.228   13.214  -6.054  1.00 22.10  ? 139 TRP A CB  1 
ATOM   975  C  CG  . TRP A 1 139 ? 0.500   11.762  -5.933  1.00 21.93  ? 139 TRP A CG  1 
ATOM   976  C  CD1 . TRP A 1 139 ? -0.264  10.782  -6.500  1.00 22.85  ? 139 TRP A CD1 1 
ATOM   977  C  CD2 . TRP A 1 139 ? 1.574   11.095  -5.224  1.00 22.20  ? 139 TRP A CD2 1 
ATOM   978  N  NE1 . TRP A 1 139 ? 0.238   9.558   -6.161  1.00 24.17  ? 139 TRP A NE1 1 
ATOM   979  C  CE2 . TRP A 1 139 ? 1.388   9.720   -5.430  1.00 23.19  ? 139 TRP A CE2 1 
ATOM   980  C  CE3 . TRP A 1 139 ? 2.672   11.514  -4.449  1.00 25.05  ? 139 TRP A CE3 1 
ATOM   981  C  CZ2 . TRP A 1 139 ? 2.242   8.764   -4.866  1.00 24.89  ? 139 TRP A CZ2 1 
ATOM   982  C  CZ3 . TRP A 1 139 ? 3.515   10.577  -3.899  1.00 27.40  ? 139 TRP A CZ3 1 
ATOM   983  C  CH2 . TRP A 1 139 ? 3.286   9.225   -4.093  1.00 26.08  ? 139 TRP A CH2 1 
ATOM   984  N  N   . ILE A 1 140 ? -0.405  15.628  -8.100  1.00 23.41  ? 140 ILE A N   1 
ATOM   985  C  CA  . ILE A 1 140 ? -1.275  16.838  -8.031  1.00 21.55  ? 140 ILE A CA  1 
ATOM   986  C  C   . ILE A 1 140 ? -2.641  16.407  -7.495  1.00 20.96  ? 140 ILE A C   1 
ATOM   987  O  O   . ILE A 1 140 ? -3.233  15.434  -8.035  1.00 22.90  ? 140 ILE A O   1 
ATOM   988  C  CB  . ILE A 1 140 ? -1.409  17.527  -9.384  1.00 23.67  ? 140 ILE A CB  1 
ATOM   989  C  CG1 . ILE A 1 140 ? -0.056  17.965  -9.917  1.00 23.29  ? 140 ILE A CG1 1 
ATOM   990  C  CG2 . ILE A 1 140 ? -2.375  18.706  -9.248  1.00 23.72  ? 140 ILE A CG2 1 
ATOM   991  C  CD1 . ILE A 1 140 ? -0.085  18.357  -11.372 1.00 25.21  ? 140 ILE A CD1 1 
ATOM   992  N  N   . GLN A 1 141 ? -3.041  16.998  -6.380  1.00 21.46  ? 141 GLN A N   1 
ATOM   993  C  CA  . GLN A 1 141 ? -4.361  16.711  -5.740  1.00 22.80  ? 141 GLN A CA  1 
ATOM   994  C  C   . GLN A 1 141 ? -5.231  17.987  -5.785  1.00 21.19  ? 141 GLN A C   1 
ATOM   995  O  O   . GLN A 1 141 ? -4.695  19.125  -5.722  1.00 23.93  ? 141 GLN A O   1 
ATOM   996  C  CB  . GLN A 1 141 ? -4.086  16.178  -4.323  1.00 25.51  ? 141 GLN A CB  1 
ATOM   997  C  CG  . GLN A 1 141 ? -3.633  14.703  -4.257  1.00 29.59  ? 141 GLN A CG  1 
ATOM   998  C  CD  . GLN A 1 141 ? -3.371  14.294  -2.809  1.00 42.48  ? 141 GLN A CD  1 
ATOM   999  O  OE1 . GLN A 1 141 ? -2.355  14.675  -2.209  1.00 45.48  ? 141 GLN A OE1 1 
ATOM   1000 N  NE2 . GLN A 1 141 ? -4.269  13.524  -2.191  1.00 37.27  ? 141 GLN A NE2 1 
ATOM   1001 N  N   . SER A 1 142 ? -6.557  17.810  -5.836  1.00 23.04  ? 142 SER A N   1 
ATOM   1002 C  CA  . SER A 1 142 ? -7.508  18.927  -5.907  1.00 23.36  ? 142 SER A CA  1 
ATOM   1003 C  C   . SER A 1 142 ? -8.783  18.598  -5.157  1.00 22.68  ? 142 SER A C   1 
ATOM   1004 O  O   . SER A 1 142 ? -9.230  17.452  -5.197  1.00 25.81  ? 142 SER A O   1 
ATOM   1005 C  CB  . SER A 1 142 ? -7.835  19.196  -7.354  1.00 24.49  ? 142 SER A CB  1 
ATOM   1006 O  OG  . SER A 1 142 ? -8.750  20.276  -7.517  1.00 28.64  ? 142 SER A OG  1 
ATOM   1007 N  N   . ARG A 1 143 ? -9.394  19.630  -4.597  1.00 25.97  ? 143 ARG A N   1 
ATOM   1008 C  CA  . ARG A 1 143 ? -10.769 19.465  -4.030  1.00 30.31  ? 143 ARG A CA  1 
ATOM   1009 C  C   . ARG A 1 143 ? -11.808 19.224  -5.124  1.00 29.28  ? 143 ARG A C   1 
ATOM   1010 O  O   . ARG A 1 143 ? -12.912 18.679  -4.782  1.00 28.94  ? 143 ARG A O   1 
ATOM   1011 C  CB  . ARG A 1 143 ? -11.152 20.710  -3.242  1.00 28.26  ? 143 ARG A CB  1 
ATOM   1012 C  CG  . ARG A 1 143 ? -10.330 20.885  -1.987  1.00 29.63  ? 143 ARG A CG  1 
ATOM   1013 C  CD  . ARG A 1 143 ? -10.398 19.721  -1.044  1.00 26.55  ? 143 ARG A CD  1 
ATOM   1014 N  NE  . ARG A 1 143 ? -9.971  20.189  0.278   1.00 29.24  ? 143 ARG A NE  1 
ATOM   1015 C  CZ  . ARG A 1 143 ? -10.181 19.550  1.400   1.00 26.34  ? 143 ARG A CZ  1 
ATOM   1016 N  NH1 . ARG A 1 143 ? -10.783 18.368  1.402   1.00 27.36  ? 143 ARG A NH1 1 
ATOM   1017 N  NH2 . ARG A 1 143 ? -9.726  20.091  2.520   1.00 26.88  ? 143 ARG A NH2 1 
ATOM   1018 N  N   . THR A 1 144 ? -11.491 19.583  -6.387  1.00 29.01  ? 144 THR A N   1 
ATOM   1019 C  CA  . THR A 1 144 ? -12.360 19.386  -7.585  1.00 29.47  ? 144 THR A CA  1 
ATOM   1020 C  C   . THR A 1 144 ? -11.759 18.346  -8.517  1.00 32.99  ? 144 THR A C   1 
ATOM   1021 O  O   . THR A 1 144 ? -10.536 18.187  -8.594  1.00 30.12  ? 144 THR A O   1 
ATOM   1022 C  CB  . THR A 1 144 ? -12.578 20.696  -8.340  1.00 32.18  ? 144 THR A CB  1 
ATOM   1023 O  OG1 . THR A 1 144 ? -11.320 21.239  -8.752  1.00 31.72  ? 144 THR A OG1 1 
ATOM   1024 C  CG2 . THR A 1 144 ? -13.360 21.693  -7.516  1.00 36.95  ? 144 THR A CG2 1 
ATOM   1025 N  N   . PRO A 1 145 ? -12.597 17.586  -9.240  1.00 31.69  ? 145 PRO A N   1 
ATOM   1026 C  CA  . PRO A 1 145 ? -12.103 16.528  -10.115 1.00 29.98  ? 145 PRO A CA  1 
ATOM   1027 C  C   . PRO A 1 145 ? -11.329 17.103  -11.317 1.00 28.49  ? 145 PRO A C   1 
ATOM   1028 O  O   . PRO A 1 145 ? -10.601 16.343  -11.899 1.00 30.46  ? 145 PRO A O   1 
ATOM   1029 C  CB  . PRO A 1 145 ? -13.386 15.786  -10.547 1.00 32.96  ? 145 PRO A CB  1 
ATOM   1030 C  CG  . PRO A 1 145 ? -14.490 16.833  -10.397 1.00 34.60  ? 145 PRO A CG  1 
ATOM   1031 C  CD  . PRO A 1 145 ? -14.089 17.636  -9.176  1.00 32.32  ? 145 PRO A CD  1 
ATOM   1032 N  N   . THR A 1 146 ? -11.501 18.379  -11.652 1.00 28.55  ? 146 THR A N   1 
ATOM   1033 C  CA  . THR A 1 146 ? -10.752 19.053  -12.746 1.00 30.89  ? 146 THR A CA  1 
ATOM   1034 C  C   . THR A 1 146 ? -10.167 20.361  -12.233 1.00 31.07  ? 146 THR A C   1 
ATOM   1035 O  O   . THR A 1 146 ? -10.768 20.975  -11.365 1.00 34.03  ? 146 THR A O   1 
ATOM   1036 C  CB  . THR A 1 146 ? -11.615 19.256  -14.004 1.00 31.81  ? 146 THR A CB  1 
ATOM   1037 O  OG1 . THR A 1 146 ? -12.510 20.334  -13.752 1.00 36.77  ? 146 THR A OG1 1 
ATOM   1038 C  CG2 . THR A 1 146 ? -12.361 18.019  -14.411 1.00 34.10  ? 146 THR A CG2 1 
ATOM   1039 N  N   . ILE A 1 147 ? -9.028  20.778  -12.791 1.00 27.66  ? 147 ILE A N   1 
ATOM   1040 C  CA  . ILE A 1 147 ? -8.399  22.087  -12.541 1.00 29.32  ? 147 ILE A CA  1 
ATOM   1041 C  C   . ILE A 1 147 ? -8.217  22.787  -13.883 1.00 27.66  ? 147 ILE A C   1 
ATOM   1042 O  O   . ILE A 1 147 ? -8.167  22.093  -14.965 1.00 29.35  ? 147 ILE A O   1 
ATOM   1043 C  CB  . ILE A 1 147 ? -7.080  21.924  -11.747 1.00 27.53  ? 147 ILE A CB  1 
ATOM   1044 C  CG1 . ILE A 1 147 ? -6.108  21.009  -12.490 1.00 28.49  ? 147 ILE A CG1 1 
ATOM   1045 C  CG2 . ILE A 1 147 ? -7.381  21.404  -10.344 1.00 31.01  ? 147 ILE A CG2 1 
ATOM   1046 C  CD1 . ILE A 1 147 ? -4.738  21.020  -11.893 1.00 30.00  ? 147 ILE A CD1 1 
ATOM   1047 N  N   . SER A 1 148 ? -8.093  24.093  -13.801 1.00 29.63  ? 148 SER A N   1 
ATOM   1048 C  CA  . SER A 1 148 ? -7.848  24.989  -14.951 1.00 33.78  ? 148 SER A CA  1 
ATOM   1049 C  C   . SER A 1 148 ? -6.435  24.731  -15.492 1.00 33.91  ? 148 SER A C   1 
ATOM   1050 O  O   . SER A 1 148 ? -5.529  24.341  -14.710 1.00 30.62  ? 148 SER A O   1 
ATOM   1051 C  CB  . SER A 1 148 ? -8.022  26.399  -14.563 1.00 34.30  ? 148 SER A CB  1 
ATOM   1052 O  OG  . SER A 1 148 ? -7.015  26.840  -13.664 1.00 37.21  ? 148 SER A OG  1 
ATOM   1053 N  N   . ASP A 1 149 ? -6.233  24.992  -16.780 1.00 32.62  ? 149 ASP A N   1 
ATOM   1054 C  CA  . ASP A 1 149 ? -4.871  24.941  -17.366 1.00 32.17  ? 149 ASP A CA  1 
ATOM   1055 C  C   . ASP A 1 149 ? -3.964  25.911  -16.605 1.00 34.81  ? 149 ASP A C   1 
ATOM   1056 O  O   . ASP A 1 149 ? -2.744  25.650  -16.501 1.00 32.85  ? 149 ASP A O   1 
ATOM   1057 C  CB  . ASP A 1 149 ? -4.892  25.197  -18.875 1.00 32.65  ? 149 ASP A CB  1 
ATOM   1058 C  CG  . ASP A 1 149 ? -3.528  24.920  -19.501 1.00 41.08  ? 149 ASP A CG  1 
ATOM   1059 O  OD1 . ASP A 1 149 ? -2.831  23.963  -19.009 1.00 35.22  ? 149 ASP A OD1 1 
ATOM   1060 O  OD2 . ASP A 1 149 ? -3.173  25.632  -20.474 1.00 50.08  ? 149 ASP A OD2 1 
ATOM   1061 N  N   . GLU A 1 150 ? -4.505  26.992  -16.049 1.00 34.96  ? 150 GLU A N   1 
ATOM   1062 C  CA  . GLU A 1 150 ? -3.677  27.960  -15.296 1.00 37.95  ? 150 GLU A CA  1 
ATOM   1063 C  C   . GLU A 1 150 ? -3.059  27.247  -14.077 1.00 35.02  ? 150 GLU A C   1 
ATOM   1064 O  O   . GLU A 1 150 ? -1.834  27.392  -13.841 1.00 34.26  ? 150 GLU A O   1 
ATOM   1065 C  CB  . GLU A 1 150 ? -4.542  29.166  -14.918 1.00 44.80  ? 150 GLU A CB  1 
ATOM   1066 C  CG  . GLU A 1 150 ? -3.789  30.292  -14.228 1.00 52.19  ? 150 GLU A CG  1 
ATOM   1067 C  CD  . GLU A 1 150 ? -2.597  30.868  -14.987 1.00 64.97  ? 150 GLU A CD  1 
ATOM   1068 O  OE1 . GLU A 1 150 ? -2.404  30.509  -16.183 1.00 70.08  ? 150 GLU A OE1 1 
ATOM   1069 O  OE2 . GLU A 1 150 ? -1.851  31.686  -14.384 1.00 68.27  ? 150 GLU A OE2 1 
ATOM   1070 N  N   . VAL A 1 151 ? -3.887  26.569  -13.296 1.00 30.06  ? 151 VAL A N   1 
ATOM   1071 C  CA  . VAL A 1 151 ? -3.444  25.808  -12.085 1.00 30.13  ? 151 VAL A CA  1 
ATOM   1072 C  C   . VAL A 1 151 ? -2.497  24.675  -12.531 1.00 27.10  ? 151 VAL A C   1 
ATOM   1073 O  O   . VAL A 1 151 ? -1.528  24.398  -11.810 1.00 28.91  ? 151 VAL A O   1 
ATOM   1074 C  CB  . VAL A 1 151 ? -4.641  25.265  -11.276 1.00 32.97  ? 151 VAL A CB  1 
ATOM   1075 C  CG1 . VAL A 1 151 ? -4.216  24.447  -10.057 1.00 31.30  ? 151 VAL A CG1 1 
ATOM   1076 C  CG2 . VAL A 1 151 ? -5.572  26.405  -10.883 1.00 35.08  ? 151 VAL A CG2 1 
ATOM   1077 N  N   . LYS A 1 152 ? -2.746  24.013  -13.675 1.00 27.24  ? 152 LYS A N   1 
ATOM   1078 C  CA  . LYS A 1 152 ? -1.832  22.958  -14.152 1.00 28.76  ? 152 LYS A CA  1 
ATOM   1079 C  C   . LYS A 1 152 ? -0.462  23.605  -14.357 1.00 28.15  ? 152 LYS A C   1 
ATOM   1080 O  O   . LYS A 1 152 ? 0.588   22.988  -13.958 1.00 27.45  ? 152 LYS A O   1 
ATOM   1081 C  CB  . LYS A 1 152 ? -2.356  22.325  -15.452 1.00 27.10  ? 152 LYS A CB  1 
ATOM   1082 C  CG  . LYS A 1 152 ? -3.603  21.474  -15.262 1.00 29.26  ? 152 LYS A CG  1 
ATOM   1083 C  CD  . LYS A 1 152 ? -4.140  20.909  -16.574 1.00 28.13  ? 152 LYS A CD  1 
ATOM   1084 C  CE  . LYS A 1 152 ? -5.386  20.096  -16.315 1.00 31.16  ? 152 LYS A CE  1 
ATOM   1085 N  NZ  . LYS A 1 152 ? -6.044  19.634  -17.571 1.00 32.29  ? 152 LYS A NZ  1 
ATOM   1086 N  N   . GLN A 1 153 ? -0.426  24.758  -15.027 1.00 29.49  ? 153 GLN A N   1 
ATOM   1087 C  CA  . GLN A 1 153 ? 0.877   25.395  -15.385 1.00 30.15  ? 153 GLN A CA  1 
ATOM   1088 C  C   . GLN A 1 153 ? 1.595   25.831  -14.109 1.00 32.08  ? 153 GLN A C   1 
ATOM   1089 O  O   . GLN A 1 153 ? 2.823   25.599  -14.065 1.00 30.70  ? 153 GLN A O   1 
ATOM   1090 C  CB  . GLN A 1 153 ? 0.694   26.544  -16.379 1.00 33.70  ? 153 GLN A CB  1 
ATOM   1091 C  CG  . GLN A 1 153 ? 0.319   26.025  -17.751 1.00 33.31  ? 153 GLN A CG  1 
ATOM   1092 C  CD  . GLN A 1 153 ? 0.280   27.082  -18.828 1.00 38.04  ? 153 GLN A CD  1 
ATOM   1093 O  OE1 . GLN A 1 153 ? -0.783  27.398  -19.346 1.00 46.90  ? 153 GLN A OE1 1 
ATOM   1094 N  NE2 . GLN A 1 153 ? 1.441   27.565  -19.230 1.00 43.35  ? 153 GLN A NE2 1 
ATOM   1095 N  N   . GLU A 1 154 ? 0.881   26.383  -13.119 1.00 30.88  ? 154 GLU A N   1 
ATOM   1096 C  CA  . GLU A 1 154 ? 1.503   26.825  -11.835 1.00 35.24  ? 154 GLU A CA  1 
ATOM   1097 C  C   . GLU A 1 154 ? 2.116   25.606  -11.133 1.00 30.21  ? 154 GLU A C   1 
ATOM   1098 O  O   . GLU A 1 154 ? 3.301   25.669  -10.708 1.00 32.52  ? 154 GLU A O   1 
ATOM   1099 C  CB  . GLU A 1 154 ? 0.487   27.520  -10.931 1.00 40.17  ? 154 GLU A CB  1 
ATOM   1100 C  CG  . GLU A 1 154 ? 0.231   28.954  -11.367 1.00 52.03  ? 154 GLU A CG  1 
ATOM   1101 C  CD  . GLU A 1 154 ? -1.070  29.589  -10.912 1.00 55.83  ? 154 GLU A CD  1 
ATOM   1102 O  OE1 . GLU A 1 154 ? -1.847  28.923  -10.187 1.00 59.84  ? 154 GLU A OE1 1 
ATOM   1103 O  OE2 . GLU A 1 154 ? -1.308  30.747  -11.314 1.00 64.85  ? 154 GLU A OE2 1 
ATOM   1104 N  N   . MET A 1 155 ? 1.340   24.536  -11.018 1.00 27.26  ? 155 MET A N   1 
ATOM   1105 C  CA  . MET A 1 155 ? 1.787   23.281  -10.357 1.00 28.05  ? 155 MET A CA  1 
ATOM   1106 C  C   . MET A 1 155 ? 2.979   22.685  -11.116 1.00 27.44  ? 155 MET A C   1 
ATOM   1107 O  O   . MET A 1 155 ? 3.922   22.206  -10.473 1.00 26.46  ? 155 MET A O   1 
ATOM   1108 C  CB  . MET A 1 155 ? 0.658   22.252  -10.304 1.00 30.55  ? 155 MET A CB  1 
ATOM   1109 C  CG  . MET A 1 155 ? -0.484  22.638  -9.409  1.00 39.05  ? 155 MET A CG  1 
ATOM   1110 S  SD  . MET A 1 155 ? -0.008  22.302  -7.696  1.00 47.32  ? 155 MET A SD  1 
ATOM   1111 C  CE  . MET A 1 155 ? -1.613  22.466  -6.913  1.00 49.83  ? 155 MET A CE  1 
ATOM   1112 N  N   . LEU A 1 156 ? 2.916   22.579  -12.452 1.00 24.26  ? 156 LEU A N   1 
ATOM   1113 C  CA  . LEU A 1 156 ? 4.077   22.030  -13.196 1.00 24.26  ? 156 LEU A CA  1 
ATOM   1114 C  C   . LEU A 1 156 ? 5.313   22.922  -13.036 1.00 24.06  ? 156 LEU A C   1 
ATOM   1115 O  O   . LEU A 1 156 ? 6.425   22.373  -13.033 1.00 26.14  ? 156 LEU A O   1 
ATOM   1116 C  CB  . LEU A 1 156 ? 3.668   21.910  -14.668 1.00 25.39  ? 156 LEU A CB  1 
ATOM   1117 C  CG  . LEU A 1 156 ? 2.564   20.915  -14.914 1.00 25.81  ? 156 LEU A CG  1 
ATOM   1118 C  CD1 . LEU A 1 156 ? 1.985   21.101  -16.292 1.00 30.47  ? 156 LEU A CD1 1 
ATOM   1119 C  CD2 . LEU A 1 156 ? 3.076   19.514  -14.760 1.00 27.65  ? 156 LEU A CD2 1 
ATOM   1120 N  N   . ALA A 1 157 ? 5.161   24.244  -12.934 1.00 28.39  ? 157 ALA A N   1 
ATOM   1121 C  CA  . ALA A 1 157 ? 6.329   25.149  -12.791 1.00 30.78  ? 157 ALA A CA  1 
ATOM   1122 C  C   . ALA A 1 157 ? 7.048   24.875  -11.466 1.00 29.65  ? 157 ALA A C   1 
ATOM   1123 O  O   . ALA A 1 157 ? 8.312   24.793  -11.466 1.00 26.92  ? 157 ALA A O   1 
ATOM   1124 C  CB  . ALA A 1 157 ? 5.917   26.590  -12.890 1.00 32.65  ? 157 ALA A CB  1 
ATOM   1125 N  N   . VAL A 1 158 ? 6.294   24.757  -10.372 1.00 26.99  ? 158 VAL A N   1 
ATOM   1126 C  CA  . VAL A 1 158 ? 6.872   24.478  -9.031  1.00 26.07  ? 158 VAL A CA  1 
ATOM   1127 C  C   . VAL A 1 158 ? 7.594   23.127  -9.128  1.00 23.78  ? 158 VAL A C   1 
ATOM   1128 O  O   . VAL A 1 158 ? 8.764   22.987  -8.661  1.00 26.15  ? 158 VAL A O   1 
ATOM   1129 C  CB  . VAL A 1 158 ? 5.803   24.467  -7.934  1.00 29.39  ? 158 VAL A CB  1 
ATOM   1130 C  CG1 . VAL A 1 158 ? 6.383   23.967  -6.608  1.00 32.51  ? 158 VAL A CG1 1 
ATOM   1131 C  CG2 . VAL A 1 158 ? 5.165   25.837  -7.788  1.00 28.45  ? 158 VAL A CG2 1 
ATOM   1132 N  N   . ALA A 1 159 ? 6.934   22.114  -9.685  1.00 22.20  ? 159 ALA A N   1 
ATOM   1133 C  CA  . ALA A 1 159 ? 7.542   20.763  -9.769  1.00 22.27  ? 159 ALA A CA  1 
ATOM   1134 C  C   . ALA A 1 159 ? 8.855   20.880  -10.547 1.00 21.06  ? 159 ALA A C   1 
ATOM   1135 O  O   . ALA A 1 159 ? 9.857   20.268  -10.148 1.00 24.27  ? 159 ALA A O   1 
ATOM   1136 C  CB  . ALA A 1 159 ? 6.586   19.767  -10.375 1.00 23.69  ? 159 ALA A CB  1 
ATOM   1137 N  N   . THR A 1 160 ? 8.831   21.518  -11.724 1.00 23.11  ? 160 THR A N   1 
ATOM   1138 C  CA  . THR A 1 160 ? 10.049  21.602  -12.559 1.00 26.02  ? 160 THR A CA  1 
ATOM   1139 C  C   . THR A 1 160 ? 11.137  22.348  -11.779 1.00 26.31  ? 160 THR A C   1 
ATOM   1140 O  O   . THR A 1 160 ? 12.272  21.819  -11.749 1.00 27.51  ? 160 THR A O   1 
ATOM   1141 C  CB  . THR A 1 160 ? 9.727   22.267  -13.905 1.00 33.09  ? 160 THR A CB  1 
ATOM   1142 O  OG1 . THR A 1 160 ? 8.787   21.433  -14.575 1.00 29.69  ? 160 THR A OG1 1 
ATOM   1143 C  CG2 . THR A 1 160 ? 10.970  22.432  -14.751 1.00 33.84  ? 160 THR A CG2 1 
ATOM   1144 N  N   . ARG A 1 161 ? 10.816  23.483  -11.174 1.00 26.55  ? 161 ARG A N   1 
ATOM   1145 C  CA  . ARG A 1 161 ? 11.793  24.324  -10.412 1.00 29.78  ? 161 ARG A CA  1 
ATOM   1146 C  C   . ARG A 1 161 ? 12.465  23.502  -9.297  1.00 27.97  ? 161 ARG A C   1 
ATOM   1147 O  O   . ARG A 1 161 ? 13.650  23.835  -8.932  1.00 26.15  ? 161 ARG A O   1 
ATOM   1148 C  CB  . ARG A 1 161 ? 11.077  25.588  -9.931  1.00 32.06  ? 161 ARG A CB  1 
ATOM   1149 C  CG  . ARG A 1 161 ? 11.854  26.431  -8.928  1.00 42.22  ? 161 ARG A CG  1 
ATOM   1150 C  CD  . ARG A 1 161 ? 11.145  27.693  -8.411  1.00 46.31  ? 161 ARG A CD  1 
ATOM   1151 N  NE  . ARG A 1 161 ? 9.957   27.457  -7.579  1.00 58.69  ? 161 ARG A NE  1 
ATOM   1152 C  CZ  . ARG A 1 161 ? 9.956   26.913  -6.349  1.00 56.86  ? 161 ARG A CZ  1 
ATOM   1153 N  NH1 . ARG A 1 161 ? 11.090  26.523  -5.784  1.00 59.75  ? 161 ARG A NH1 1 
ATOM   1154 N  NH2 . ARG A 1 161 ? 8.816   26.756  -5.691  1.00 55.55  ? 161 ARG A NH2 1 
ATOM   1155 N  N   . GLU A 1 162 ? 11.804  22.466  -8.743  1.00 25.91  ? 162 GLU A N   1 
ATOM   1156 C  CA  . GLU A 1 162 ? 12.363  21.625  -7.650  1.00 25.46  ? 162 GLU A CA  1 
ATOM   1157 C  C   . GLU A 1 162 ? 12.968  20.323  -8.178  1.00 24.73  ? 162 GLU A C   1 
ATOM   1158 O  O   . GLU A 1 162 ? 13.435  19.509  -7.398  1.00 25.47  ? 162 GLU A O   1 
ATOM   1159 C  CB  . GLU A 1 162 ? 11.314  21.452  -6.558  1.00 27.00  ? 162 GLU A CB  1 
ATOM   1160 C  CG  . GLU A 1 162 ? 11.239  22.744  -5.757  1.00 30.87  ? 162 GLU A CG  1 
ATOM   1161 C  CD  . GLU A 1 162 ? 10.443  22.698  -4.477  1.00 39.11  ? 162 GLU A CD  1 
ATOM   1162 O  OE1 . GLU A 1 162 ? 10.956  22.093  -3.499  1.00 42.64  ? 162 GLU A OE1 1 
ATOM   1163 O  OE2 . GLU A 1 162 ? 9.304   23.241  -4.477  1.00 38.05  ? 162 GLU A OE2 1 
ATOM   1164 N  N   . GLY A 1 163 ? 13.044  20.152  -9.489  1.00 24.24  ? 163 GLY A N   1 
ATOM   1165 C  CA  . GLY A 1 163 ? 13.812  19.080  -10.118 1.00 24.94  ? 163 GLY A CA  1 
ATOM   1166 C  C   . GLY A 1 163 ? 13.041  17.807  -10.408 1.00 22.95  ? 163 GLY A C   1 
ATOM   1167 O  O   . GLY A 1 163 ? 13.631  16.789  -10.678 1.00 24.04  ? 163 GLY A O   1 
ATOM   1168 N  N   . PHE A 1 164 ? 11.706  17.824  -10.331 1.00 23.55  ? 164 PHE A N   1 
ATOM   1169 C  CA  . PHE A 1 164 ? 10.895  16.657  -10.746 1.00 22.72  ? 164 PHE A CA  1 
ATOM   1170 C  C   . PHE A 1 164 ? 10.745  16.684  -12.284 1.00 24.38  ? 164 PHE A C   1 
ATOM   1171 O  O   . PHE A 1 164 ? 10.610  17.748  -12.853 1.00 26.27  ? 164 PHE A O   1 
ATOM   1172 C  CB  . PHE A 1 164 ? 9.525   16.679  -10.063 1.00 22.26  ? 164 PHE A CB  1 
ATOM   1173 C  CG  . PHE A 1 164 ? 9.532   16.590  -8.554  1.00 22.43  ? 164 PHE A CG  1 
ATOM   1174 C  CD1 . PHE A 1 164 ? 9.736   17.711  -7.767  1.00 23.63  ? 164 PHE A CD1 1 
ATOM   1175 C  CD2 . PHE A 1 164 ? 9.270   15.374  -7.934  1.00 20.95  ? 164 PHE A CD2 1 
ATOM   1176 C  CE1 . PHE A 1 164 ? 9.690   17.615  -6.385  1.00 24.04  ? 164 PHE A CE1 1 
ATOM   1177 C  CE2 . PHE A 1 164 ? 9.267   15.274  -6.544  1.00 21.62  ? 164 PHE A CE2 1 
ATOM   1178 C  CZ  . PHE A 1 164 ? 9.487   16.386  -5.794  1.00 21.59  ? 164 PHE A CZ  1 
ATOM   1179 N  N   . ASP A 1 165 ? 10.753  15.512  -12.872 1.00 26.16  ? 165 ASP A N   1 
ATOM   1180 C  CA  . ASP A 1 165 ? 10.554  15.316  -14.339 1.00 25.57  ? 165 ASP A CA  1 
ATOM   1181 C  C   . ASP A 1 165 ? 9.051   15.242  -14.607 1.00 22.42  ? 165 ASP A C   1 
ATOM   1182 O  O   . ASP A 1 165 ? 8.497   14.194  -14.478 1.00 24.85  ? 165 ASP A O   1 
ATOM   1183 C  CB  . ASP A 1 165 ? 11.250  14.054  -14.778 1.00 26.67  ? 165 ASP A CB  1 
ATOM   1184 C  CG  . ASP A 1 165 ? 11.114  13.770  -16.262 1.00 33.40  ? 165 ASP A CG  1 
ATOM   1185 O  OD1 . ASP A 1 165 ? 10.478  14.595  -16.953 1.00 31.45  ? 165 ASP A OD1 1 
ATOM   1186 O  OD2 . ASP A 1 165 ? 11.646  12.720  -16.661 1.00 35.34  ? 165 ASP A OD2 1 
ATOM   1187 N  N   . VAL A 1 166 ? 8.434   16.365  -14.965 1.00 23.75  ? 166 VAL A N   1 
ATOM   1188 C  CA  . VAL A 1 166 ? 6.946   16.371  -15.026 1.00 25.03  ? 166 VAL A CA  1 
ATOM   1189 C  C   . VAL A 1 166 ? 6.478   15.587  -16.268 1.00 25.33  ? 166 VAL A C   1 
ATOM   1190 O  O   . VAL A 1 166 ? 5.274   15.304  -16.347 1.00 26.49  ? 166 VAL A O   1 
ATOM   1191 C  CB  . VAL A 1 166 ? 6.425   17.818  -15.025 1.00 24.93  ? 166 VAL A CB  1 
ATOM   1192 C  CG1 . VAL A 1 166 ? 6.765   18.547  -13.733 1.00 26.02  ? 166 VAL A CG1 1 
ATOM   1193 C  CG2 . VAL A 1 166 ? 6.978   18.578  -16.184 1.00 26.50  ? 166 VAL A CG2 1 
ATOM   1194 N  N   . SER A 1 167 ? 7.353   15.215  -17.206 1.00 24.85  ? 167 SER A N   1 
ATOM   1195 C  CA  . SER A 1 167 ? 6.972   14.256  -18.279 1.00 27.77  ? 167 SER A CA  1 
ATOM   1196 C  C   . SER A 1 167 ? 6.560   12.876  -17.724 1.00 30.58  ? 167 SER A C   1 
ATOM   1197 O  O   . SER A 1 167 ? 5.878   12.146  -18.428 1.00 29.32  ? 167 SER A O   1 
ATOM   1198 C  CB  . SER A 1 167 ? 8.056   14.191  -19.333 1.00 27.47  ? 167 SER A CB  1 
ATOM   1199 O  OG  . SER A 1 167 ? 9.077   13.271  -18.973 1.00 33.63  ? 167 SER A OG  1 
ATOM   1200 N  N   . LYS A 1 168 ? 6.830   12.542  -16.449 1.00 26.55  ? 168 LYS A N   1 
ATOM   1201 C  CA  . LYS A 1 168 ? 6.457   11.255  -15.828 1.00 24.26  ? 168 LYS A CA  1 
ATOM   1202 C  C   . LYS A 1 168 ? 4.981   11.242  -15.333 1.00 23.25  ? 168 LYS A C   1 
ATOM   1203 O  O   . LYS A 1 168 ? 4.497   10.191  -14.961 1.00 26.51  ? 168 LYS A O   1 
ATOM   1204 C  CB  . LYS A 1 168 ? 7.375   10.965  -14.636 1.00 27.62  ? 168 LYS A CB  1 
ATOM   1205 C  CG  . LYS A 1 168 ? 8.858   10.825  -14.995 1.00 30.68  ? 168 LYS A CG  1 
ATOM   1206 C  CD  . LYS A 1 168 ? 9.724   10.730  -13.721 1.00 35.99  ? 168 LYS A CD  1 
ATOM   1207 C  CE  . LYS A 1 168 ? 11.184  10.418  -13.982 1.00 42.28  ? 168 LYS A CE  1 
ATOM   1208 N  NZ  . LYS A 1 168 ? 11.832  9.874   -12.754 1.00 51.15  ? 168 LYS A NZ  1 
ATOM   1209 N  N   . PHE A 1 169 ? 4.273   12.377  -15.350 1.00 23.75  ? 169 PHE A N   1 
ATOM   1210 C  CA  . PHE A 1 169 ? 2.877   12.432  -14.859 1.00 23.04  ? 169 PHE A CA  1 
ATOM   1211 C  C   . PHE A 1 169 ? 2.000   11.577  -15.775 1.00 25.46  ? 169 PHE A C   1 
ATOM   1212 O  O   . PHE A 1 169 ? 2.037   11.737  -17.034 1.00 25.92  ? 169 PHE A O   1 
ATOM   1213 C  CB  . PHE A 1 169 ? 2.346   13.863  -14.815 1.00 22.58  ? 169 PHE A CB  1 
ATOM   1214 C  CG  . PHE A 1 169 ? 2.629   14.613  -13.532 1.00 21.93  ? 169 PHE A CG  1 
ATOM   1215 C  CD1 . PHE A 1 169 ? 2.268   14.067  -12.318 1.00 23.84  ? 169 PHE A CD1 1 
ATOM   1216 C  CD2 . PHE A 1 169 ? 3.133   15.899  -13.570 1.00 24.34  ? 169 PHE A CD2 1 
ATOM   1217 C  CE1 . PHE A 1 169 ? 2.475   14.774  -11.133 1.00 24.89  ? 169 PHE A CE1 1 
ATOM   1218 C  CE2 . PHE A 1 169 ? 3.286   16.636  -12.387 1.00 23.96  ? 169 PHE A CE2 1 
ATOM   1219 C  CZ  . PHE A 1 169 ? 2.969   16.049  -11.172 1.00 25.20  ? 169 PHE A CZ  1 
ATOM   1220 N  N   . ILE A 1 170 ? 1.212   10.740  -15.154 1.00 24.36  ? 170 ILE A N   1 
ATOM   1221 C  CA  . ILE A 1 170 ? -0.037  10.177  -15.714 1.00 27.12  ? 170 ILE A CA  1 
ATOM   1222 C  C   . ILE A 1 170 ? -1.162  11.036  -15.163 1.00 27.93  ? 170 ILE A C   1 
ATOM   1223 O  O   . ILE A 1 170 ? -1.366  11.079  -13.921 1.00 25.92  ? 170 ILE A O   1 
ATOM   1224 C  CB  . ILE A 1 170 ? -0.191  8.697   -15.340 1.00 29.90  ? 170 ILE A CB  1 
ATOM   1225 C  CG1 . ILE A 1 170 ? 1.007   7.872   -15.818 1.00 37.43  ? 170 ILE A CG1 1 
ATOM   1226 C  CG2 . ILE A 1 170 ? -1.547  8.158   -15.790 1.00 32.22  ? 170 ILE A CG2 1 
ATOM   1227 C  CD1 . ILE A 1 170 ? 1.081   7.748   -17.313 1.00 42.10  ? 170 ILE A CD1 1 
ATOM   1228 N  N   . TRP A 1 171 ? -1.831  11.753  -16.037 1.00 24.91  ? 171 TRP A N   1 
ATOM   1229 C  CA  . TRP A 1 171 ? -2.987  12.573  -15.668 1.00 24.52  ? 171 TRP A CA  1 
ATOM   1230 C  C   . TRP A 1 171 ? -4.176  11.612  -15.633 1.00 29.51  ? 171 TRP A C   1 
ATOM   1231 O  O   . TRP A 1 171 ? -4.356  10.800  -16.558 1.00 28.41  ? 171 TRP A O   1 
ATOM   1232 C  CB  . TRP A 1 171 ? -3.156  13.757  -16.599 1.00 25.54  ? 171 TRP A CB  1 
ATOM   1233 C  CG  . TRP A 1 171 ? -2.016  14.720  -16.556 1.00 24.20  ? 171 TRP A CG  1 
ATOM   1234 C  CD1 . TRP A 1 171 ? -0.767  14.537  -17.062 1.00 26.09  ? 171 TRP A CD1 1 
ATOM   1235 C  CD2 . TRP A 1 171 ? -1.989  15.998  -15.902 1.00 24.60  ? 171 TRP A CD2 1 
ATOM   1236 N  NE1 . TRP A 1 171 ? 0.010   15.627  -16.815 1.00 24.87  ? 171 TRP A NE1 1 
ATOM   1237 C  CE2 . TRP A 1 171 ? -0.704  16.544  -16.129 1.00 27.34  ? 171 TRP A CE2 1 
ATOM   1238 C  CE3 . TRP A 1 171 ? -2.922  16.776  -15.214 1.00 26.84  ? 171 TRP A CE3 1 
ATOM   1239 C  CZ2 . TRP A 1 171 ? -0.331  17.791  -15.639 1.00 26.52  ? 171 TRP A CZ2 1 
ATOM   1240 C  CZ3 . TRP A 1 171 ? -2.543  17.992  -14.686 1.00 26.05  ? 171 TRP A CZ3 1 
ATOM   1241 C  CH2 . TRP A 1 171 ? -1.268  18.497  -14.923 1.00 26.17  ? 171 TRP A CH2 1 
ATOM   1242 N  N   . VAL A 1 172 ? -4.937  11.663  -14.553 1.00 28.87  ? 172 VAL A N   1 
ATOM   1243 C  CA  . VAL A 1 172 ? -5.926  10.617  -14.174 1.00 28.33  ? 172 VAL A CA  1 
ATOM   1244 C  C   . VAL A 1 172 ? -7.326  10.965  -14.722 1.00 26.54  ? 172 VAL A C   1 
ATOM   1245 O  O   . VAL A 1 172 ? -7.722  12.150  -14.740 1.00 28.72  ? 172 VAL A O   1 
ATOM   1246 C  CB  . VAL A 1 172 ? -5.929  10.510  -12.639 1.00 29.89  ? 172 VAL A CB  1 
ATOM   1247 C  CG1 . VAL A 1 172 ? -6.949  9.509   -12.142 1.00 31.88  ? 172 VAL A CG1 1 
ATOM   1248 C  CG2 . VAL A 1 172 ? -4.546  10.145  -12.113 1.00 28.76  ? 172 VAL A CG2 1 
ATOM   1249 N  N   . GLN A 1 173 ? -8.017  9.960   -15.262 1.00 33.04  ? 173 GLN A N   1 
ATOM   1250 C  CA  . GLN A 1 173 ? -9.415  10.161  -15.753 1.00 37.13  ? 173 GLN A CA  1 
ATOM   1251 C  C   . GLN A 1 173 ? -10.319 10.534  -14.568 1.00 33.63  ? 173 GLN A C   1 
ATOM   1252 O  O   . GLN A 1 173 ? -10.292 9.851   -13.576 1.00 32.08  ? 173 GLN A O   1 
ATOM   1253 C  CB  . GLN A 1 173 ? -9.881  8.921   -16.531 1.00 41.63  ? 173 GLN A CB  1 
ATOM   1254 C  CG  . GLN A 1 173 ? -11.363 8.938   -16.938 1.00 52.56  ? 173 GLN A CG  1 
ATOM   1255 C  CD  . GLN A 1 173 ? -11.786 9.978   -17.957 1.00 60.10  ? 173 GLN A CD  1 
ATOM   1256 O  OE1 . GLN A 1 173 ? -12.748 10.709  -17.745 1.00 56.56  ? 173 GLN A OE1 1 
ATOM   1257 N  NE2 . GLN A 1 173 ? -11.110 10.034  -19.098 1.00 66.36  ? 173 GLN A NE2 1 
ATOM   1258 N  N   . GLN A 1 174 ? -11.062 11.633  -14.683 1.00 31.39  ? 174 GLN A N   1 
ATOM   1259 C  CA  . GLN A 1 174 ? -11.956 12.131  -13.613 1.00 32.03  ? 174 GLN A CA  1 
ATOM   1260 C  C   . GLN A 1 174 ? -13.222 12.570  -14.316 1.00 35.92  ? 174 GLN A C   1 
ATOM   1261 O  O   . GLN A 1 174 ? -13.205 12.864  -15.516 1.00 38.34  ? 174 GLN A O   1 
ATOM   1262 C  CB  . GLN A 1 174 ? -11.314 13.287  -12.837 1.00 28.59  ? 174 GLN A CB  1 
ATOM   1263 C  CG  . GLN A 1 174 ? -10.064 12.864  -12.041 1.00 30.33  ? 174 GLN A CG  1 
ATOM   1264 C  CD  . GLN A 1 174 ? -10.369 12.039  -10.811 1.00 31.23  ? 174 GLN A CD  1 
ATOM   1265 O  OE1 . GLN A 1 174 ? -11.525 11.697  -10.500 1.00 31.01  ? 174 GLN A OE1 1 
ATOM   1266 N  NE2 . GLN A 1 174 ? -9.326  11.655  -10.093 1.00 28.24  ? 174 GLN A NE2 1 
ATOM   1267 N  N   . PRO A 1 175 ? -14.342 12.599  -13.595 1.00 39.01  ? 175 PRO A N   1 
ATOM   1268 C  CA  . PRO A 1 175 ? -15.606 13.038  -14.182 1.00 40.14  ? 175 PRO A CA  1 
ATOM   1269 C  C   . PRO A 1 175 ? -15.638 14.532  -14.542 1.00 47.31  ? 175 PRO A C   1 
ATOM   1270 O  O   . PRO A 1 175 ? -14.992 15.335  -13.889 1.00 44.46  ? 175 PRO A O   1 
ATOM   1271 C  CB  . PRO A 1 175 ? -16.630 12.683  -13.093 1.00 42.76  ? 175 PRO A CB  1 
ATOM   1272 C  CG  . PRO A 1 175 ? -15.834 12.598  -11.811 1.00 39.31  ? 175 PRO A CG  1 
ATOM   1273 C  CD  . PRO A 1 175 ? -14.480 12.079  -12.229 1.00 38.97  ? 175 PRO A CD  1 
ATOM   1274 N  N   . GLY A 1 176 ? -16.387 14.879  -15.594 1.00 48.50  ? 176 GLY A N   1 
ATOM   1275 C  CA  . GLY A 1 176 ? -16.506 16.268  -16.088 1.00 52.56  ? 176 GLY A CA  1 
ATOM   1276 C  C   . GLY A 1 176 ? -17.223 17.162  -15.095 1.00 58.52  ? 176 GLY A C   1 
ATOM   1277 O  O   . GLY A 1 176 ? -18.087 16.656  -14.376 1.00 63.16  ? 176 GLY A O   1 
HETATM 1278 NA NA  . NA  B 2 .   ? 15.481  12.730  -5.515  1.00 30.60  ? 201 NA  A NA  1 
HETATM 1279 O  O   . HOH C 3 .   ? 10.999  -13.959 17.484  1.00 53.49  ? 301 HOH A O   1 
HETATM 1280 O  O   . HOH C 3 .   ? 8.192   23.501  -2.208  1.00 29.54  ? 302 HOH A O   1 
HETATM 1281 O  O   . HOH C 3 .   ? 5.028   7.779   -14.345 1.00 32.98  ? 303 HOH A O   1 
HETATM 1282 O  O   . HOH C 3 .   ? 16.564  -13.412 -6.671  1.00 46.78  ? 304 HOH A O   1 
HETATM 1283 O  O   . HOH C 3 .   ? -10.533 23.224  1.320   1.00 39.53  ? 305 HOH A O   1 
HETATM 1284 O  O   . HOH C 3 .   ? 5.228   8.621   -1.424  1.00 31.58  ? 306 HOH A O   1 
HETATM 1285 O  O   . HOH C 3 .   ? 12.986  5.745   -6.287  1.00 41.60  ? 307 HOH A O   1 
HETATM 1286 O  O   . HOH C 3 .   ? 8.903   13.285  5.190   1.00 38.47  ? 308 HOH A O   1 
HETATM 1287 O  O   . HOH C 3 .   ? -2.844  -2.411  0.201   1.00 41.87  ? 309 HOH A O   1 
HETATM 1288 O  O   . HOH C 3 .   ? 10.019  -12.530 14.845  1.00 42.73  ? 310 HOH A O   1 
HETATM 1289 O  O   . HOH C 3 .   ? -8.628  19.179  -17.213 1.00 39.28  ? 311 HOH A O   1 
HETATM 1290 O  O   . HOH C 3 .   ? 7.843   -6.222  5.900   1.00 43.88  ? 312 HOH A O   1 
HETATM 1291 O  O   . HOH C 3 .   ? -16.701 -9.746  10.983  1.00 38.28  ? 313 HOH A O   1 
HETATM 1292 O  O   . HOH C 3 .   ? -4.124  26.903  -6.639  1.00 41.87  ? 314 HOH A O   1 
HETATM 1293 O  O   . HOH C 3 .   ? -6.718  14.584  -14.360 1.00 26.94  ? 315 HOH A O   1 
HETATM 1294 O  O   . HOH C 3 .   ? 4.315   -22.607 23.909  1.00 37.41  ? 316 HOH A O   1 
HETATM 1295 O  O   . HOH C 3 .   ? 2.136   -17.964 -5.883  1.00 41.99  ? 317 HOH A O   1 
HETATM 1296 O  O   . HOH C 3 .   ? 4.550   -10.752 15.145  1.00 33.48  ? 318 HOH A O   1 
HETATM 1297 O  O   . HOH C 3 .   ? -5.126  8.448   -17.616 1.00 34.42  ? 319 HOH A O   1 
HETATM 1298 O  O   . HOH C 3 .   ? 13.597  -15.466 -3.932  1.00 37.67  ? 320 HOH A O   1 
HETATM 1299 O  O   . HOH C 3 .   ? -5.904  -23.083 -2.457  1.00 29.13  ? 321 HOH A O   1 
HETATM 1300 O  O   . HOH C 3 .   ? -6.490  -12.387 3.430   1.00 36.12  ? 322 HOH A O   1 
HETATM 1301 O  O   . HOH C 3 .   ? -10.542 23.836  -8.564  1.00 37.80  ? 323 HOH A O   1 
HETATM 1302 O  O   . HOH C 3 .   ? 2.307   -27.162 -1.288  1.00 33.20  ? 324 HOH A O   1 
HETATM 1303 O  O   . HOH C 3 .   ? -11.355 -14.067 -2.252  1.00 43.68  ? 325 HOH A O   1 
HETATM 1304 O  O   . HOH C 3 .   ? -15.488 19.571  -4.805  1.00 33.35  ? 326 HOH A O   1 
HETATM 1305 O  O   . HOH C 3 .   ? 13.013  -16.615 1.001   1.00 32.36  ? 327 HOH A O   1 
HETATM 1306 O  O   . HOH C 3 .   ? -8.934  16.068  -14.051 1.00 27.71  ? 328 HOH A O   1 
HETATM 1307 O  O   . HOH C 3 .   ? 2.175   13.519  -19.118 1.00 33.17  ? 329 HOH A O   1 
HETATM 1308 O  O   . HOH C 3 .   ? -9.004  -9.341  11.580  1.00 30.54  ? 330 HOH A O   1 
HETATM 1309 O  O   . HOH C 3 .   ? 12.923  19.587  -13.219 1.00 37.98  ? 331 HOH A O   1 
HETATM 1310 O  O   . HOH C 3 .   ? 3.613   -29.576 -0.655  1.00 50.85  ? 332 HOH A O   1 
HETATM 1311 O  O   . HOH C 3 .   ? -9.447  -2.711  15.016  1.00 46.25  ? 333 HOH A O   1 
HETATM 1312 O  O   . HOH C 3 .   ? -13.360 10.366  -8.888  1.00 42.97  ? 334 HOH A O   1 
HETATM 1313 O  O   . HOH C 3 .   ? 11.442  -20.947 3.749   1.00 30.92  ? 335 HOH A O   1 
HETATM 1314 O  O   . HOH C 3 .   ? 11.475  13.089  -11.450 1.00 28.82  ? 336 HOH A O   1 
HETATM 1315 O  O   . HOH C 3 .   ? 0.978   -12.860 -4.253  1.00 35.04  ? 337 HOH A O   1 
HETATM 1316 O  O   . HOH C 3 .   ? -10.202 -2.890  -2.763  0.50 34.65  ? 338 HOH A O   1 
HETATM 1317 O  O   . HOH C 3 .   ? -10.862 26.722  -6.121  1.00 39.81  ? 339 HOH A O   1 
HETATM 1318 O  O   . HOH C 3 .   ? -11.061 -9.723  18.141  1.00 43.28  ? 340 HOH A O   1 
HETATM 1319 O  O   . HOH C 3 .   ? -6.777  -11.575 14.091  1.00 26.83  ? 341 HOH A O   1 
HETATM 1320 O  O   . HOH C 3 .   ? 12.251  -15.900 10.755  1.00 30.89  ? 342 HOH A O   1 
HETATM 1321 O  O   . HOH C 3 .   ? -7.022  7.290   -15.133 1.00 39.87  ? 343 HOH A O   1 
HETATM 1322 O  O   . HOH C 3 .   ? -14.173 20.207  -11.435 1.00 30.93  ? 344 HOH A O   1 
HETATM 1323 O  O   . HOH C 3 .   ? 9.809   25.832  -13.678 1.00 37.92  ? 345 HOH A O   1 
HETATM 1324 O  O   . HOH C 3 .   ? -6.022  12.185  -4.026  1.00 36.47  ? 346 HOH A O   1 
HETATM 1325 O  O   . HOH C 3 .   ? -2.850  -22.049 -4.759  1.00 27.48  ? 347 HOH A O   1 
HETATM 1326 O  O   . HOH C 3 .   ? -6.206  -13.765 -2.632  1.00 35.30  ? 348 HOH A O   1 
HETATM 1327 O  O   . HOH C 3 .   ? -8.134  -10.271 4.423   1.00 35.80  ? 349 HOH A O   1 
HETATM 1328 O  O   . HOH C 3 .   ? -2.581  30.951  -2.618  1.00 45.85  ? 350 HOH A O   1 
HETATM 1329 O  O   . HOH C 3 .   ? 7.415   -16.059 21.258  1.00 47.24  ? 351 HOH A O   1 
HETATM 1330 O  O   . HOH C 3 .   ? 12.408  -12.797 3.980   1.00 35.61  ? 352 HOH A O   1 
HETATM 1331 O  O   . HOH C 3 .   ? 2.864   16.007  -17.820 1.00 28.25  ? 353 HOH A O   1 
HETATM 1332 O  O   . HOH C 3 .   ? 8.423   -15.918 23.928  1.00 43.58  ? 354 HOH A O   1 
HETATM 1333 O  O   . HOH C 3 .   ? -17.823 12.775  -17.037 1.00 42.82  ? 355 HOH A O   1 
HETATM 1334 O  O   . HOH C 3 .   ? -7.957  18.777  -14.648 1.00 31.36  ? 356 HOH A O   1 
HETATM 1335 O  O   . HOH C 3 .   ? 10.691  -26.782 -1.887  1.00 49.99  ? 357 HOH A O   1 
HETATM 1336 O  O   . HOH C 3 .   ? 2.055   -7.910  -2.960  1.00 45.77  ? 358 HOH A O   1 
HETATM 1337 O  O   . HOH C 3 .   ? -6.574  -14.239 5.280   1.00 33.54  ? 359 HOH A O   1 
HETATM 1338 O  O   . HOH C 3 .   ? 6.051   -16.996 -6.636  1.00 36.46  ? 360 HOH A O   1 
HETATM 1339 O  O   . HOH C 3 .   ? 12.235  -8.469  -4.568  1.00 39.54  ? 361 HOH A O   1 
HETATM 1340 O  O   . HOH C 3 .   ? 2.780   26.632  -1.313  1.00 34.93  ? 362 HOH A O   1 
HETATM 1341 O  O   . HOH C 3 .   ? 12.899  -26.618 6.144   1.00 47.11  ? 363 HOH A O   1 
HETATM 1342 O  O   . HOH C 3 .   ? 10.058  -9.751  -6.888  1.00 44.86  ? 364 HOH A O   1 
HETATM 1343 O  O   . HOH C 3 .   ? 14.628  8.943   -13.512 1.00 36.56  ? 365 HOH A O   1 
HETATM 1344 O  O   . HOH C 3 .   ? -6.748  28.414  -17.537 1.00 38.93  ? 366 HOH A O   1 
HETATM 1345 O  O   . HOH C 3 .   ? -15.495 21.756  -3.719  1.00 33.53  ? 367 HOH A O   1 
HETATM 1346 O  O   . HOH C 3 .   ? -8.767  -20.606 -5.571  1.00 48.94  ? 368 HOH A O   1 
HETATM 1347 O  O   . HOH C 3 .   ? -9.021  25.125  -11.021 1.00 31.69  ? 369 HOH A O   1 
HETATM 1348 O  O   . HOH C 3 .   ? 2.539   -11.111 24.345  1.00 28.72  ? 370 HOH A O   1 
HETATM 1349 O  O   . HOH C 3 .   ? 16.068  -17.784 13.589  1.00 44.04  ? 371 HOH A O   1 
HETATM 1350 O  O   . HOH C 3 .   ? 13.063  -23.060 3.142   1.00 32.83  ? 372 HOH A O   1 
HETATM 1351 O  O   . HOH C 3 .   ? -8.198  -7.034  10.781  1.00 45.84  ? 373 HOH A O   1 
HETATM 1352 O  O   . HOH C 3 .   ? -13.323 22.044  -0.282  1.00 30.06  ? 374 HOH A O   1 
HETATM 1353 O  O   . HOH C 3 .   ? -14.202 19.095  -0.337  1.00 29.03  ? 375 HOH A O   1 
HETATM 1354 O  O   . HOH C 3 .   ? 13.023  -16.327 -6.260  1.00 35.29  ? 376 HOH A O   1 
HETATM 1355 O  O   . HOH C 3 .   ? -7.186  -22.398 -4.855  1.00 43.49  ? 377 HOH A O   1 
HETATM 1356 O  O   . HOH C 3 .   ? 12.131  -20.727 -0.742  1.00 35.17  ? 378 HOH A O   1 
HETATM 1357 O  O   . HOH C 3 .   ? 8.208   -18.912 -6.840  1.00 50.17  ? 379 HOH A O   1 
HETATM 1358 O  O   . HOH C 3 .   ? 15.032  -27.118 8.259   1.00 41.65  ? 380 HOH A O   1 
HETATM 1359 O  O   . HOH C 3 .   ? 12.453  -19.356 1.684   1.00 28.29  ? 381 HOH A O   1 
# 
loop_
_pdbx_poly_seq_scheme.asym_id 
_pdbx_poly_seq_scheme.entity_id 
_pdbx_poly_seq_scheme.seq_id 
_pdbx_poly_seq_scheme.mon_id 
_pdbx_poly_seq_scheme.ndb_seq_num 
_pdbx_poly_seq_scheme.pdb_seq_num 
_pdbx_poly_seq_scheme.auth_seq_num 
_pdbx_poly_seq_scheme.pdb_mon_id 
_pdbx_poly_seq_scheme.auth_mon_id 
_pdbx_poly_seq_scheme.pdb_strand_id 
_pdbx_poly_seq_scheme.pdb_ins_code 
_pdbx_poly_seq_scheme.hetero 
A 1 1   MET 1   1   ?   ?   ?   A . n 
A 1 2   GLY 2   2   ?   ?   ?   A . n 
A 1 3   GLY 3   3   ?   ?   ?   A . n 
A 1 4   SER 4   4   ?   ?   ?   A . n 
A 1 5   HIS 5   5   ?   ?   ?   A . n 
A 1 6   HIS 6   6   ?   ?   ?   A . n 
A 1 7   HIS 7   7   ?   ?   ?   A . n 
A 1 8   HIS 8   8   ?   ?   ?   A . n 
A 1 9   HIS 9   9   ?   ?   ?   A . n 
A 1 10  HIS 10  10  ?   ?   ?   A . n 
A 1 11  LEU 11  11  ?   ?   ?   A . n 
A 1 12  GLU 12  12  ?   ?   ?   A . n 
A 1 13  SER 13  13  ?   ?   ?   A . n 
A 1 14  THR 14  14  ?   ?   ?   A . n 
A 1 15  SER 15  15  ?   ?   ?   A . n 
A 1 16  LEU 16  16  ?   ?   ?   A . n 
A 1 17  TYR 17  17  ?   ?   ?   A . n 
A 1 18  LYS 18  18  ?   ?   ?   A . n 
A 1 19  LYS 19  19  19  LYS LYS A . n 
A 1 20  SER 20  20  20  SER SER A . n 
A 1 21  SER 21  21  21  SER SER A . n 
A 1 22  SER 22  22  22  SER SER A . n 
A 1 23  THR 23  23  23  THR THR A . n 
A 1 24  PRO 24  24  24  PRO PRO A . n 
A 1 25  PRO 25  25  25  PRO PRO A . n 
A 1 26  ARG 26  26  26  ARG ARG A . n 
A 1 27  GLY 27  27  27  GLY GLY A . n 
A 1 28  VAL 28  28  28  VAL VAL A . n 
A 1 29  THR 29  29  29  THR THR A . n 
A 1 30  VAL 30  30  30  VAL VAL A . n 
A 1 31  VAL 31  31  31  VAL VAL A . n 
A 1 32  ASN 32  32  32  ASN ASN A . n 
A 1 33  ASN 33  33  33  ASN ASN A . n 
A 1 34  PHE 34  34  34  PHE PHE A . n 
A 1 35  ASP 35  35  35  ASP ASP A . n 
A 1 36  ALA 36  36  36  ALA ALA A . n 
A 1 37  LYS 37  37  37  LYS LYS A . n 
A 1 38  ARG 38  38  38  ARG ARG A . n 
A 1 39  TYR 39  39  39  TYR TYR A . n 
A 1 40  LEU 40  40  40  LEU LEU A . n 
A 1 41  GLY 41  41  41  GLY GLY A . n 
A 1 42  THR 42  42  42  THR THR A . n 
A 1 43  TRP 43  43  43  TRP TRP A . n 
A 1 44  TYR 44  44  44  TYR TYR A . n 
A 1 45  GLU 45  45  45  GLU GLU A . n 
A 1 46  ILE 46  46  46  ILE ILE A . n 
A 1 47  ALA 47  47  47  ALA ALA A . n 
A 1 48  ARG 48  48  48  ARG ARG A . n 
A 1 49  PHE 49  49  49  PHE PHE A . n 
A 1 50  ASP 50  50  50  ASP ASP A . n 
A 1 51  HIS 51  51  51  HIS HIS A . n 
A 1 52  ARG 52  52  52  ARG ARG A . n 
A 1 53  PHE 53  53  53  PHE PHE A . n 
A 1 54  GLU 54  54  54  GLU GLU A . n 
A 1 55  ARG 55  55  55  ARG ARG A . n 
A 1 56  GLY 56  56  56  GLY GLY A . n 
A 1 57  LEU 57  57  57  LEU LEU A . n 
A 1 58  GLU 58  58  58  GLU GLU A . n 
A 1 59  LYS 59  59  59  LYS LYS A . n 
A 1 60  VAL 60  60  60  VAL VAL A . n 
A 1 61  THR 61  61  61  THR THR A . n 
A 1 62  ALA 62  62  62  ALA ALA A . n 
A 1 63  THR 63  63  63  THR THR A . n 
A 1 64  TYR 64  64  64  TYR TYR A . n 
A 1 65  SER 65  65  65  SER SER A . n 
A 1 66  LEU 66  66  66  LEU LEU A . n 
A 1 67  ARG 67  67  67  ARG ARG A . n 
A 1 68  ASP 68  68  68  ASP ASP A . n 
A 1 69  ASP 69  69  69  ASP ASP A . n 
A 1 70  GLY 70  70  70  GLY GLY A . n 
A 1 71  GLY 71  71  71  GLY GLY A . n 
A 1 72  LEU 72  72  72  LEU LEU A . n 
A 1 73  ASN 73  73  73  ASN ASN A . n 
A 1 74  PHE 74  74  74  PHE PHE A . n 
A 1 75  ILE 75  75  75  ILE ILE A . n 
A 1 76  ASN 76  76  76  ASN ASN A . n 
A 1 77  LYS 77  77  77  LYS LYS A . n 
A 1 78  GLY 78  78  78  GLY GLY A . n 
A 1 79  TYR 79  79  79  TYR TYR A . n 
A 1 80  ASN 80  80  80  ASN ASN A . n 
A 1 81  PRO 81  81  81  PRO PRO A . n 
A 1 82  ASP 82  82  82  ASP ASP A . n 
A 1 83  ARG 83  83  83  ARG ARG A . n 
A 1 84  GLY 84  84  84  GLY GLY A . n 
A 1 85  MET 85  85  85  MET MET A . n 
A 1 86  TRP 86  86  86  TRP TRP A . n 
A 1 87  GLN 87  87  87  GLN GLN A . n 
A 1 88  GLN 88  88  88  GLN GLN A . n 
A 1 89  SER 89  89  89  SER SER A . n 
A 1 90  GLU 90  90  90  GLU GLU A . n 
A 1 91  GLY 91  91  91  GLY GLY A . n 
A 1 92  LYS 92  92  92  LYS LYS A . n 
A 1 93  ALA 93  93  93  ALA ALA A . n 
A 1 94  TYR 94  94  94  TYR TYR A . n 
A 1 95  PHE 95  95  95  PHE PHE A . n 
A 1 96  THR 96  96  96  THR THR A . n 
A 1 97  GLY 97  97  97  GLY GLY A . n 
A 1 98  ALA 98  98  98  ALA ALA A . n 
A 1 99  PRO 99  99  99  PRO PRO A . n 
A 1 100 THR 100 100 100 THR THR A . n 
A 1 101 ARG 101 101 101 ARG ARG A . n 
A 1 102 ALA 102 102 102 ALA ALA A . n 
A 1 103 ALA 103 103 103 ALA ALA A . n 
A 1 104 LEU 104 104 104 LEU LEU A . n 
A 1 105 LYS 105 105 105 LYS LYS A . n 
A 1 106 VAL 106 106 106 VAL VAL A . n 
A 1 107 SER 107 107 107 SER SER A . n 
A 1 108 PHE 108 108 108 PHE PHE A . n 
A 1 109 PHE 109 109 109 PHE PHE A . n 
A 1 110 GLY 110 110 110 GLY GLY A . n 
A 1 111 PRO 111 111 111 PRO PRO A . n 
A 1 112 PHE 112 112 112 PHE PHE A . n 
A 1 113 TYR 113 113 113 TYR TYR A . n 
A 1 114 GLY 114 114 114 GLY GLY A . n 
A 1 115 GLY 115 115 115 GLY GLY A . n 
A 1 116 TYR 116 116 116 TYR TYR A . n 
A 1 117 ASN 117 117 117 ASN ASN A . n 
A 1 118 VAL 118 118 118 VAL VAL A . n 
A 1 119 ILE 119 119 119 ILE ILE A . n 
A 1 120 ALA 120 120 120 ALA ALA A . n 
A 1 121 LEU 121 121 121 LEU LEU A . n 
A 1 122 ASP 122 122 122 ASP ASP A . n 
A 1 123 ARG 123 123 123 ARG ARG A . n 
A 1 124 GLU 124 124 124 GLU GLU A . n 
A 1 125 TYR 125 125 125 TYR TYR A . n 
A 1 126 ARG 126 126 126 ARG ARG A . n 
A 1 127 HIS 127 127 127 HIS HIS A . n 
A 1 128 ALA 128 128 128 ALA ALA A . n 
A 1 129 LEU 129 129 129 LEU LEU A . n 
A 1 130 VAL 130 130 130 VAL VAL A . n 
A 1 131 CYS 131 131 131 CYS CYS A . n 
A 1 132 GLY 132 132 132 GLY GLY A . n 
A 1 133 PRO 133 133 133 PRO PRO A . n 
A 1 134 ASP 134 134 134 ASP ASP A . n 
A 1 135 ARG 135 135 135 ARG ARG A . n 
A 1 136 ASP 136 136 136 ASP ASP A . n 
A 1 137 TYR 137 137 137 TYR TYR A . n 
A 1 138 LEU 138 138 138 LEU LEU A . n 
A 1 139 TRP 139 139 139 TRP TRP A . n 
A 1 140 ILE 140 140 140 ILE ILE A . n 
A 1 141 GLN 141 141 141 GLN GLN A . n 
A 1 142 SER 142 142 142 SER SER A . n 
A 1 143 ARG 143 143 143 ARG ARG A . n 
A 1 144 THR 144 144 144 THR THR A . n 
A 1 145 PRO 145 145 145 PRO PRO A . n 
A 1 146 THR 146 146 146 THR THR A . n 
A 1 147 ILE 147 147 147 ILE ILE A . n 
A 1 148 SER 148 148 148 SER SER A . n 
A 1 149 ASP 149 149 149 ASP ASP A . n 
A 1 150 GLU 150 150 150 GLU GLU A . n 
A 1 151 VAL 151 151 151 VAL VAL A . n 
A 1 152 LYS 152 152 152 LYS LYS A . n 
A 1 153 GLN 153 153 153 GLN GLN A . n 
A 1 154 GLU 154 154 154 GLU GLU A . n 
A 1 155 MET 155 155 155 MET MET A . n 
A 1 156 LEU 156 156 156 LEU LEU A . n 
A 1 157 ALA 157 157 157 ALA ALA A . n 
A 1 158 VAL 158 158 158 VAL VAL A . n 
A 1 159 ALA 159 159 159 ALA ALA A . n 
A 1 160 THR 160 160 160 THR THR A . n 
A 1 161 ARG 161 161 161 ARG ARG A . n 
A 1 162 GLU 162 162 162 GLU GLU A . n 
A 1 163 GLY 163 163 163 GLY GLY A . n 
A 1 164 PHE 164 164 164 PHE PHE A . n 
A 1 165 ASP 165 165 165 ASP ASP A . n 
A 1 166 VAL 166 166 166 VAL VAL A . n 
A 1 167 SER 167 167 167 SER SER A . n 
A 1 168 LYS 168 168 168 LYS LYS A . n 
A 1 169 PHE 169 169 169 PHE PHE A . n 
A 1 170 ILE 170 170 170 ILE ILE A . n 
A 1 171 TRP 171 171 171 TRP TRP A . n 
A 1 172 VAL 172 172 172 VAL VAL A . n 
A 1 173 GLN 173 173 173 GLN GLN A . n 
A 1 174 GLN 174 174 174 GLN GLN A . n 
A 1 175 PRO 175 175 175 PRO PRO A . n 
A 1 176 GLY 176 176 176 GLY GLY A . n 
A 1 177 SER 177 177 ?   ?   ?   A . n 
# 
loop_
_pdbx_nonpoly_scheme.asym_id 
_pdbx_nonpoly_scheme.entity_id 
_pdbx_nonpoly_scheme.mon_id 
_pdbx_nonpoly_scheme.ndb_seq_num 
_pdbx_nonpoly_scheme.pdb_seq_num 
_pdbx_nonpoly_scheme.auth_seq_num 
_pdbx_nonpoly_scheme.pdb_mon_id 
_pdbx_nonpoly_scheme.auth_mon_id 
_pdbx_nonpoly_scheme.pdb_strand_id 
_pdbx_nonpoly_scheme.pdb_ins_code 
B 2 NA  1  201 1  NA  NA  A . 
C 3 HOH 1  301 53 HOH HOH A . 
C 3 HOH 2  302 16 HOH HOH A . 
C 3 HOH 3  303 20 HOH HOH A . 
C 3 HOH 4  304 70 HOH HOH A . 
C 3 HOH 5  305 65 HOH HOH A . 
C 3 HOH 6  306 3  HOH HOH A . 
C 3 HOH 7  307 54 HOH HOH A . 
C 3 HOH 8  308 45 HOH HOH A . 
C 3 HOH 9  309 37 HOH HOH A . 
C 3 HOH 10 310 68 HOH HOH A . 
C 3 HOH 11 311 67 HOH HOH A . 
C 3 HOH 12 312 80 HOH HOH A . 
C 3 HOH 13 313 9  HOH HOH A . 
C 3 HOH 14 314 74 HOH HOH A . 
C 3 HOH 15 315 6  HOH HOH A . 
C 3 HOH 16 316 59 HOH HOH A . 
C 3 HOH 17 317 69 HOH HOH A . 
C 3 HOH 18 318 23 HOH HOH A . 
C 3 HOH 19 319 52 HOH HOH A . 
C 3 HOH 20 320 64 HOH HOH A . 
C 3 HOH 21 321 17 HOH HOH A . 
C 3 HOH 22 322 48 HOH HOH A . 
C 3 HOH 23 323 66 HOH HOH A . 
C 3 HOH 24 324 42 HOH HOH A . 
C 3 HOH 25 325 76 HOH HOH A . 
C 3 HOH 26 326 15 HOH HOH A . 
C 3 HOH 27 327 36 HOH HOH A . 
C 3 HOH 28 328 8  HOH HOH A . 
C 3 HOH 29 329 43 HOH HOH A . 
C 3 HOH 30 330 28 HOH HOH A . 
C 3 HOH 31 331 18 HOH HOH A . 
C 3 HOH 32 332 34 HOH HOH A . 
C 3 HOH 33 333 56 HOH HOH A . 
C 3 HOH 34 334 77 HOH HOH A . 
C 3 HOH 35 335 13 HOH HOH A . 
C 3 HOH 36 336 7  HOH HOH A . 
C 3 HOH 37 337 21 HOH HOH A . 
C 3 HOH 38 338 75 HOH HOH A . 
C 3 HOH 39 339 27 HOH HOH A . 
C 3 HOH 40 340 58 HOH HOH A . 
C 3 HOH 41 341 1  HOH HOH A . 
C 3 HOH 42 342 12 HOH HOH A . 
C 3 HOH 43 343 14 HOH HOH A . 
C 3 HOH 44 344 32 HOH HOH A . 
C 3 HOH 45 345 55 HOH HOH A . 
C 3 HOH 46 346 35 HOH HOH A . 
C 3 HOH 47 347 5  HOH HOH A . 
C 3 HOH 48 348 30 HOH HOH A . 
C 3 HOH 49 349 49 HOH HOH A . 
C 3 HOH 50 350 50 HOH HOH A . 
C 3 HOH 51 351 60 HOH HOH A . 
C 3 HOH 52 352 25 HOH HOH A . 
C 3 HOH 53 353 22 HOH HOH A . 
C 3 HOH 54 354 72 HOH HOH A . 
C 3 HOH 55 355 33 HOH HOH A . 
C 3 HOH 56 356 4  HOH HOH A . 
C 3 HOH 57 357 78 HOH HOH A . 
C 3 HOH 58 358 62 HOH HOH A . 
C 3 HOH 59 359 44 HOH HOH A . 
C 3 HOH 60 360 11 HOH HOH A . 
C 3 HOH 61 361 39 HOH HOH A . 
C 3 HOH 62 362 38 HOH HOH A . 
C 3 HOH 63 363 51 HOH HOH A . 
C 3 HOH 64 364 24 HOH HOH A . 
C 3 HOH 65 365 26 HOH HOH A . 
C 3 HOH 66 366 19 HOH HOH A . 
C 3 HOH 67 367 46 HOH HOH A . 
C 3 HOH 68 368 71 HOH HOH A . 
C 3 HOH 69 369 2  HOH HOH A . 
C 3 HOH 70 370 10 HOH HOH A . 
C 3 HOH 71 371 57 HOH HOH A . 
C 3 HOH 72 372 61 HOH HOH A . 
C 3 HOH 73 373 31 HOH HOH A . 
C 3 HOH 74 374 29 HOH HOH A . 
C 3 HOH 75 375 40 HOH HOH A . 
C 3 HOH 76 376 79 HOH HOH A . 
C 3 HOH 77 377 81 HOH HOH A . 
C 3 HOH 78 378 47 HOH HOH A . 
C 3 HOH 79 379 63 HOH HOH A . 
C 3 HOH 80 380 73 HOH HOH A . 
C 3 HOH 81 381 41 HOH HOH A . 
# 
_pdbx_struct_assembly.id                   1 
_pdbx_struct_assembly.details              author_and_software_defined_assembly 
_pdbx_struct_assembly.method_details       PISA 
_pdbx_struct_assembly.oligomeric_details   dimeric 
_pdbx_struct_assembly.oligomeric_count     2 
# 
_pdbx_struct_assembly_gen.assembly_id       1 
_pdbx_struct_assembly_gen.oper_expression   1,2 
_pdbx_struct_assembly_gen.asym_id_list      A,B,C 
# 
loop_
_pdbx_struct_assembly_prop.biol_id 
_pdbx_struct_assembly_prop.type 
_pdbx_struct_assembly_prop.value 
_pdbx_struct_assembly_prop.details 
1 'ABSA (A^2)' 9020  ? 
1 MORE         -61   ? 
1 'SSA (A^2)'  15170 ? 
# 
loop_
_pdbx_struct_oper_list.id 
_pdbx_struct_oper_list.type 
_pdbx_struct_oper_list.name 
_pdbx_struct_oper_list.symmetry_operation 
_pdbx_struct_oper_list.matrix[1][1] 
_pdbx_struct_oper_list.matrix[1][2] 
_pdbx_struct_oper_list.matrix[1][3] 
_pdbx_struct_oper_list.vector[1] 
_pdbx_struct_oper_list.matrix[2][1] 
_pdbx_struct_oper_list.matrix[2][2] 
_pdbx_struct_oper_list.matrix[2][3] 
_pdbx_struct_oper_list.vector[2] 
_pdbx_struct_oper_list.matrix[3][1] 
_pdbx_struct_oper_list.matrix[3][2] 
_pdbx_struct_oper_list.matrix[3][3] 
_pdbx_struct_oper_list.vector[3] 
1 'identity operation'         1_555 x,y,z       1.0000000000 0.0000000000 0.0000000000 0.0000000000  0.0000000000 1.0000000000  0.0000000000 0.0000000000  0.0000000000 0.0000000000 1.0000000000  0.0000000000 
2 'crystal symmetry operation' 2_656 -x+1,y,-z+1 0.3349182310 0.2446964539 0.9099194602 -3.5638015023 0.2446964539 -0.9551460508 0.1667922874 -2.6924079075 0.9099194602 0.1667922874 -0.3797721802 5.9524018353 
# 
_pdbx_struct_special_symmetry.id              1 
_pdbx_struct_special_symmetry.PDB_model_num   1 
_pdbx_struct_special_symmetry.auth_asym_id    A 
_pdbx_struct_special_symmetry.auth_comp_id    HOH 
_pdbx_struct_special_symmetry.auth_seq_id     338 
_pdbx_struct_special_symmetry.PDB_ins_code    ? 
_pdbx_struct_special_symmetry.label_asym_id   C 
_pdbx_struct_special_symmetry.label_comp_id   HOH 
_pdbx_struct_special_symmetry.label_seq_id    . 
# 
_pdbx_struct_conn_angle.id                    1 
_pdbx_struct_conn_angle.ptnr1_label_atom_id   OD1 
_pdbx_struct_conn_angle.ptnr1_label_alt_id    ? 
_pdbx_struct_conn_angle.ptnr1_label_asym_id   A 
_pdbx_struct_conn_angle.ptnr1_label_comp_id   ASP 
_pdbx_struct_conn_angle.ptnr1_label_seq_id    149 
_pdbx_struct_conn_angle.ptnr1_auth_atom_id    ? 
_pdbx_struct_conn_angle.ptnr1_auth_asym_id    A 
_pdbx_struct_conn_angle.ptnr1_auth_comp_id    ASP 
_pdbx_struct_conn_angle.ptnr1_auth_seq_id     149 
_pdbx_struct_conn_angle.ptnr1_PDB_ins_code    ? 
_pdbx_struct_conn_angle.ptnr1_symmetry        1_555 
_pdbx_struct_conn_angle.ptnr2_label_atom_id   NA 
_pdbx_struct_conn_angle.ptnr2_label_alt_id    ? 
_pdbx_struct_conn_angle.ptnr2_label_asym_id   B 
_pdbx_struct_conn_angle.ptnr2_label_comp_id   NA 
_pdbx_struct_conn_angle.ptnr2_label_seq_id    . 
_pdbx_struct_conn_angle.ptnr2_auth_atom_id    ? 
_pdbx_struct_conn_angle.ptnr2_auth_asym_id    A 
_pdbx_struct_conn_angle.ptnr2_auth_comp_id    NA 
_pdbx_struct_conn_angle.ptnr2_auth_seq_id     201 
_pdbx_struct_conn_angle.ptnr2_PDB_ins_code    ? 
_pdbx_struct_conn_angle.ptnr2_symmetry        4_647 
_pdbx_struct_conn_angle.ptnr3_label_atom_id   O 
_pdbx_struct_conn_angle.ptnr3_label_alt_id    ? 
_pdbx_struct_conn_angle.ptnr3_label_asym_id   C 
_pdbx_struct_conn_angle.ptnr3_label_comp_id   HOH 
_pdbx_struct_conn_angle.ptnr3_label_seq_id    . 
_pdbx_struct_conn_angle.ptnr3_auth_atom_id    ? 
_pdbx_struct_conn_angle.ptnr3_auth_asym_id    A 
_pdbx_struct_conn_angle.ptnr3_auth_comp_id    HOH 
_pdbx_struct_conn_angle.ptnr3_auth_seq_id     370 
_pdbx_struct_conn_angle.ptnr3_PDB_ins_code    ? 
_pdbx_struct_conn_angle.ptnr3_symmetry        2_656 
_pdbx_struct_conn_angle.value                 109.4 
_pdbx_struct_conn_angle.value_esd             ? 
# 
loop_
_pdbx_audit_revision_history.ordinal 
_pdbx_audit_revision_history.data_content_type 
_pdbx_audit_revision_history.major_revision 
_pdbx_audit_revision_history.minor_revision 
_pdbx_audit_revision_history.revision_date 
1 'Structure model' 1 0 2020-07-08 
2 'Structure model' 1 1 2020-07-22 
3 'Structure model' 1 2 2023-10-11 
# 
_pdbx_audit_revision_details.ordinal             1 
_pdbx_audit_revision_details.revision_ordinal    1 
_pdbx_audit_revision_details.data_content_type   'Structure model' 
_pdbx_audit_revision_details.provider            repository 
_pdbx_audit_revision_details.type                'Initial release' 
_pdbx_audit_revision_details.description         ? 
_pdbx_audit_revision_details.details             ? 
# 
loop_
_pdbx_audit_revision_group.ordinal 
_pdbx_audit_revision_group.revision_ordinal 
_pdbx_audit_revision_group.data_content_type 
_pdbx_audit_revision_group.group 
1 2 'Structure model' 'Database references'    
2 3 'Structure model' 'Data collection'        
3 3 'Structure model' 'Database references'    
4 3 'Structure model' 'Refinement description' 
# 
loop_
_pdbx_audit_revision_category.ordinal 
_pdbx_audit_revision_category.revision_ordinal 
_pdbx_audit_revision_category.data_content_type 
_pdbx_audit_revision_category.category 
1 2 'Structure model' citation                      
2 3 'Structure model' chem_comp_atom                
3 3 'Structure model' chem_comp_bond                
4 3 'Structure model' database_2                    
5 3 'Structure model' pdbx_initial_refinement_model 
# 
loop_
_pdbx_audit_revision_item.ordinal 
_pdbx_audit_revision_item.revision_ordinal 
_pdbx_audit_revision_item.data_content_type 
_pdbx_audit_revision_item.item 
1 2 'Structure model' '_citation.journal_volume'            
2 2 'Structure model' '_citation.page_first'                
3 2 'Structure model' '_citation.page_last'                 
4 2 'Structure model' '_citation.pdbx_database_id_PubMed'   
5 2 'Structure model' '_citation.title'                     
6 3 'Structure model' '_database_2.pdbx_DOI'                
7 3 'Structure model' '_database_2.pdbx_database_accession' 
# 
_pdbx_phasing_MR.entry_id                     6UKK 
_pdbx_phasing_MR.method_rotation              ? 
_pdbx_phasing_MR.method_translation           ? 
_pdbx_phasing_MR.model_details                ? 
_pdbx_phasing_MR.R_factor                     ? 
_pdbx_phasing_MR.R_rigid_body                 0.524 
_pdbx_phasing_MR.correlation_coeff_Fo_to_Fc   ? 
_pdbx_phasing_MR.correlation_coeff_Io_to_Ic   ? 
_pdbx_phasing_MR.d_res_high_rotation          47.690 
_pdbx_phasing_MR.d_res_low_rotation           1.950 
_pdbx_phasing_MR.d_res_high_translation       ? 
_pdbx_phasing_MR.d_res_low_translation        ? 
_pdbx_phasing_MR.packing                      ? 
_pdbx_phasing_MR.reflns_percent_rotation      ? 
_pdbx_phasing_MR.reflns_percent_translation   ? 
_pdbx_phasing_MR.sigma_F_rotation             ? 
_pdbx_phasing_MR.sigma_F_translation          ? 
_pdbx_phasing_MR.sigma_I_rotation             ? 
_pdbx_phasing_MR.sigma_I_translation          ? 
# 
_phasing.method   MR 
# 
loop_
_software.citation_id 
_software.classification 
_software.compiler_name 
_software.compiler_version 
_software.contact_author 
_software.contact_author_email 
_software.date 
_software.description 
_software.dependencies 
_software.hardware 
_software.language 
_software.location 
_software.mods 
_software.name 
_software.os 
_software.os_version 
_software.type 
_software.version 
_software.pdbx_ordinal 
? refinement        ? ? ? ? ? ? ? ? ? ? ? REFMAC      ? ? ? 5.8.0238 1 
? phasing           ? ? ? ? ? ? ? ? ? ? ? MOLREP      ? ? ? 11.6.02  2 
? 'data scaling'    ? ? ? ? ? ? ? ? ? ? ? xia2        ? ? ? .        3 
? 'data extraction' ? ? ? ? ? ? ? ? ? ? ? PDB_EXTRACT ? ? ? 3.22     4 
? 'data reduction'  ? ? ? ? ? ? ? ? ? ? ? xia2        ? ? ? .        5 
# 
_pdbx_entry_details.entry_id                 6UKK 
_pdbx_entry_details.has_ligand_of_interest   N 
_pdbx_entry_details.compound_details         ? 
_pdbx_entry_details.source_details           ? 
_pdbx_entry_details.nonpolymer_details       ? 
_pdbx_entry_details.sequence_details         ? 
# 
loop_
_pdbx_unobs_or_zero_occ_residues.id 
_pdbx_unobs_or_zero_occ_residues.PDB_model_num 
_pdbx_unobs_or_zero_occ_residues.polymer_flag 
_pdbx_unobs_or_zero_occ_residues.occupancy_flag 
_pdbx_unobs_or_zero_occ_residues.auth_asym_id 
_pdbx_unobs_or_zero_occ_residues.auth_comp_id 
_pdbx_unobs_or_zero_occ_residues.auth_seq_id 
_pdbx_unobs_or_zero_occ_residues.PDB_ins_code 
_pdbx_unobs_or_zero_occ_residues.label_asym_id 
_pdbx_unobs_or_zero_occ_residues.label_comp_id 
_pdbx_unobs_or_zero_occ_residues.label_seq_id 
1  1 Y 1 A MET 1   ? A MET 1   
2  1 Y 1 A GLY 2   ? A GLY 2   
3  1 Y 1 A GLY 3   ? A GLY 3   
4  1 Y 1 A SER 4   ? A SER 4   
5  1 Y 1 A HIS 5   ? A HIS 5   
6  1 Y 1 A HIS 6   ? A HIS 6   
7  1 Y 1 A HIS 7   ? A HIS 7   
8  1 Y 1 A HIS 8   ? A HIS 8   
9  1 Y 1 A HIS 9   ? A HIS 9   
10 1 Y 1 A HIS 10  ? A HIS 10  
11 1 Y 1 A LEU 11  ? A LEU 11  
12 1 Y 1 A GLU 12  ? A GLU 12  
13 1 Y 1 A SER 13  ? A SER 13  
14 1 Y 1 A THR 14  ? A THR 14  
15 1 Y 1 A SER 15  ? A SER 15  
16 1 Y 1 A LEU 16  ? A LEU 16  
17 1 Y 1 A TYR 17  ? A TYR 17  
18 1 Y 1 A LYS 18  ? A LYS 18  
19 1 Y 1 A SER 177 ? A SER 177 
# 
loop_
_chem_comp_atom.comp_id 
_chem_comp_atom.atom_id 
_chem_comp_atom.type_symbol 
_chem_comp_atom.pdbx_aromatic_flag 
_chem_comp_atom.pdbx_stereo_config 
_chem_comp_atom.pdbx_ordinal 
ALA N    N  N N 1   
ALA CA   C  N S 2   
ALA C    C  N N 3   
ALA O    O  N N 4   
ALA CB   C  N N 5   
ALA OXT  O  N N 6   
ALA H    H  N N 7   
ALA H2   H  N N 8   
ALA HA   H  N N 9   
ALA HB1  H  N N 10  
ALA HB2  H  N N 11  
ALA HB3  H  N N 12  
ALA HXT  H  N N 13  
ARG N    N  N N 14  
ARG CA   C  N S 15  
ARG C    C  N N 16  
ARG O    O  N N 17  
ARG CB   C  N N 18  
ARG CG   C  N N 19  
ARG CD   C  N N 20  
ARG NE   N  N N 21  
ARG CZ   C  N N 22  
ARG NH1  N  N N 23  
ARG NH2  N  N N 24  
ARG OXT  O  N N 25  
ARG H    H  N N 26  
ARG H2   H  N N 27  
ARG HA   H  N N 28  
ARG HB2  H  N N 29  
ARG HB3  H  N N 30  
ARG HG2  H  N N 31  
ARG HG3  H  N N 32  
ARG HD2  H  N N 33  
ARG HD3  H  N N 34  
ARG HE   H  N N 35  
ARG HH11 H  N N 36  
ARG HH12 H  N N 37  
ARG HH21 H  N N 38  
ARG HH22 H  N N 39  
ARG HXT  H  N N 40  
ASN N    N  N N 41  
ASN CA   C  N S 42  
ASN C    C  N N 43  
ASN O    O  N N 44  
ASN CB   C  N N 45  
ASN CG   C  N N 46  
ASN OD1  O  N N 47  
ASN ND2  N  N N 48  
ASN OXT  O  N N 49  
ASN H    H  N N 50  
ASN H2   H  N N 51  
ASN HA   H  N N 52  
ASN HB2  H  N N 53  
ASN HB3  H  N N 54  
ASN HD21 H  N N 55  
ASN HD22 H  N N 56  
ASN HXT  H  N N 57  
ASP N    N  N N 58  
ASP CA   C  N S 59  
ASP C    C  N N 60  
ASP O    O  N N 61  
ASP CB   C  N N 62  
ASP CG   C  N N 63  
ASP OD1  O  N N 64  
ASP OD2  O  N N 65  
ASP OXT  O  N N 66  
ASP H    H  N N 67  
ASP H2   H  N N 68  
ASP HA   H  N N 69  
ASP HB2  H  N N 70  
ASP HB3  H  N N 71  
ASP HD2  H  N N 72  
ASP HXT  H  N N 73  
CYS N    N  N N 74  
CYS CA   C  N R 75  
CYS C    C  N N 76  
CYS O    O  N N 77  
CYS CB   C  N N 78  
CYS SG   S  N N 79  
CYS OXT  O  N N 80  
CYS H    H  N N 81  
CYS H2   H  N N 82  
CYS HA   H  N N 83  
CYS HB2  H  N N 84  
CYS HB3  H  N N 85  
CYS HG   H  N N 86  
CYS HXT  H  N N 87  
GLN N    N  N N 88  
GLN CA   C  N S 89  
GLN C    C  N N 90  
GLN O    O  N N 91  
GLN CB   C  N N 92  
GLN CG   C  N N 93  
GLN CD   C  N N 94  
GLN OE1  O  N N 95  
GLN NE2  N  N N 96  
GLN OXT  O  N N 97  
GLN H    H  N N 98  
GLN H2   H  N N 99  
GLN HA   H  N N 100 
GLN HB2  H  N N 101 
GLN HB3  H  N N 102 
GLN HG2  H  N N 103 
GLN HG3  H  N N 104 
GLN HE21 H  N N 105 
GLN HE22 H  N N 106 
GLN HXT  H  N N 107 
GLU N    N  N N 108 
GLU CA   C  N S 109 
GLU C    C  N N 110 
GLU O    O  N N 111 
GLU CB   C  N N 112 
GLU CG   C  N N 113 
GLU CD   C  N N 114 
GLU OE1  O  N N 115 
GLU OE2  O  N N 116 
GLU OXT  O  N N 117 
GLU H    H  N N 118 
GLU H2   H  N N 119 
GLU HA   H  N N 120 
GLU HB2  H  N N 121 
GLU HB3  H  N N 122 
GLU HG2  H  N N 123 
GLU HG3  H  N N 124 
GLU HE2  H  N N 125 
GLU HXT  H  N N 126 
GLY N    N  N N 127 
GLY CA   C  N N 128 
GLY C    C  N N 129 
GLY O    O  N N 130 
GLY OXT  O  N N 131 
GLY H    H  N N 132 
GLY H2   H  N N 133 
GLY HA2  H  N N 134 
GLY HA3  H  N N 135 
GLY HXT  H  N N 136 
HIS N    N  N N 137 
HIS CA   C  N S 138 
HIS C    C  N N 139 
HIS O    O  N N 140 
HIS CB   C  N N 141 
HIS CG   C  Y N 142 
HIS ND1  N  Y N 143 
HIS CD2  C  Y N 144 
HIS CE1  C  Y N 145 
HIS NE2  N  Y N 146 
HIS OXT  O  N N 147 
HIS H    H  N N 148 
HIS H2   H  N N 149 
HIS HA   H  N N 150 
HIS HB2  H  N N 151 
HIS HB3  H  N N 152 
HIS HD1  H  N N 153 
HIS HD2  H  N N 154 
HIS HE1  H  N N 155 
HIS HE2  H  N N 156 
HIS HXT  H  N N 157 
HOH O    O  N N 158 
HOH H1   H  N N 159 
HOH H2   H  N N 160 
ILE N    N  N N 161 
ILE CA   C  N S 162 
ILE C    C  N N 163 
ILE O    O  N N 164 
ILE CB   C  N S 165 
ILE CG1  C  N N 166 
ILE CG2  C  N N 167 
ILE CD1  C  N N 168 
ILE OXT  O  N N 169 
ILE H    H  N N 170 
ILE H2   H  N N 171 
ILE HA   H  N N 172 
ILE HB   H  N N 173 
ILE HG12 H  N N 174 
ILE HG13 H  N N 175 
ILE HG21 H  N N 176 
ILE HG22 H  N N 177 
ILE HG23 H  N N 178 
ILE HD11 H  N N 179 
ILE HD12 H  N N 180 
ILE HD13 H  N N 181 
ILE HXT  H  N N 182 
LEU N    N  N N 183 
LEU CA   C  N S 184 
LEU C    C  N N 185 
LEU O    O  N N 186 
LEU CB   C  N N 187 
LEU CG   C  N N 188 
LEU CD1  C  N N 189 
LEU CD2  C  N N 190 
LEU OXT  O  N N 191 
LEU H    H  N N 192 
LEU H2   H  N N 193 
LEU HA   H  N N 194 
LEU HB2  H  N N 195 
LEU HB3  H  N N 196 
LEU HG   H  N N 197 
LEU HD11 H  N N 198 
LEU HD12 H  N N 199 
LEU HD13 H  N N 200 
LEU HD21 H  N N 201 
LEU HD22 H  N N 202 
LEU HD23 H  N N 203 
LEU HXT  H  N N 204 
LYS N    N  N N 205 
LYS CA   C  N S 206 
LYS C    C  N N 207 
LYS O    O  N N 208 
LYS CB   C  N N 209 
LYS CG   C  N N 210 
LYS CD   C  N N 211 
LYS CE   C  N N 212 
LYS NZ   N  N N 213 
LYS OXT  O  N N 214 
LYS H    H  N N 215 
LYS H2   H  N N 216 
LYS HA   H  N N 217 
LYS HB2  H  N N 218 
LYS HB3  H  N N 219 
LYS HG2  H  N N 220 
LYS HG3  H  N N 221 
LYS HD2  H  N N 222 
LYS HD3  H  N N 223 
LYS HE2  H  N N 224 
LYS HE3  H  N N 225 
LYS HZ1  H  N N 226 
LYS HZ2  H  N N 227 
LYS HZ3  H  N N 228 
LYS HXT  H  N N 229 
MET N    N  N N 230 
MET CA   C  N S 231 
MET C    C  N N 232 
MET O    O  N N 233 
MET CB   C  N N 234 
MET CG   C  N N 235 
MET SD   S  N N 236 
MET CE   C  N N 237 
MET OXT  O  N N 238 
MET H    H  N N 239 
MET H2   H  N N 240 
MET HA   H  N N 241 
MET HB2  H  N N 242 
MET HB3  H  N N 243 
MET HG2  H  N N 244 
MET HG3  H  N N 245 
MET HE1  H  N N 246 
MET HE2  H  N N 247 
MET HE3  H  N N 248 
MET HXT  H  N N 249 
NA  NA   NA N N 250 
PHE N    N  N N 251 
PHE CA   C  N S 252 
PHE C    C  N N 253 
PHE O    O  N N 254 
PHE CB   C  N N 255 
PHE CG   C  Y N 256 
PHE CD1  C  Y N 257 
PHE CD2  C  Y N 258 
PHE CE1  C  Y N 259 
PHE CE2  C  Y N 260 
PHE CZ   C  Y N 261 
PHE OXT  O  N N 262 
PHE H    H  N N 263 
PHE H2   H  N N 264 
PHE HA   H  N N 265 
PHE HB2  H  N N 266 
PHE HB3  H  N N 267 
PHE HD1  H  N N 268 
PHE HD2  H  N N 269 
PHE HE1  H  N N 270 
PHE HE2  H  N N 271 
PHE HZ   H  N N 272 
PHE HXT  H  N N 273 
PRO N    N  N N 274 
PRO CA   C  N S 275 
PRO C    C  N N 276 
PRO O    O  N N 277 
PRO CB   C  N N 278 
PRO CG   C  N N 279 
PRO CD   C  N N 280 
PRO OXT  O  N N 281 
PRO H    H  N N 282 
PRO HA   H  N N 283 
PRO HB2  H  N N 284 
PRO HB3  H  N N 285 
PRO HG2  H  N N 286 
PRO HG3  H  N N 287 
PRO HD2  H  N N 288 
PRO HD3  H  N N 289 
PRO HXT  H  N N 290 
SER N    N  N N 291 
SER CA   C  N S 292 
SER C    C  N N 293 
SER O    O  N N 294 
SER CB   C  N N 295 
SER OG   O  N N 296 
SER OXT  O  N N 297 
SER H    H  N N 298 
SER H2   H  N N 299 
SER HA   H  N N 300 
SER HB2  H  N N 301 
SER HB3  H  N N 302 
SER HG   H  N N 303 
SER HXT  H  N N 304 
THR N    N  N N 305 
THR CA   C  N S 306 
THR C    C  N N 307 
THR O    O  N N 308 
THR CB   C  N R 309 
THR OG1  O  N N 310 
THR CG2  C  N N 311 
THR OXT  O  N N 312 
THR H    H  N N 313 
THR H2   H  N N 314 
THR HA   H  N N 315 
THR HB   H  N N 316 
THR HG1  H  N N 317 
THR HG21 H  N N 318 
THR HG22 H  N N 319 
THR HG23 H  N N 320 
THR HXT  H  N N 321 
TRP N    N  N N 322 
TRP CA   C  N S 323 
TRP C    C  N N 324 
TRP O    O  N N 325 
TRP CB   C  N N 326 
TRP CG   C  Y N 327 
TRP CD1  C  Y N 328 
TRP CD2  C  Y N 329 
TRP NE1  N  Y N 330 
TRP CE2  C  Y N 331 
TRP CE3  C  Y N 332 
TRP CZ2  C  Y N 333 
TRP CZ3  C  Y N 334 
TRP CH2  C  Y N 335 
TRP OXT  O  N N 336 
TRP H    H  N N 337 
TRP H2   H  N N 338 
TRP HA   H  N N 339 
TRP HB2  H  N N 340 
TRP HB3  H  N N 341 
TRP HD1  H  N N 342 
TRP HE1  H  N N 343 
TRP HE3  H  N N 344 
TRP HZ2  H  N N 345 
TRP HZ3  H  N N 346 
TRP HH2  H  N N 347 
TRP HXT  H  N N 348 
TYR N    N  N N 349 
TYR CA   C  N S 350 
TYR C    C  N N 351 
TYR O    O  N N 352 
TYR CB   C  N N 353 
TYR CG   C  Y N 354 
TYR CD1  C  Y N 355 
TYR CD2  C  Y N 356 
TYR CE1  C  Y N 357 
TYR CE2  C  Y N 358 
TYR CZ   C  Y N 359 
TYR OH   O  N N 360 
TYR OXT  O  N N 361 
TYR H    H  N N 362 
TYR H2   H  N N 363 
TYR HA   H  N N 364 
TYR HB2  H  N N 365 
TYR HB3  H  N N 366 
TYR HD1  H  N N 367 
TYR HD2  H  N N 368 
TYR HE1  H  N N 369 
TYR HE2  H  N N 370 
TYR HH   H  N N 371 
TYR HXT  H  N N 372 
VAL N    N  N N 373 
VAL CA   C  N S 374 
VAL C    C  N N 375 
VAL O    O  N N 376 
VAL CB   C  N N 377 
VAL CG1  C  N N 378 
VAL CG2  C  N N 379 
VAL OXT  O  N N 380 
VAL H    H  N N 381 
VAL H2   H  N N 382 
VAL HA   H  N N 383 
VAL HB   H  N N 384 
VAL HG11 H  N N 385 
VAL HG12 H  N N 386 
VAL HG13 H  N N 387 
VAL HG21 H  N N 388 
VAL HG22 H  N N 389 
VAL HG23 H  N N 390 
VAL HXT  H  N N 391 
# 
loop_
_chem_comp_bond.comp_id 
_chem_comp_bond.atom_id_1 
_chem_comp_bond.atom_id_2 
_chem_comp_bond.value_order 
_chem_comp_bond.pdbx_aromatic_flag 
_chem_comp_bond.pdbx_stereo_config 
_chem_comp_bond.pdbx_ordinal 
ALA N   CA   sing N N 1   
ALA N   H    sing N N 2   
ALA N   H2   sing N N 3   
ALA CA  C    sing N N 4   
ALA CA  CB   sing N N 5   
ALA CA  HA   sing N N 6   
ALA C   O    doub N N 7   
ALA C   OXT  sing N N 8   
ALA CB  HB1  sing N N 9   
ALA CB  HB2  sing N N 10  
ALA CB  HB3  sing N N 11  
ALA OXT HXT  sing N N 12  
ARG N   CA   sing N N 13  
ARG N   H    sing N N 14  
ARG N   H2   sing N N 15  
ARG CA  C    sing N N 16  
ARG CA  CB   sing N N 17  
ARG CA  HA   sing N N 18  
ARG C   O    doub N N 19  
ARG C   OXT  sing N N 20  
ARG CB  CG   sing N N 21  
ARG CB  HB2  sing N N 22  
ARG CB  HB3  sing N N 23  
ARG CG  CD   sing N N 24  
ARG CG  HG2  sing N N 25  
ARG CG  HG3  sing N N 26  
ARG CD  NE   sing N N 27  
ARG CD  HD2  sing N N 28  
ARG CD  HD3  sing N N 29  
ARG NE  CZ   sing N N 30  
ARG NE  HE   sing N N 31  
ARG CZ  NH1  sing N N 32  
ARG CZ  NH2  doub N N 33  
ARG NH1 HH11 sing N N 34  
ARG NH1 HH12 sing N N 35  
ARG NH2 HH21 sing N N 36  
ARG NH2 HH22 sing N N 37  
ARG OXT HXT  sing N N 38  
ASN N   CA   sing N N 39  
ASN N   H    sing N N 40  
ASN N   H2   sing N N 41  
ASN CA  C    sing N N 42  
ASN CA  CB   sing N N 43  
ASN CA  HA   sing N N 44  
ASN C   O    doub N N 45  
ASN C   OXT  sing N N 46  
ASN CB  CG   sing N N 47  
ASN CB  HB2  sing N N 48  
ASN CB  HB3  sing N N 49  
ASN CG  OD1  doub N N 50  
ASN CG  ND2  sing N N 51  
ASN ND2 HD21 sing N N 52  
ASN ND2 HD22 sing N N 53  
ASN OXT HXT  sing N N 54  
ASP N   CA   sing N N 55  
ASP N   H    sing N N 56  
ASP N   H2   sing N N 57  
ASP CA  C    sing N N 58  
ASP CA  CB   sing N N 59  
ASP CA  HA   sing N N 60  
ASP C   O    doub N N 61  
ASP C   OXT  sing N N 62  
ASP CB  CG   sing N N 63  
ASP CB  HB2  sing N N 64  
ASP CB  HB3  sing N N 65  
ASP CG  OD1  doub N N 66  
ASP CG  OD2  sing N N 67  
ASP OD2 HD2  sing N N 68  
ASP OXT HXT  sing N N 69  
CYS N   CA   sing N N 70  
CYS N   H    sing N N 71  
CYS N   H2   sing N N 72  
CYS CA  C    sing N N 73  
CYS CA  CB   sing N N 74  
CYS CA  HA   sing N N 75  
CYS C   O    doub N N 76  
CYS C   OXT  sing N N 77  
CYS CB  SG   sing N N 78  
CYS CB  HB2  sing N N 79  
CYS CB  HB3  sing N N 80  
CYS SG  HG   sing N N 81  
CYS OXT HXT  sing N N 82  
GLN N   CA   sing N N 83  
GLN N   H    sing N N 84  
GLN N   H2   sing N N 85  
GLN CA  C    sing N N 86  
GLN CA  CB   sing N N 87  
GLN CA  HA   sing N N 88  
GLN C   O    doub N N 89  
GLN C   OXT  sing N N 90  
GLN CB  CG   sing N N 91  
GLN CB  HB2  sing N N 92  
GLN CB  HB3  sing N N 93  
GLN CG  CD   sing N N 94  
GLN CG  HG2  sing N N 95  
GLN CG  HG3  sing N N 96  
GLN CD  OE1  doub N N 97  
GLN CD  NE2  sing N N 98  
GLN NE2 HE21 sing N N 99  
GLN NE2 HE22 sing N N 100 
GLN OXT HXT  sing N N 101 
GLU N   CA   sing N N 102 
GLU N   H    sing N N 103 
GLU N   H2   sing N N 104 
GLU CA  C    sing N N 105 
GLU CA  CB   sing N N 106 
GLU CA  HA   sing N N 107 
GLU C   O    doub N N 108 
GLU C   OXT  sing N N 109 
GLU CB  CG   sing N N 110 
GLU CB  HB2  sing N N 111 
GLU CB  HB3  sing N N 112 
GLU CG  CD   sing N N 113 
GLU CG  HG2  sing N N 114 
GLU CG  HG3  sing N N 115 
GLU CD  OE1  doub N N 116 
GLU CD  OE2  sing N N 117 
GLU OE2 HE2  sing N N 118 
GLU OXT HXT  sing N N 119 
GLY N   CA   sing N N 120 
GLY N   H    sing N N 121 
GLY N   H2   sing N N 122 
GLY CA  C    sing N N 123 
GLY CA  HA2  sing N N 124 
GLY CA  HA3  sing N N 125 
GLY C   O    doub N N 126 
GLY C   OXT  sing N N 127 
GLY OXT HXT  sing N N 128 
HIS N   CA   sing N N 129 
HIS N   H    sing N N 130 
HIS N   H2   sing N N 131 
HIS CA  C    sing N N 132 
HIS CA  CB   sing N N 133 
HIS CA  HA   sing N N 134 
HIS C   O    doub N N 135 
HIS C   OXT  sing N N 136 
HIS CB  CG   sing N N 137 
HIS CB  HB2  sing N N 138 
HIS CB  HB3  sing N N 139 
HIS CG  ND1  sing Y N 140 
HIS CG  CD2  doub Y N 141 
HIS ND1 CE1  doub Y N 142 
HIS ND1 HD1  sing N N 143 
HIS CD2 NE2  sing Y N 144 
HIS CD2 HD2  sing N N 145 
HIS CE1 NE2  sing Y N 146 
HIS CE1 HE1  sing N N 147 
HIS NE2 HE2  sing N N 148 
HIS OXT HXT  sing N N 149 
HOH O   H1   sing N N 150 
HOH O   H2   sing N N 151 
ILE N   CA   sing N N 152 
ILE N   H    sing N N 153 
ILE N   H2   sing N N 154 
ILE CA  C    sing N N 155 
ILE CA  CB   sing N N 156 
ILE CA  HA   sing N N 157 
ILE C   O    doub N N 158 
ILE C   OXT  sing N N 159 
ILE CB  CG1  sing N N 160 
ILE CB  CG2  sing N N 161 
ILE CB  HB   sing N N 162 
ILE CG1 CD1  sing N N 163 
ILE CG1 HG12 sing N N 164 
ILE CG1 HG13 sing N N 165 
ILE CG2 HG21 sing N N 166 
ILE CG2 HG22 sing N N 167 
ILE CG2 HG23 sing N N 168 
ILE CD1 HD11 sing N N 169 
ILE CD1 HD12 sing N N 170 
ILE CD1 HD13 sing N N 171 
ILE OXT HXT  sing N N 172 
LEU N   CA   sing N N 173 
LEU N   H    sing N N 174 
LEU N   H2   sing N N 175 
LEU CA  C    sing N N 176 
LEU CA  CB   sing N N 177 
LEU CA  HA   sing N N 178 
LEU C   O    doub N N 179 
LEU C   OXT  sing N N 180 
LEU CB  CG   sing N N 181 
LEU CB  HB2  sing N N 182 
LEU CB  HB3  sing N N 183 
LEU CG  CD1  sing N N 184 
LEU CG  CD2  sing N N 185 
LEU CG  HG   sing N N 186 
LEU CD1 HD11 sing N N 187 
LEU CD1 HD12 sing N N 188 
LEU CD1 HD13 sing N N 189 
LEU CD2 HD21 sing N N 190 
LEU CD2 HD22 sing N N 191 
LEU CD2 HD23 sing N N 192 
LEU OXT HXT  sing N N 193 
LYS N   CA   sing N N 194 
LYS N   H    sing N N 195 
LYS N   H2   sing N N 196 
LYS CA  C    sing N N 197 
LYS CA  CB   sing N N 198 
LYS CA  HA   sing N N 199 
LYS C   O    doub N N 200 
LYS C   OXT  sing N N 201 
LYS CB  CG   sing N N 202 
LYS CB  HB2  sing N N 203 
LYS CB  HB3  sing N N 204 
LYS CG  CD   sing N N 205 
LYS CG  HG2  sing N N 206 
LYS CG  HG3  sing N N 207 
LYS CD  CE   sing N N 208 
LYS CD  HD2  sing N N 209 
LYS CD  HD3  sing N N 210 
LYS CE  NZ   sing N N 211 
LYS CE  HE2  sing N N 212 
LYS CE  HE3  sing N N 213 
LYS NZ  HZ1  sing N N 214 
LYS NZ  HZ2  sing N N 215 
LYS NZ  HZ3  sing N N 216 
LYS OXT HXT  sing N N 217 
MET N   CA   sing N N 218 
MET N   H    sing N N 219 
MET N   H2   sing N N 220 
MET CA  C    sing N N 221 
MET CA  CB   sing N N 222 
MET CA  HA   sing N N 223 
MET C   O    doub N N 224 
MET C   OXT  sing N N 225 
MET CB  CG   sing N N 226 
MET CB  HB2  sing N N 227 
MET CB  HB3  sing N N 228 
MET CG  SD   sing N N 229 
MET CG  HG2  sing N N 230 
MET CG  HG3  sing N N 231 
MET SD  CE   sing N N 232 
MET CE  HE1  sing N N 233 
MET CE  HE2  sing N N 234 
MET CE  HE3  sing N N 235 
MET OXT HXT  sing N N 236 
PHE N   CA   sing N N 237 
PHE N   H    sing N N 238 
PHE N   H2   sing N N 239 
PHE CA  C    sing N N 240 
PHE CA  CB   sing N N 241 
PHE CA  HA   sing N N 242 
PHE C   O    doub N N 243 
PHE C   OXT  sing N N 244 
PHE CB  CG   sing N N 245 
PHE CB  HB2  sing N N 246 
PHE CB  HB3  sing N N 247 
PHE CG  CD1  doub Y N 248 
PHE CG  CD2  sing Y N 249 
PHE CD1 CE1  sing Y N 250 
PHE CD1 HD1  sing N N 251 
PHE CD2 CE2  doub Y N 252 
PHE CD2 HD2  sing N N 253 
PHE CE1 CZ   doub Y N 254 
PHE CE1 HE1  sing N N 255 
PHE CE2 CZ   sing Y N 256 
PHE CE2 HE2  sing N N 257 
PHE CZ  HZ   sing N N 258 
PHE OXT HXT  sing N N 259 
PRO N   CA   sing N N 260 
PRO N   CD   sing N N 261 
PRO N   H    sing N N 262 
PRO CA  C    sing N N 263 
PRO CA  CB   sing N N 264 
PRO CA  HA   sing N N 265 
PRO C   O    doub N N 266 
PRO C   OXT  sing N N 267 
PRO CB  CG   sing N N 268 
PRO CB  HB2  sing N N 269 
PRO CB  HB3  sing N N 270 
PRO CG  CD   sing N N 271 
PRO CG  HG2  sing N N 272 
PRO CG  HG3  sing N N 273 
PRO CD  HD2  sing N N 274 
PRO CD  HD3  sing N N 275 
PRO OXT HXT  sing N N 276 
SER N   CA   sing N N 277 
SER N   H    sing N N 278 
SER N   H2   sing N N 279 
SER CA  C    sing N N 280 
SER CA  CB   sing N N 281 
SER CA  HA   sing N N 282 
SER C   O    doub N N 283 
SER C   OXT  sing N N 284 
SER CB  OG   sing N N 285 
SER CB  HB2  sing N N 286 
SER CB  HB3  sing N N 287 
SER OG  HG   sing N N 288 
SER OXT HXT  sing N N 289 
THR N   CA   sing N N 290 
THR N   H    sing N N 291 
THR N   H2   sing N N 292 
THR CA  C    sing N N 293 
THR CA  CB   sing N N 294 
THR CA  HA   sing N N 295 
THR C   O    doub N N 296 
THR C   OXT  sing N N 297 
THR CB  OG1  sing N N 298 
THR CB  CG2  sing N N 299 
THR CB  HB   sing N N 300 
THR OG1 HG1  sing N N 301 
THR CG2 HG21 sing N N 302 
THR CG2 HG22 sing N N 303 
THR CG2 HG23 sing N N 304 
THR OXT HXT  sing N N 305 
TRP N   CA   sing N N 306 
TRP N   H    sing N N 307 
TRP N   H2   sing N N 308 
TRP CA  C    sing N N 309 
TRP CA  CB   sing N N 310 
TRP CA  HA   sing N N 311 
TRP C   O    doub N N 312 
TRP C   OXT  sing N N 313 
TRP CB  CG   sing N N 314 
TRP CB  HB2  sing N N 315 
TRP CB  HB3  sing N N 316 
TRP CG  CD1  doub Y N 317 
TRP CG  CD2  sing Y N 318 
TRP CD1 NE1  sing Y N 319 
TRP CD1 HD1  sing N N 320 
TRP CD2 CE2  doub Y N 321 
TRP CD2 CE3  sing Y N 322 
TRP NE1 CE2  sing Y N 323 
TRP NE1 HE1  sing N N 324 
TRP CE2 CZ2  sing Y N 325 
TRP CE3 CZ3  doub Y N 326 
TRP CE3 HE3  sing N N 327 
TRP CZ2 CH2  doub Y N 328 
TRP CZ2 HZ2  sing N N 329 
TRP CZ3 CH2  sing Y N 330 
TRP CZ3 HZ3  sing N N 331 
TRP CH2 HH2  sing N N 332 
TRP OXT HXT  sing N N 333 
TYR N   CA   sing N N 334 
TYR N   H    sing N N 335 
TYR N   H2   sing N N 336 
TYR CA  C    sing N N 337 
TYR CA  CB   sing N N 338 
TYR CA  HA   sing N N 339 
TYR C   O    doub N N 340 
TYR C   OXT  sing N N 341 
TYR CB  CG   sing N N 342 
TYR CB  HB2  sing N N 343 
TYR CB  HB3  sing N N 344 
TYR CG  CD1  doub Y N 345 
TYR CG  CD2  sing Y N 346 
TYR CD1 CE1  sing Y N 347 
TYR CD1 HD1  sing N N 348 
TYR CD2 CE2  doub Y N 349 
TYR CD2 HD2  sing N N 350 
TYR CE1 CZ   doub Y N 351 
TYR CE1 HE1  sing N N 352 
TYR CE2 CZ   sing Y N 353 
TYR CE2 HE2  sing N N 354 
TYR CZ  OH   sing N N 355 
TYR OH  HH   sing N N 356 
TYR OXT HXT  sing N N 357 
VAL N   CA   sing N N 358 
VAL N   H    sing N N 359 
VAL N   H2   sing N N 360 
VAL CA  C    sing N N 361 
VAL CA  CB   sing N N 362 
VAL CA  HA   sing N N 363 
VAL C   O    doub N N 364 
VAL C   OXT  sing N N 365 
VAL CB  CG1  sing N N 366 
VAL CB  CG2  sing N N 367 
VAL CB  HB   sing N N 368 
VAL CG1 HG11 sing N N 369 
VAL CG1 HG12 sing N N 370 
VAL CG1 HG13 sing N N 371 
VAL CG2 HG21 sing N N 372 
VAL CG2 HG22 sing N N 373 
VAL CG2 HG23 sing N N 374 
VAL OXT HXT  sing N N 375 
# 
_pdbx_audit_support.funding_organization   
'National Institutes of Health/National Institute of General Medical Sciences (NIH/NIGMS)' 
_pdbx_audit_support.country                'United States' 
_pdbx_audit_support.grant_number           'R01 GM099842' 
_pdbx_audit_support.ordinal                1 
# 
loop_
_pdbx_entity_nonpoly.entity_id 
_pdbx_entity_nonpoly.name 
_pdbx_entity_nonpoly.comp_id 
2 'SODIUM ION' NA  
3 water        HOH 
# 
_pdbx_initial_refinement_model.id               1 
_pdbx_initial_refinement_model.entity_id_list   ? 
_pdbx_initial_refinement_model.type             'experimental model' 
_pdbx_initial_refinement_model.source_name      PDB 
_pdbx_initial_refinement_model.accession_code   1QWD 
_pdbx_initial_refinement_model.details          'PDB entry 1QWD' 
# 
_pdbx_struct_assembly_auth_evidence.id                     1 
_pdbx_struct_assembly_auth_evidence.assembly_id            1 
_pdbx_struct_assembly_auth_evidence.experimental_support   none 
_pdbx_struct_assembly_auth_evidence.details                ? 
# 
